data_2CPT
#
_entry.id   2CPT
#
_entity_poly.entity_id   1
_entity_poly.type   'polypeptide(L)'
_entity_poly.pdbx_seq_one_letter_code
;GSSGSSGMSSTSPNLQKAIDLASKAAQEDKAGNYEEALQLYQHAVQYFLHVVKYEAQGDKAKQSIRAKCTEYLDRAEKLK
EYLKNKEKKAQKPVKEGQPSPADEKGNDSDGSGPSSG
;
_entity_poly.pdbx_strand_id   A
#
# COMPACT_ATOMS: atom_id res chain seq x y z
N GLY A 1 -41.60 22.95 0.82
CA GLY A 1 -41.15 21.59 1.04
C GLY A 1 -39.65 21.51 1.29
N SER A 2 -39.25 21.53 2.56
CA SER A 2 -37.84 21.46 2.92
C SER A 2 -37.25 20.11 2.55
N SER A 3 -36.44 20.10 1.49
CA SER A 3 -35.80 18.86 1.03
C SER A 3 -35.17 18.11 2.20
N GLY A 4 -35.54 16.83 2.33
CA GLY A 4 -34.99 16.02 3.40
C GLY A 4 -33.64 15.43 3.07
N SER A 5 -32.66 16.30 2.83
CA SER A 5 -31.32 15.88 2.48
C SER A 5 -30.85 14.76 3.42
N SER A 6 -30.94 13.52 2.94
CA SER A 6 -30.54 12.36 3.74
C SER A 6 -30.56 11.09 2.89
N GLY A 7 -29.41 10.44 2.79
CA GLY A 7 -29.32 9.22 2.01
C GLY A 7 -28.05 8.44 2.31
N MET A 8 -26.90 9.02 1.95
CA MET A 8 -25.61 8.36 2.18
C MET A 8 -25.43 8.01 3.65
N SER A 9 -25.39 6.71 3.95
CA SER A 9 -25.23 6.24 5.32
C SER A 9 -23.96 6.82 5.93
N SER A 10 -24.09 7.32 7.16
CA SER A 10 -22.95 7.90 7.87
C SER A 10 -21.82 6.88 8.01
N THR A 11 -20.78 7.06 7.19
CA THR A 11 -19.63 6.16 7.22
C THR A 11 -18.74 6.44 8.43
N SER A 12 -17.93 5.46 8.80
CA SER A 12 -17.03 5.61 9.94
C SER A 12 -15.79 6.41 9.54
N PRO A 13 -15.09 6.96 10.56
CA PRO A 13 -13.88 7.76 10.34
C PRO A 13 -12.71 6.91 9.86
N ASN A 14 -12.60 5.70 10.39
CA ASN A 14 -11.52 4.79 10.02
C ASN A 14 -11.64 4.39 8.55
N LEU A 15 -12.85 4.03 8.13
CA LEU A 15 -13.10 3.62 6.76
C LEU A 15 -12.81 4.77 5.79
N GLN A 16 -13.40 5.91 6.06
CA GLN A 16 -13.22 7.09 5.21
C GLN A 16 -11.74 7.33 4.94
N LYS A 17 -10.93 7.27 6.00
CA LYS A 17 -9.49 7.49 5.87
C LYS A 17 -8.87 6.47 4.91
N ALA A 18 -9.31 5.23 5.01
CA ALA A 18 -8.81 4.17 4.15
C ALA A 18 -9.03 4.50 2.68
N ILE A 19 -10.22 4.98 2.36
CA ILE A 19 -10.56 5.34 0.99
C ILE A 19 -9.64 6.45 0.47
N ASP A 20 -9.62 7.58 1.18
CA ASP A 20 -8.79 8.71 0.78
C ASP A 20 -7.34 8.27 0.59
N LEU A 21 -6.81 7.53 1.57
CA LEU A 21 -5.43 7.06 1.51
C LEU A 21 -5.17 6.32 0.21
N ALA A 22 -5.97 5.28 -0.05
CA ALA A 22 -5.82 4.49 -1.27
C ALA A 22 -5.85 5.39 -2.51
N SER A 23 -6.82 6.30 -2.55
CA SER A 23 -6.96 7.21 -3.68
C SER A 23 -5.69 8.04 -3.88
N LYS A 24 -5.19 8.59 -2.79
CA LYS A 24 -3.98 9.40 -2.84
C LYS A 24 -2.81 8.61 -3.42
N ALA A 25 -2.66 7.37 -2.96
CA ALA A 25 -1.59 6.52 -3.44
C ALA A 25 -1.50 6.53 -4.96
N ALA A 26 -2.61 6.19 -5.62
CA ALA A 26 -2.66 6.17 -7.07
C ALA A 26 -2.23 7.51 -7.65
N GLN A 27 -2.89 8.58 -7.21
CA GLN A 27 -2.58 9.92 -7.69
C GLN A 27 -1.07 10.15 -7.75
N GLU A 28 -0.38 9.75 -6.68
CA GLU A 28 1.06 9.90 -6.61
C GLU A 28 1.76 9.08 -7.69
N ASP A 29 1.47 7.78 -7.71
CA ASP A 29 2.07 6.90 -8.70
C ASP A 29 2.08 7.54 -10.08
N LYS A 30 0.90 7.83 -10.61
CA LYS A 30 0.77 8.45 -11.92
C LYS A 30 1.66 9.69 -12.02
N ALA A 31 1.61 10.54 -11.01
CA ALA A 31 2.42 11.75 -10.98
C ALA A 31 3.91 11.43 -11.06
N GLY A 32 4.27 10.26 -10.56
CA GLY A 32 5.67 9.84 -10.58
C GLY A 32 6.21 9.59 -9.19
N ASN A 33 5.33 9.61 -8.20
CA ASN A 33 5.73 9.38 -6.81
C ASN A 33 5.44 7.94 -6.39
N TYR A 34 6.48 7.13 -6.30
CA TYR A 34 6.32 5.73 -5.92
C TYR A 34 6.56 5.56 -4.42
N GLU A 35 7.63 6.15 -3.92
CA GLU A 35 7.97 6.06 -2.50
C GLU A 35 6.81 6.53 -1.64
N GLU A 36 6.13 7.58 -2.09
CA GLU A 36 5.00 8.13 -1.35
C GLU A 36 3.75 7.28 -1.56
N ALA A 37 3.54 6.84 -2.80
CA ALA A 37 2.39 6.01 -3.12
C ALA A 37 2.41 4.70 -2.35
N LEU A 38 3.60 4.14 -2.18
CA LEU A 38 3.76 2.88 -1.46
C LEU A 38 3.19 2.99 -0.05
N GLN A 39 3.78 3.86 0.76
CA GLN A 39 3.33 4.07 2.13
C GLN A 39 1.81 4.14 2.20
N LEU A 40 1.24 5.07 1.44
CA LEU A 40 -0.21 5.25 1.41
C LEU A 40 -0.92 3.93 1.11
N TYR A 41 -0.49 3.26 0.04
CA TYR A 41 -1.08 1.99 -0.36
C TYR A 41 -1.15 1.04 0.83
N GLN A 42 -0.14 1.08 1.69
CA GLN A 42 -0.10 0.22 2.85
C GLN A 42 -1.10 0.67 3.90
N HIS A 43 -1.06 1.95 4.25
CA HIS A 43 -1.97 2.51 5.24
C HIS A 43 -3.42 2.20 4.88
N ALA A 44 -3.84 2.62 3.69
CA ALA A 44 -5.20 2.38 3.23
C ALA A 44 -5.71 1.03 3.70
N VAL A 45 -4.95 -0.01 3.44
CA VAL A 45 -5.32 -1.37 3.84
C VAL A 45 -5.42 -1.48 5.36
N GLN A 46 -4.36 -1.08 6.05
CA GLN A 46 -4.32 -1.13 7.50
C GLN A 46 -5.66 -0.69 8.10
N TYR A 47 -6.13 0.47 7.68
CA TYR A 47 -7.39 1.01 8.17
C TYR A 47 -8.56 0.14 7.73
N PHE A 48 -8.62 -0.14 6.43
CA PHE A 48 -9.70 -0.95 5.88
C PHE A 48 -9.94 -2.19 6.74
N LEU A 49 -8.86 -2.89 7.08
CA LEU A 49 -8.95 -4.09 7.89
C LEU A 49 -9.58 -3.78 9.25
N HIS A 50 -8.95 -2.88 9.99
CA HIS A 50 -9.46 -2.48 11.30
C HIS A 50 -10.97 -2.37 11.30
N VAL A 51 -11.52 -1.74 10.26
CA VAL A 51 -12.95 -1.56 10.12
C VAL A 51 -13.67 -2.91 10.03
N VAL A 52 -13.26 -3.71 9.05
CA VAL A 52 -13.86 -5.03 8.85
C VAL A 52 -13.62 -5.93 10.06
N LYS A 53 -12.71 -5.51 10.93
CA LYS A 53 -12.38 -6.27 12.12
C LYS A 53 -13.47 -6.12 13.19
N TYR A 54 -13.75 -4.88 13.57
CA TYR A 54 -14.76 -4.60 14.57
C TYR A 54 -15.82 -3.65 14.03
N GLU A 55 -15.37 -2.56 13.41
CA GLU A 55 -16.27 -1.57 12.84
C GLU A 55 -16.75 -2.00 11.46
N ALA A 56 -16.97 -3.29 11.29
CA ALA A 56 -17.43 -3.82 10.01
C ALA A 56 -18.83 -3.31 9.66
N GLN A 57 -19.36 -3.77 8.54
CA GLN A 57 -20.68 -3.36 8.09
C GLN A 57 -21.56 -4.57 7.79
N GLY A 58 -21.16 -5.35 6.79
CA GLY A 58 -21.92 -6.52 6.41
C GLY A 58 -21.17 -7.41 5.44
N ASP A 59 -21.50 -8.70 5.45
CA ASP A 59 -20.85 -9.66 4.56
C ASP A 59 -20.61 -9.05 3.19
N LYS A 60 -21.57 -8.26 2.72
CA LYS A 60 -21.46 -7.62 1.41
C LYS A 60 -20.36 -6.56 1.42
N ALA A 61 -20.32 -5.76 2.48
CA ALA A 61 -19.32 -4.71 2.61
C ALA A 61 -17.94 -5.30 2.84
N LYS A 62 -17.82 -6.17 3.83
CA LYS A 62 -16.56 -6.82 4.14
C LYS A 62 -15.78 -7.16 2.88
N GLN A 63 -16.39 -7.99 2.02
CA GLN A 63 -15.76 -8.40 0.78
C GLN A 63 -15.37 -7.19 -0.06
N SER A 64 -16.34 -6.29 -0.27
CA SER A 64 -16.10 -5.08 -1.06
C SER A 64 -14.79 -4.42 -0.65
N ILE A 65 -14.57 -4.31 0.66
CA ILE A 65 -13.35 -3.69 1.17
C ILE A 65 -12.16 -4.62 1.01
N ARG A 66 -12.30 -5.86 1.46
CA ARG A 66 -11.23 -6.84 1.36
C ARG A 66 -10.63 -6.85 -0.05
N ALA A 67 -11.50 -6.95 -1.05
CA ALA A 67 -11.06 -6.97 -2.44
C ALA A 67 -10.04 -5.86 -2.71
N LYS A 68 -10.31 -4.68 -2.16
CA LYS A 68 -9.43 -3.53 -2.34
C LYS A 68 -8.10 -3.74 -1.62
N CYS A 69 -8.17 -4.31 -0.42
CA CYS A 69 -6.96 -4.57 0.36
C CYS A 69 -5.97 -5.42 -0.43
N THR A 70 -6.48 -6.50 -1.04
CA THR A 70 -5.64 -7.40 -1.83
C THR A 70 -5.08 -6.69 -3.06
N GLU A 71 -5.92 -5.92 -3.73
CA GLU A 71 -5.51 -5.20 -4.93
C GLU A 71 -4.39 -4.20 -4.60
N TYR A 72 -4.66 -3.31 -3.64
CA TYR A 72 -3.68 -2.32 -3.24
C TYR A 72 -2.41 -2.98 -2.72
N LEU A 73 -2.58 -4.05 -1.95
CA LEU A 73 -1.44 -4.77 -1.39
C LEU A 73 -0.52 -5.28 -2.49
N ASP A 74 -1.12 -5.86 -3.52
CA ASP A 74 -0.35 -6.39 -4.65
C ASP A 74 0.38 -5.27 -5.38
N ARG A 75 -0.34 -4.20 -5.68
CA ARG A 75 0.23 -3.06 -6.39
C ARG A 75 1.49 -2.56 -5.68
N ALA A 76 1.36 -2.30 -4.38
CA ALA A 76 2.48 -1.83 -3.59
C ALA A 76 3.68 -2.76 -3.71
N GLU A 77 3.45 -4.04 -3.49
CA GLU A 77 4.51 -5.05 -3.57
C GLU A 77 5.45 -4.74 -4.73
N LYS A 78 4.87 -4.32 -5.85
CA LYS A 78 5.66 -3.99 -7.04
C LYS A 78 6.51 -2.75 -6.81
N LEU A 79 5.86 -1.65 -6.45
CA LEU A 79 6.57 -0.39 -6.20
C LEU A 79 7.84 -0.64 -5.38
N LYS A 80 7.79 -1.65 -4.52
CA LYS A 80 8.94 -2.00 -3.69
C LYS A 80 10.09 -2.55 -4.53
N GLU A 81 9.76 -3.46 -5.43
CA GLU A 81 10.76 -4.08 -6.31
C GLU A 81 11.40 -3.03 -7.20
N TYR A 82 10.65 -1.97 -7.50
CA TYR A 82 11.15 -0.90 -8.36
C TYR A 82 11.97 0.10 -7.55
N LEU A 83 11.47 0.46 -6.38
CA LEU A 83 12.16 1.41 -5.52
C LEU A 83 13.52 0.87 -5.09
N LYS A 84 13.61 -0.44 -4.91
CA LYS A 84 14.86 -1.08 -4.51
C LYS A 84 15.79 -1.22 -5.70
N ASN A 85 15.23 -1.37 -6.89
CA ASN A 85 16.02 -1.51 -8.10
C ASN A 85 16.87 -0.27 -8.35
N LYS A 86 16.30 0.89 -8.05
CA LYS A 86 17.00 2.17 -8.23
C LYS A 86 17.85 2.50 -7.01
N GLU A 87 17.34 2.14 -5.84
CA GLU A 87 18.06 2.41 -4.59
C GLU A 87 19.50 1.89 -4.66
N LYS A 88 20.38 2.50 -3.88
CA LYS A 88 21.78 2.11 -3.86
C LYS A 88 21.91 0.58 -3.82
N LYS A 89 22.67 0.04 -4.76
CA LYS A 89 22.88 -1.41 -4.84
C LYS A 89 23.00 -2.01 -3.44
N ALA A 90 22.37 -3.16 -3.25
CA ALA A 90 22.41 -3.84 -1.96
C ALA A 90 23.54 -4.87 -1.92
N GLN A 91 24.43 -4.71 -0.95
CA GLN A 91 25.56 -5.62 -0.79
C GLN A 91 25.09 -7.07 -0.72
N LYS A 92 25.93 -7.99 -1.19
CA LYS A 92 25.60 -9.41 -1.18
C LYS A 92 25.96 -10.04 0.16
N PRO A 93 25.13 -10.99 0.61
CA PRO A 93 25.33 -11.70 1.87
C PRO A 93 26.55 -12.64 1.82
N VAL A 94 27.29 -12.69 2.93
CA VAL A 94 28.47 -13.54 3.00
C VAL A 94 28.33 -14.57 4.12
N LYS A 95 28.54 -15.84 3.79
CA LYS A 95 28.43 -16.91 4.76
C LYS A 95 27.02 -17.01 5.32
N GLU A 96 26.02 -16.85 4.45
CA GLU A 96 24.63 -16.92 4.85
C GLU A 96 24.04 -18.29 4.54
N GLY A 97 24.43 -18.85 3.39
CA GLY A 97 23.93 -20.16 3.01
C GLY A 97 24.09 -20.42 1.52
N GLN A 98 25.11 -21.19 1.17
CA GLN A 98 25.37 -21.52 -0.23
C GLN A 98 24.67 -22.81 -0.63
N PRO A 99 24.19 -22.86 -1.88
CA PRO A 99 23.49 -24.04 -2.41
C PRO A 99 24.43 -25.21 -2.63
N SER A 100 23.93 -26.43 -2.37
CA SER A 100 24.72 -27.63 -2.53
C SER A 100 23.83 -28.82 -2.90
N PRO A 101 24.39 -29.73 -3.72
CA PRO A 101 23.66 -30.93 -4.18
C PRO A 101 23.44 -31.92 -3.04
N ALA A 102 22.75 -33.02 -3.36
CA ALA A 102 22.47 -34.05 -2.37
C ALA A 102 23.66 -34.99 -2.20
N ASP A 103 23.55 -35.91 -1.25
CA ASP A 103 24.62 -36.87 -1.00
C ASP A 103 25.24 -37.37 -2.30
N GLU A 104 26.51 -37.06 -2.49
CA GLU A 104 27.22 -37.47 -3.70
C GLU A 104 26.74 -38.84 -4.16
N LYS A 105 26.83 -39.09 -5.47
CA LYS A 105 26.40 -40.36 -6.04
C LYS A 105 26.90 -41.52 -5.20
N GLY A 106 26.33 -42.70 -5.44
CA GLY A 106 26.72 -43.88 -4.70
C GLY A 106 27.50 -44.88 -5.54
N ASN A 107 26.79 -45.61 -6.39
CA ASN A 107 27.42 -46.59 -7.26
C ASN A 107 28.70 -46.04 -7.87
N ASP A 108 29.55 -46.94 -8.35
CA ASP A 108 30.82 -46.54 -8.98
C ASP A 108 31.01 -47.23 -10.32
N SER A 109 31.35 -46.43 -11.34
CA SER A 109 31.54 -46.96 -12.68
C SER A 109 32.76 -46.32 -13.34
N ASP A 110 33.45 -47.09 -14.18
CA ASP A 110 34.63 -46.60 -14.87
C ASP A 110 34.27 -45.47 -15.83
N GLY A 111 35.08 -44.42 -15.84
CA GLY A 111 34.84 -43.28 -16.70
C GLY A 111 35.99 -42.31 -16.74
N SER A 112 35.85 -41.24 -17.51
CA SER A 112 36.89 -40.23 -17.63
C SER A 112 36.58 -39.01 -16.77
N GLY A 113 37.61 -38.23 -16.47
CA GLY A 113 37.43 -37.05 -15.65
C GLY A 113 38.31 -35.89 -16.09
N PRO A 114 37.90 -35.19 -17.16
CA PRO A 114 38.64 -34.05 -17.69
C PRO A 114 38.61 -32.85 -16.77
N SER A 115 39.76 -32.54 -16.16
CA SER A 115 39.85 -31.41 -15.25
C SER A 115 41.30 -30.95 -15.11
N SER A 116 41.49 -29.75 -14.57
CA SER A 116 42.83 -29.19 -14.38
C SER A 116 43.74 -30.19 -13.68
N GLY A 117 44.46 -30.98 -14.47
CA GLY A 117 45.36 -31.97 -13.92
C GLY A 117 46.55 -32.24 -14.82
N GLY A 1 -28.33 -7.31 -10.61
CA GLY A 1 -26.91 -7.20 -10.37
C GLY A 1 -26.60 -6.45 -9.09
N SER A 2 -26.02 -5.26 -9.23
CA SER A 2 -25.67 -4.44 -8.07
C SER A 2 -25.74 -2.96 -8.42
N SER A 3 -26.51 -2.20 -7.65
CA SER A 3 -26.66 -0.77 -7.88
C SER A 3 -27.08 -0.06 -6.59
N GLY A 4 -26.87 1.25 -6.56
CA GLY A 4 -27.23 2.03 -5.38
C GLY A 4 -26.43 3.32 -5.27
N SER A 5 -26.94 4.38 -5.88
CA SER A 5 -26.27 5.67 -5.84
C SER A 5 -26.96 6.62 -4.86
N SER A 6 -26.16 7.42 -4.16
CA SER A 6 -26.69 8.37 -3.19
C SER A 6 -25.58 9.25 -2.64
N GLY A 7 -25.73 10.56 -2.80
CA GLY A 7 -24.74 11.50 -2.31
C GLY A 7 -24.87 11.77 -0.83
N MET A 8 -24.00 11.16 -0.04
CA MET A 8 -24.01 11.33 1.40
C MET A 8 -22.64 11.06 2.02
N SER A 9 -22.20 11.94 2.90
CA SER A 9 -20.90 11.79 3.55
C SER A 9 -21.03 11.03 4.87
N SER A 10 -21.84 9.99 4.85
CA SER A 10 -22.06 9.18 6.06
C SER A 10 -21.23 7.90 6.01
N THR A 11 -20.14 7.89 6.78
CA THR A 11 -19.26 6.72 6.84
C THR A 11 -18.28 6.83 8.01
N SER A 12 -18.07 5.71 8.68
CA SER A 12 -17.17 5.67 9.82
C SER A 12 -15.91 6.50 9.56
N PRO A 13 -15.27 6.96 10.64
CA PRO A 13 -14.05 7.77 10.54
C PRO A 13 -12.85 6.97 10.05
N ASN A 14 -12.62 5.82 10.67
CA ASN A 14 -11.50 4.96 10.29
C ASN A 14 -11.61 4.56 8.82
N LEU A 15 -12.82 4.21 8.39
CA LEU A 15 -13.05 3.80 7.01
C LEU A 15 -12.79 4.97 6.05
N GLN A 16 -13.34 6.13 6.38
CA GLN A 16 -13.17 7.32 5.54
C GLN A 16 -11.69 7.57 5.25
N LYS A 17 -10.86 7.51 6.30
CA LYS A 17 -9.43 7.72 6.17
C LYS A 17 -8.82 6.72 5.18
N ALA A 18 -9.26 5.47 5.27
CA ALA A 18 -8.75 4.43 4.38
C ALA A 18 -9.03 4.76 2.92
N ILE A 19 -10.24 5.23 2.64
CA ILE A 19 -10.62 5.59 1.28
C ILE A 19 -9.71 6.67 0.72
N ASP A 20 -9.63 7.80 1.43
CA ASP A 20 -8.79 8.92 1.00
C ASP A 20 -7.36 8.46 0.78
N LEU A 21 -6.82 7.70 1.73
CA LEU A 21 -5.46 7.19 1.63
C LEU A 21 -5.26 6.40 0.34
N ALA A 22 -6.13 5.42 0.10
CA ALA A 22 -6.04 4.61 -1.10
C ALA A 22 -6.10 5.47 -2.36
N SER A 23 -6.95 6.49 -2.33
CA SER A 23 -7.11 7.38 -3.47
C SER A 23 -5.82 8.16 -3.73
N LYS A 24 -5.27 8.74 -2.67
CA LYS A 24 -4.04 9.51 -2.79
C LYS A 24 -2.93 8.68 -3.42
N ALA A 25 -2.74 7.47 -2.91
CA ALA A 25 -1.71 6.58 -3.42
C ALA A 25 -1.66 6.63 -4.95
N ALA A 26 -2.83 6.58 -5.59
CA ALA A 26 -2.90 6.62 -7.04
C ALA A 26 -2.40 7.95 -7.58
N GLN A 27 -2.82 9.04 -6.94
CA GLN A 27 -2.42 10.38 -7.35
C GLN A 27 -0.90 10.46 -7.49
N GLU A 28 -0.19 9.98 -6.47
CA GLU A 28 1.26 10.01 -6.47
C GLU A 28 1.82 9.13 -7.58
N ASP A 29 1.48 7.84 -7.52
CA ASP A 29 1.95 6.89 -8.52
C ASP A 29 1.89 7.48 -9.92
N LYS A 30 0.75 8.11 -10.24
CA LYS A 30 0.56 8.72 -11.55
C LYS A 30 1.58 9.84 -11.78
N ALA A 31 1.70 10.74 -10.82
CA ALA A 31 2.64 11.84 -10.92
C ALA A 31 4.07 11.34 -11.08
N GLY A 32 4.34 10.17 -10.50
CA GLY A 32 5.67 9.59 -10.60
C GLY A 32 6.26 9.27 -9.24
N ASN A 33 5.44 9.39 -8.20
CA ASN A 33 5.89 9.11 -6.84
C ASN A 33 5.52 7.69 -6.43
N TYR A 34 6.52 6.83 -6.34
CA TYR A 34 6.29 5.44 -5.95
C TYR A 34 6.48 5.25 -4.46
N GLU A 35 7.55 5.83 -3.92
CA GLU A 35 7.85 5.73 -2.50
C GLU A 35 6.73 6.34 -1.66
N GLU A 36 6.19 7.46 -2.12
CA GLU A 36 5.11 8.14 -1.43
C GLU A 36 3.80 7.40 -1.59
N ALA A 37 3.60 6.81 -2.77
CA ALA A 37 2.38 6.06 -3.06
C ALA A 37 2.35 4.74 -2.30
N LEU A 38 3.53 4.18 -2.06
CA LEU A 38 3.64 2.91 -1.35
C LEU A 38 3.01 3.01 0.03
N GLN A 39 3.58 3.83 0.89
CA GLN A 39 3.07 4.02 2.24
C GLN A 39 1.55 4.23 2.23
N LEU A 40 1.10 5.11 1.35
CA LEU A 40 -0.32 5.40 1.22
C LEU A 40 -1.11 4.14 0.89
N TYR A 41 -0.57 3.33 -0.02
CA TYR A 41 -1.22 2.09 -0.43
C TYR A 41 -1.36 1.14 0.75
N GLN A 42 -0.36 1.13 1.63
CA GLN A 42 -0.38 0.26 2.79
C GLN A 42 -1.34 0.79 3.85
N HIS A 43 -1.15 2.03 4.26
CA HIS A 43 -2.00 2.65 5.26
C HIS A 43 -3.48 2.44 4.93
N ALA A 44 -3.85 2.71 3.69
CA ALA A 44 -5.23 2.54 3.25
C ALA A 44 -5.80 1.21 3.72
N VAL A 45 -5.03 0.14 3.52
CA VAL A 45 -5.46 -1.19 3.94
C VAL A 45 -5.51 -1.31 5.45
N GLN A 46 -4.43 -0.89 6.10
CA GLN A 46 -4.35 -0.96 7.57
C GLN A 46 -5.65 -0.47 8.20
N TYR A 47 -6.14 0.66 7.71
CA TYR A 47 -7.38 1.25 8.23
C TYR A 47 -8.60 0.44 7.79
N PHE A 48 -8.59 0.01 6.52
CA PHE A 48 -9.68 -0.76 5.97
C PHE A 48 -9.98 -1.97 6.84
N LEU A 49 -8.95 -2.77 7.11
CA LEU A 49 -9.11 -3.97 7.94
C LEU A 49 -9.74 -3.62 9.28
N HIS A 50 -9.11 -2.74 10.03
CA HIS A 50 -9.61 -2.32 11.33
C HIS A 50 -11.13 -2.16 11.30
N VAL A 51 -11.63 -1.60 10.20
CA VAL A 51 -13.07 -1.39 10.04
C VAL A 51 -13.81 -2.72 9.94
N VAL A 52 -13.36 -3.58 9.03
CA VAL A 52 -13.98 -4.88 8.84
C VAL A 52 -13.86 -5.73 10.10
N LYS A 53 -13.02 -5.30 11.03
CA LYS A 53 -12.82 -6.03 12.28
C LYS A 53 -13.79 -5.54 13.35
N TYR A 54 -13.87 -4.23 13.52
CA TYR A 54 -14.75 -3.64 14.51
C TYR A 54 -15.94 -2.95 13.84
N GLU A 55 -15.64 -2.00 12.96
CA GLU A 55 -16.68 -1.26 12.25
C GLU A 55 -17.15 -2.04 11.02
N ALA A 56 -17.19 -3.36 11.15
CA ALA A 56 -17.63 -4.22 10.05
C ALA A 56 -19.05 -3.89 9.62
N GLN A 57 -19.32 -4.00 8.33
CA GLN A 57 -20.65 -3.71 7.80
C GLN A 57 -21.42 -4.99 7.54
N GLY A 58 -21.02 -5.73 6.51
CA GLY A 58 -21.69 -6.98 6.17
C GLY A 58 -20.94 -7.77 5.12
N ASP A 59 -21.23 -9.06 5.04
CA ASP A 59 -20.58 -9.94 4.08
C ASP A 59 -20.37 -9.22 2.75
N LYS A 60 -21.44 -8.66 2.21
CA LYS A 60 -21.38 -7.94 0.95
C LYS A 60 -20.30 -6.86 0.99
N ALA A 61 -20.45 -5.91 1.91
CA ALA A 61 -19.49 -4.83 2.05
C ALA A 61 -18.08 -5.36 2.21
N LYS A 62 -17.86 -6.13 3.28
CA LYS A 62 -16.55 -6.70 3.56
C LYS A 62 -15.88 -7.17 2.27
N GLN A 63 -16.46 -8.21 1.65
CA GLN A 63 -15.92 -8.75 0.41
C GLN A 63 -15.39 -7.64 -0.49
N SER A 64 -16.07 -6.50 -0.48
CA SER A 64 -15.66 -5.36 -1.30
C SER A 64 -14.33 -4.78 -0.81
N ILE A 65 -14.32 -4.35 0.44
CA ILE A 65 -13.12 -3.79 1.04
C ILE A 65 -11.94 -4.76 0.93
N ARG A 66 -12.19 -6.01 1.27
CA ARG A 66 -11.15 -7.03 1.21
C ARG A 66 -10.51 -7.08 -0.17
N ALA A 67 -11.33 -7.23 -1.20
CA ALA A 67 -10.84 -7.29 -2.57
C ALA A 67 -9.82 -6.19 -2.83
N LYS A 68 -10.15 -4.97 -2.40
CA LYS A 68 -9.25 -3.84 -2.59
C LYS A 68 -7.96 -4.02 -1.81
N CYS A 69 -8.07 -4.52 -0.59
CA CYS A 69 -6.91 -4.76 0.26
C CYS A 69 -5.88 -5.63 -0.45
N THR A 70 -6.35 -6.71 -1.06
CA THR A 70 -5.48 -7.64 -1.77
C THR A 70 -4.84 -6.96 -2.98
N GLU A 71 -5.63 -6.17 -3.70
CA GLU A 71 -5.14 -5.47 -4.87
C GLU A 71 -4.06 -4.45 -4.49
N TYR A 72 -4.44 -3.47 -3.67
CA TYR A 72 -3.52 -2.44 -3.23
C TYR A 72 -2.28 -3.05 -2.59
N LEU A 73 -2.46 -4.19 -1.92
CA LEU A 73 -1.36 -4.87 -1.26
C LEU A 73 -0.36 -5.42 -2.30
N ASP A 74 -0.90 -6.04 -3.34
CA ASP A 74 -0.07 -6.61 -4.39
C ASP A 74 0.68 -5.51 -5.15
N ARG A 75 -0.06 -4.46 -5.52
CA ARG A 75 0.53 -3.35 -6.26
C ARG A 75 1.70 -2.75 -5.49
N ALA A 76 1.51 -2.54 -4.19
CA ALA A 76 2.55 -1.97 -3.34
C ALA A 76 3.80 -2.86 -3.34
N GLU A 77 3.61 -4.14 -3.01
CA GLU A 77 4.71 -5.08 -2.97
C GLU A 77 5.71 -4.81 -4.09
N LYS A 78 5.19 -4.62 -5.29
CA LYS A 78 6.05 -4.34 -6.45
C LYS A 78 6.78 -3.01 -6.28
N LEU A 79 6.03 -1.94 -6.06
CA LEU A 79 6.62 -0.63 -5.88
C LEU A 79 7.92 -0.70 -5.07
N LYS A 80 7.97 -1.66 -4.15
CA LYS A 80 9.14 -1.85 -3.32
C LYS A 80 10.30 -2.44 -4.12
N GLU A 81 9.98 -3.43 -4.95
CA GLU A 81 10.99 -4.09 -5.78
C GLU A 81 11.45 -3.16 -6.91
N TYR A 82 10.55 -2.30 -7.36
CA TYR A 82 10.85 -1.37 -8.44
C TYR A 82 11.78 -0.27 -7.95
N LEU A 83 11.46 0.30 -6.80
CA LEU A 83 12.27 1.38 -6.23
C LEU A 83 13.70 0.91 -5.99
N LYS A 84 13.84 -0.24 -5.34
CA LYS A 84 15.16 -0.80 -5.05
C LYS A 84 15.90 -1.12 -6.34
N ASN A 85 15.15 -1.49 -7.38
CA ASN A 85 15.74 -1.83 -8.66
C ASN A 85 16.48 -0.63 -9.26
N LYS A 86 15.75 0.46 -9.45
CA LYS A 86 16.31 1.68 -10.00
C LYS A 86 17.26 2.34 -9.01
N GLU A 87 16.89 2.31 -7.73
CA GLU A 87 17.71 2.91 -6.69
C GLU A 87 19.18 2.58 -6.89
N LYS A 88 19.98 3.60 -7.21
CA LYS A 88 21.41 3.41 -7.43
C LYS A 88 22.05 2.69 -6.26
N LYS A 89 22.17 1.37 -6.37
CA LYS A 89 22.76 0.56 -5.32
C LYS A 89 23.10 -0.84 -5.83
N ALA A 90 24.31 -1.29 -5.56
CA ALA A 90 24.75 -2.61 -5.99
C ALA A 90 23.74 -3.69 -5.58
N GLN A 91 22.99 -4.18 -6.57
CA GLN A 91 22.00 -5.22 -6.32
C GLN A 91 21.84 -6.13 -7.52
N LYS A 92 21.23 -7.29 -7.31
CA LYS A 92 21.01 -8.26 -8.37
C LYS A 92 19.65 -8.08 -9.02
N PRO A 93 19.56 -8.35 -10.33
CA PRO A 93 18.32 -8.22 -11.09
C PRO A 93 17.30 -9.29 -10.71
N VAL A 94 16.02 -8.90 -10.70
CA VAL A 94 14.94 -9.82 -10.35
C VAL A 94 14.04 -10.09 -11.56
N LYS A 95 14.52 -10.92 -12.47
CA LYS A 95 13.75 -11.26 -13.66
C LYS A 95 12.29 -11.52 -13.32
N GLU A 96 11.39 -10.99 -14.13
CA GLU A 96 9.95 -11.17 -13.91
C GLU A 96 9.40 -12.26 -14.80
N GLY A 97 8.53 -13.09 -14.24
CA GLY A 97 7.93 -14.17 -15.00
C GLY A 97 6.42 -14.15 -14.97
N GLN A 98 5.86 -14.03 -13.77
CA GLN A 98 4.40 -13.99 -13.61
C GLN A 98 3.75 -13.12 -14.68
N PRO A 99 2.57 -13.53 -15.13
CA PRO A 99 1.82 -12.81 -16.16
C PRO A 99 1.28 -11.48 -15.65
N SER A 100 0.37 -10.88 -16.42
CA SER A 100 -0.23 -9.60 -16.04
C SER A 100 -1.60 -9.45 -16.68
N PRO A 101 -2.51 -8.74 -15.98
CA PRO A 101 -3.87 -8.50 -16.45
C PRO A 101 -3.91 -7.53 -17.64
N ALA A 102 -2.76 -6.94 -17.94
CA ALA A 102 -2.66 -6.00 -19.06
C ALA A 102 -3.25 -6.59 -20.33
N ASP A 103 -4.44 -6.13 -20.71
CA ASP A 103 -5.10 -6.63 -21.91
C ASP A 103 -5.36 -5.48 -22.89
N GLU A 104 -5.89 -5.82 -24.06
CA GLU A 104 -6.20 -4.83 -25.08
C GLU A 104 -7.69 -4.54 -25.14
N LYS A 105 -8.48 -5.44 -24.58
CA LYS A 105 -9.94 -5.28 -24.55
C LYS A 105 -10.34 -4.10 -23.65
N GLY A 106 -11.61 -3.72 -23.73
CA GLY A 106 -12.10 -2.62 -22.92
C GLY A 106 -12.17 -1.32 -23.70
N ASN A 107 -11.25 -0.40 -23.40
CA ASN A 107 -11.22 0.89 -24.07
C ASN A 107 -10.35 0.82 -25.33
N ASP A 108 -10.76 1.57 -26.36
CA ASP A 108 -10.02 1.59 -27.62
C ASP A 108 -10.25 2.91 -28.35
N SER A 109 -9.18 3.45 -28.93
CA SER A 109 -9.25 4.72 -29.65
C SER A 109 -7.97 4.98 -30.42
N ASP A 110 -8.10 5.66 -31.56
CA ASP A 110 -6.94 5.98 -32.39
C ASP A 110 -7.22 7.20 -33.26
N GLY A 111 -6.17 7.97 -33.55
CA GLY A 111 -6.33 9.16 -34.37
C GLY A 111 -6.08 10.45 -33.60
N SER A 112 -5.91 11.54 -34.32
CA SER A 112 -5.65 12.83 -33.70
C SER A 112 -6.22 13.97 -34.54
N GLY A 113 -6.33 15.15 -33.93
CA GLY A 113 -6.86 16.30 -34.63
C GLY A 113 -6.73 17.58 -33.84
N PRO A 114 -5.53 18.19 -33.89
CA PRO A 114 -5.25 19.44 -33.17
C PRO A 114 -5.99 20.63 -33.77
N SER A 115 -5.76 21.80 -33.20
CA SER A 115 -6.40 23.02 -33.67
C SER A 115 -5.70 23.55 -34.92
N SER A 116 -6.29 24.58 -35.53
CA SER A 116 -5.73 25.18 -36.74
C SER A 116 -5.83 26.69 -36.69
N GLY A 117 -4.68 27.36 -36.75
CA GLY A 117 -4.66 28.82 -36.72
C GLY A 117 -4.71 29.43 -38.09
N GLY A 1 -32.43 27.10 -2.68
CA GLY A 1 -32.58 25.91 -3.50
C GLY A 1 -31.42 24.95 -3.34
N SER A 2 -31.63 23.70 -3.74
CA SER A 2 -30.59 22.68 -3.63
C SER A 2 -30.24 22.11 -4.99
N SER A 3 -31.22 21.51 -5.66
CA SER A 3 -31.02 20.93 -6.97
C SER A 3 -29.66 20.24 -7.06
N GLY A 4 -29.30 19.52 -5.99
CA GLY A 4 -28.02 18.82 -5.96
C GLY A 4 -28.17 17.34 -6.27
N SER A 5 -27.89 16.50 -5.27
CA SER A 5 -27.97 15.06 -5.44
C SER A 5 -28.32 14.37 -4.12
N SER A 6 -28.94 13.20 -4.21
CA SER A 6 -29.33 12.45 -3.02
C SER A 6 -28.11 12.09 -2.18
N GLY A 7 -27.86 12.88 -1.14
CA GLY A 7 -26.72 12.63 -0.28
C GLY A 7 -27.11 11.89 0.99
N MET A 8 -27.07 12.58 2.12
CA MET A 8 -27.42 11.98 3.40
C MET A 8 -26.59 10.73 3.66
N SER A 9 -25.29 10.83 3.41
CA SER A 9 -24.38 9.71 3.62
C SER A 9 -23.58 9.89 4.91
N SER A 10 -23.26 8.77 5.55
CA SER A 10 -22.49 8.80 6.79
C SER A 10 -21.62 7.56 6.93
N THR A 11 -20.31 7.76 6.85
CA THR A 11 -19.37 6.65 6.97
C THR A 11 -18.45 6.82 8.18
N SER A 12 -17.93 5.71 8.68
CA SER A 12 -17.05 5.74 9.85
C SER A 12 -15.79 6.55 9.56
N PRO A 13 -15.21 7.15 10.61
CA PRO A 13 -14.00 7.95 10.49
C PRO A 13 -12.77 7.12 10.15
N ASN A 14 -12.78 5.86 10.57
CA ASN A 14 -11.67 4.95 10.30
C ASN A 14 -11.70 4.46 8.86
N LEU A 15 -12.91 4.31 8.32
CA LEU A 15 -13.08 3.84 6.95
C LEU A 15 -12.80 4.96 5.95
N GLN A 16 -13.39 6.13 6.21
CA GLN A 16 -13.20 7.28 5.34
C GLN A 16 -11.72 7.54 5.09
N LYS A 17 -10.92 7.44 6.14
CA LYS A 17 -9.48 7.66 6.04
C LYS A 17 -8.84 6.67 5.08
N ALA A 18 -9.23 5.40 5.20
CA ALA A 18 -8.69 4.35 4.34
C ALA A 18 -8.94 4.67 2.87
N ILE A 19 -10.14 5.15 2.57
CA ILE A 19 -10.51 5.48 1.20
C ILE A 19 -9.62 6.59 0.65
N ASP A 20 -9.60 7.72 1.33
CA ASP A 20 -8.78 8.86 0.91
C ASP A 20 -7.35 8.42 0.64
N LEU A 21 -6.79 7.65 1.57
CA LEU A 21 -5.42 7.17 1.43
C LEU A 21 -5.24 6.37 0.15
N ALA A 22 -6.02 5.30 0.01
CA ALA A 22 -5.96 4.45 -1.17
C ALA A 22 -6.06 5.28 -2.44
N SER A 23 -6.93 6.27 -2.43
CA SER A 23 -7.12 7.14 -3.59
C SER A 23 -5.87 7.97 -3.86
N LYS A 24 -5.26 8.48 -2.78
CA LYS A 24 -4.06 9.29 -2.89
C LYS A 24 -2.91 8.49 -3.49
N ALA A 25 -2.72 7.27 -2.98
CA ALA A 25 -1.66 6.40 -3.46
C ALA A 25 -1.57 6.43 -4.99
N ALA A 26 -2.70 6.18 -5.65
CA ALA A 26 -2.75 6.17 -7.11
C ALA A 26 -2.33 7.53 -7.67
N GLN A 27 -2.95 8.59 -7.16
CA GLN A 27 -2.65 9.94 -7.61
C GLN A 27 -1.14 10.16 -7.70
N GLU A 28 -0.42 9.71 -6.67
CA GLU A 28 1.03 9.86 -6.63
C GLU A 28 1.69 9.07 -7.76
N ASP A 29 1.41 7.77 -7.80
CA ASP A 29 1.98 6.90 -8.83
C ASP A 29 1.96 7.59 -10.19
N LYS A 30 0.77 8.00 -10.63
CA LYS A 30 0.61 8.67 -11.92
C LYS A 30 1.51 9.91 -11.99
N ALA A 31 1.48 10.71 -10.93
CA ALA A 31 2.29 11.92 -10.87
C ALA A 31 3.77 11.61 -11.00
N GLY A 32 4.17 10.42 -10.53
CA GLY A 32 5.56 10.03 -10.60
C GLY A 32 6.14 9.71 -9.24
N ASN A 33 5.27 9.60 -8.23
CA ASN A 33 5.71 9.31 -6.88
C ASN A 33 5.40 7.86 -6.50
N TYR A 34 6.45 7.06 -6.35
CA TYR A 34 6.30 5.65 -6.00
C TYR A 34 6.51 5.43 -4.50
N GLU A 35 7.58 6.02 -3.97
CA GLU A 35 7.88 5.89 -2.55
C GLU A 35 6.73 6.39 -1.70
N GLU A 36 6.06 7.44 -2.16
CA GLU A 36 4.93 8.02 -1.44
C GLU A 36 3.68 7.18 -1.64
N ALA A 37 3.51 6.66 -2.85
CA ALA A 37 2.34 5.83 -3.17
C ALA A 37 2.39 4.52 -2.41
N LEU A 38 3.59 4.01 -2.17
CA LEU A 38 3.77 2.75 -1.45
C LEU A 38 3.20 2.85 -0.04
N GLN A 39 3.79 3.73 0.76
CA GLN A 39 3.34 3.91 2.13
C GLN A 39 1.83 4.11 2.20
N LEU A 40 1.30 4.85 1.24
CA LEU A 40 -0.13 5.13 1.18
C LEU A 40 -0.92 3.86 0.86
N TYR A 41 -0.41 3.08 -0.09
CA TYR A 41 -1.05 1.83 -0.48
C TYR A 41 -1.13 0.85 0.69
N GLN A 42 -0.11 0.89 1.55
CA GLN A 42 -0.07 0.01 2.70
C GLN A 42 -1.03 0.49 3.79
N HIS A 43 -1.01 1.78 4.07
CA HIS A 43 -1.88 2.36 5.09
C HIS A 43 -3.34 2.08 4.77
N ALA A 44 -3.76 2.46 3.56
CA ALA A 44 -5.14 2.25 3.12
C ALA A 44 -5.67 0.91 3.61
N VAL A 45 -4.90 -0.15 3.37
CA VAL A 45 -5.30 -1.48 3.78
C VAL A 45 -5.39 -1.58 5.30
N GLN A 46 -4.33 -1.19 5.99
CA GLN A 46 -4.31 -1.25 7.44
C GLN A 46 -5.63 -0.77 8.03
N TYR A 47 -6.05 0.44 7.63
CA TYR A 47 -7.29 1.02 8.13
C TYR A 47 -8.48 0.17 7.70
N PHE A 48 -8.57 -0.12 6.40
CA PHE A 48 -9.67 -0.92 5.87
C PHE A 48 -9.92 -2.13 6.74
N LEU A 49 -8.87 -2.91 7.01
CA LEU A 49 -9.00 -4.10 7.84
C LEU A 49 -9.56 -3.75 9.21
N HIS A 50 -8.84 -2.93 9.96
CA HIS A 50 -9.28 -2.51 11.28
C HIS A 50 -10.79 -2.34 11.32
N VAL A 51 -11.34 -1.72 10.29
CA VAL A 51 -12.77 -1.47 10.20
C VAL A 51 -13.55 -2.78 10.18
N VAL A 52 -13.24 -3.64 9.21
CA VAL A 52 -13.91 -4.92 9.08
C VAL A 52 -13.73 -5.76 10.33
N LYS A 53 -12.74 -5.41 11.14
CA LYS A 53 -12.47 -6.13 12.38
C LYS A 53 -13.43 -5.70 13.48
N TYR A 54 -13.41 -4.41 13.82
CA TYR A 54 -14.28 -3.88 14.85
C TYR A 54 -15.53 -3.24 14.24
N GLU A 55 -15.31 -2.28 13.34
CA GLU A 55 -16.41 -1.59 12.68
C GLU A 55 -16.93 -2.40 11.50
N ALA A 56 -17.01 -3.71 11.67
CA ALA A 56 -17.49 -4.59 10.62
C ALA A 56 -18.78 -4.07 10.00
N GLN A 57 -19.11 -4.55 8.81
CA GLN A 57 -20.32 -4.12 8.12
C GLN A 57 -20.91 -5.27 7.30
N GLY A 58 -22.12 -5.06 6.80
CA GLY A 58 -22.79 -6.09 6.00
C GLY A 58 -21.81 -6.89 5.17
N ASP A 59 -22.15 -8.14 4.91
CA ASP A 59 -21.31 -9.03 4.12
C ASP A 59 -20.92 -8.37 2.80
N LYS A 60 -21.94 -8.07 1.98
CA LYS A 60 -21.71 -7.44 0.68
C LYS A 60 -20.57 -6.43 0.77
N ALA A 61 -20.55 -5.65 1.84
CA ALA A 61 -19.51 -4.64 2.03
C ALA A 61 -18.19 -5.28 2.39
N LYS A 62 -18.20 -6.13 3.42
CA LYS A 62 -16.99 -6.81 3.86
C LYS A 62 -16.13 -7.25 2.67
N GLN A 63 -16.68 -8.17 1.88
CA GLN A 63 -15.96 -8.67 0.70
C GLN A 63 -15.41 -7.51 -0.13
N SER A 64 -16.18 -6.44 -0.24
CA SER A 64 -15.77 -5.27 -1.01
C SER A 64 -14.44 -4.72 -0.49
N ILE A 65 -14.39 -4.42 0.80
CA ILE A 65 -13.18 -3.89 1.41
C ILE A 65 -12.03 -4.88 1.29
N ARG A 66 -12.31 -6.15 1.57
CA ARG A 66 -11.30 -7.19 1.48
C ARG A 66 -10.64 -7.21 0.10
N ALA A 67 -11.46 -7.36 -0.93
CA ALA A 67 -10.96 -7.39 -2.31
C ALA A 67 -9.98 -6.24 -2.55
N LYS A 68 -10.34 -5.05 -2.10
CA LYS A 68 -9.51 -3.87 -2.27
C LYS A 68 -8.18 -4.03 -1.52
N CYS A 69 -8.26 -4.52 -0.29
CA CYS A 69 -7.08 -4.72 0.53
C CYS A 69 -6.02 -5.52 -0.22
N THR A 70 -6.46 -6.61 -0.86
CA THR A 70 -5.55 -7.45 -1.61
C THR A 70 -4.99 -6.73 -2.82
N GLU A 71 -5.86 -6.02 -3.54
CA GLU A 71 -5.45 -5.28 -4.72
C GLU A 71 -4.34 -4.28 -4.39
N TYR A 72 -4.67 -3.30 -3.56
CA TYR A 72 -3.70 -2.28 -3.16
C TYR A 72 -2.42 -2.93 -2.63
N LEU A 73 -2.58 -3.92 -1.76
CA LEU A 73 -1.45 -4.61 -1.18
C LEU A 73 -0.48 -5.09 -2.27
N ASP A 74 -1.02 -5.82 -3.24
CA ASP A 74 -0.21 -6.33 -4.35
C ASP A 74 0.47 -5.19 -5.10
N ARG A 75 -0.28 -4.13 -5.36
CA ARG A 75 0.25 -2.97 -6.07
C ARG A 75 1.53 -2.47 -5.42
N ALA A 76 1.49 -2.29 -4.10
CA ALA A 76 2.65 -1.81 -3.36
C ALA A 76 3.85 -2.74 -3.57
N GLU A 77 3.64 -4.04 -3.35
CA GLU A 77 4.70 -5.02 -3.52
C GLU A 77 5.57 -4.68 -4.72
N LYS A 78 4.92 -4.39 -5.85
CA LYS A 78 5.63 -4.04 -7.07
C LYS A 78 6.51 -2.81 -6.88
N LEU A 79 5.89 -1.73 -6.40
CA LEU A 79 6.60 -0.48 -6.17
C LEU A 79 7.94 -0.74 -5.49
N LYS A 80 7.95 -1.68 -4.54
CA LYS A 80 9.17 -2.02 -3.82
C LYS A 80 10.27 -2.46 -4.80
N GLU A 81 10.06 -3.59 -5.45
CA GLU A 81 11.04 -4.10 -6.41
C GLU A 81 11.59 -2.98 -7.28
N TYR A 82 10.76 -2.00 -7.58
CA TYR A 82 11.17 -0.87 -8.40
C TYR A 82 11.95 0.15 -7.57
N LEU A 83 11.57 0.29 -6.31
CA LEU A 83 12.23 1.24 -5.41
C LEU A 83 13.62 0.75 -5.04
N LYS A 84 13.83 -0.57 -5.11
CA LYS A 84 15.12 -1.16 -4.78
C LYS A 84 15.98 -1.30 -6.04
N ASN A 85 15.44 -0.87 -7.17
CA ASN A 85 16.16 -0.94 -8.44
C ASN A 85 16.86 0.38 -8.74
N LYS A 86 16.42 1.45 -8.08
CA LYS A 86 17.01 2.77 -8.28
C LYS A 86 18.06 3.06 -7.21
N GLU A 87 17.85 2.52 -6.02
CA GLU A 87 18.78 2.72 -4.91
C GLU A 87 20.21 2.44 -5.34
N LYS A 88 21.16 2.72 -4.45
CA LYS A 88 22.57 2.49 -4.74
C LYS A 88 23.28 1.90 -3.53
N LYS A 89 24.56 1.58 -3.70
CA LYS A 89 25.36 1.01 -2.62
C LYS A 89 25.00 1.65 -1.28
N ALA A 90 24.15 0.98 -0.51
CA ALA A 90 23.73 1.49 0.79
C ALA A 90 24.05 0.49 1.89
N GLN A 91 23.74 0.86 3.12
CA GLN A 91 24.00 0.00 4.27
C GLN A 91 23.14 -1.25 4.22
N LYS A 92 23.50 -2.19 3.35
CA LYS A 92 22.76 -3.43 3.21
C LYS A 92 23.71 -4.60 2.92
N PRO A 93 23.29 -5.81 3.32
CA PRO A 93 24.08 -7.02 3.11
C PRO A 93 24.16 -7.42 1.64
N VAL A 94 24.97 -8.42 1.35
CA VAL A 94 25.14 -8.91 -0.02
C VAL A 94 23.81 -8.89 -0.77
N LYS A 95 23.84 -8.42 -2.00
CA LYS A 95 22.64 -8.35 -2.83
C LYS A 95 22.90 -8.93 -4.22
N GLU A 96 21.89 -8.88 -5.07
CA GLU A 96 22.01 -9.40 -6.43
C GLU A 96 22.96 -8.55 -7.26
N GLY A 97 24.23 -8.92 -7.26
CA GLY A 97 25.23 -8.18 -8.01
C GLY A 97 25.37 -6.75 -7.53
N GLN A 98 26.33 -6.03 -8.09
CA GLN A 98 26.57 -4.64 -7.71
C GLN A 98 26.54 -3.74 -8.94
N PRO A 99 25.33 -3.37 -9.39
CA PRO A 99 25.14 -2.51 -10.55
C PRO A 99 25.56 -1.07 -10.28
N SER A 100 25.33 -0.20 -11.25
CA SER A 100 25.70 1.21 -11.12
C SER A 100 24.69 2.10 -11.83
N PRO A 101 24.56 3.35 -11.34
CA PRO A 101 23.63 4.32 -11.91
C PRO A 101 24.07 4.81 -13.30
N ALA A 102 25.28 4.42 -13.69
CA ALA A 102 25.82 4.82 -14.98
C ALA A 102 25.79 6.33 -15.16
N ASP A 103 26.28 7.05 -14.15
CA ASP A 103 26.31 8.50 -14.19
C ASP A 103 27.43 9.05 -13.30
N GLU A 104 28.23 9.94 -13.86
CA GLU A 104 29.34 10.54 -13.10
C GLU A 104 28.91 11.87 -12.47
N LYS A 105 28.75 11.86 -11.16
CA LYS A 105 28.35 13.06 -10.44
C LYS A 105 29.33 14.20 -10.68
N GLY A 106 28.87 15.22 -11.41
CA GLY A 106 29.72 16.35 -11.71
C GLY A 106 30.25 17.03 -10.46
N ASN A 107 31.01 18.11 -10.64
CA ASN A 107 31.58 18.84 -9.52
C ASN A 107 31.63 20.34 -9.81
N ASP A 108 31.77 21.13 -8.76
CA ASP A 108 31.84 22.58 -8.90
C ASP A 108 32.79 22.97 -10.04
N SER A 109 32.40 24.00 -10.79
CA SER A 109 33.22 24.47 -11.91
C SER A 109 34.02 25.70 -11.51
N ASP A 110 35.33 25.55 -11.44
CA ASP A 110 36.22 26.65 -11.07
C ASP A 110 37.68 26.25 -11.26
N GLY A 111 38.46 27.17 -11.83
CA GLY A 111 39.87 26.90 -12.06
C GLY A 111 40.62 28.12 -12.57
N SER A 112 41.62 28.55 -11.80
CA SER A 112 42.41 29.71 -12.18
C SER A 112 43.63 29.84 -11.28
N GLY A 113 44.75 30.27 -11.87
CA GLY A 113 45.98 30.43 -11.11
C GLY A 113 46.91 31.44 -11.74
N PRO A 114 47.76 32.07 -10.90
CA PRO A 114 48.72 33.08 -11.36
C PRO A 114 49.84 32.47 -12.19
N SER A 115 50.79 33.31 -12.60
CA SER A 115 51.92 32.85 -13.39
C SER A 115 53.24 33.03 -12.64
N SER A 116 54.19 32.16 -12.90
CA SER A 116 55.49 32.22 -12.25
C SER A 116 56.28 33.44 -12.72
N GLY A 117 57.45 33.65 -12.13
CA GLY A 117 58.29 34.78 -12.50
C GLY A 117 58.24 35.88 -11.47
N GLY A 1 -36.69 9.93 21.60
CA GLY A 1 -36.59 8.96 20.53
C GLY A 1 -36.28 7.56 21.04
N SER A 2 -37.27 6.68 20.98
CA SER A 2 -37.11 5.31 21.45
C SER A 2 -36.36 4.47 20.41
N SER A 3 -35.56 3.54 20.89
CA SER A 3 -34.79 2.66 20.02
C SER A 3 -35.66 2.10 18.90
N GLY A 4 -35.04 1.78 17.77
CA GLY A 4 -35.77 1.24 16.65
C GLY A 4 -35.59 2.05 15.38
N SER A 5 -35.97 3.32 15.42
CA SER A 5 -35.84 4.20 14.27
C SER A 5 -34.65 5.13 14.42
N SER A 6 -33.79 5.17 13.41
CA SER A 6 -32.60 6.02 13.45
C SER A 6 -32.38 6.68 12.09
N GLY A 7 -31.88 7.92 12.12
CA GLY A 7 -31.63 8.64 10.88
C GLY A 7 -30.54 8.00 10.04
N MET A 8 -30.27 8.59 8.89
CA MET A 8 -29.25 8.07 7.99
C MET A 8 -28.02 7.62 8.76
N SER A 9 -27.40 6.54 8.31
CA SER A 9 -26.20 6.01 8.97
C SER A 9 -24.95 6.40 8.21
N SER A 10 -24.22 7.37 8.76
CA SER A 10 -22.99 7.86 8.14
C SER A 10 -21.92 6.77 8.16
N THR A 11 -20.79 7.05 7.50
CA THR A 11 -19.69 6.11 7.44
C THR A 11 -18.64 6.40 8.50
N SER A 12 -18.14 5.36 9.14
CA SER A 12 -17.13 5.51 10.19
C SER A 12 -15.93 6.30 9.68
N PRO A 13 -15.20 6.95 10.60
CA PRO A 13 -14.03 7.75 10.27
C PRO A 13 -12.85 6.89 9.81
N ASN A 14 -12.78 5.67 10.34
CA ASN A 14 -11.70 4.75 9.97
C ASN A 14 -11.81 4.33 8.52
N LEU A 15 -13.04 4.13 8.05
CA LEU A 15 -13.28 3.73 6.67
C LEU A 15 -13.01 4.88 5.71
N GLN A 16 -13.58 6.05 6.03
CA GLN A 16 -13.40 7.23 5.20
C GLN A 16 -11.93 7.51 4.96
N LYS A 17 -11.12 7.35 6.01
CA LYS A 17 -9.69 7.60 5.91
C LYS A 17 -9.03 6.61 4.96
N ALA A 18 -9.41 5.33 5.08
CA ALA A 18 -8.85 4.29 4.23
C ALA A 18 -9.06 4.62 2.75
N ILE A 19 -10.26 5.07 2.41
CA ILE A 19 -10.58 5.43 1.04
C ILE A 19 -9.65 6.52 0.51
N ASP A 20 -9.66 7.67 1.19
CA ASP A 20 -8.81 8.79 0.79
C ASP A 20 -7.38 8.33 0.55
N LEU A 21 -6.80 7.65 1.54
CA LEU A 21 -5.43 7.16 1.43
C LEU A 21 -5.23 6.42 0.12
N ALA A 22 -5.92 5.29 -0.04
CA ALA A 22 -5.81 4.49 -1.25
C ALA A 22 -5.90 5.36 -2.50
N SER A 23 -6.79 6.35 -2.46
CA SER A 23 -6.98 7.25 -3.58
C SER A 23 -5.72 8.09 -3.83
N LYS A 24 -5.19 8.67 -2.77
CA LYS A 24 -3.99 9.49 -2.87
C LYS A 24 -2.82 8.68 -3.46
N ALA A 25 -2.67 7.45 -2.99
CA ALA A 25 -1.61 6.59 -3.48
C ALA A 25 -1.53 6.62 -5.00
N ALA A 26 -2.64 6.33 -5.65
CA ALA A 26 -2.69 6.33 -7.11
C ALA A 26 -2.21 7.67 -7.68
N GLN A 27 -2.75 8.76 -7.14
CA GLN A 27 -2.38 10.09 -7.59
C GLN A 27 -0.86 10.24 -7.67
N GLU A 28 -0.18 9.84 -6.61
CA GLU A 28 1.28 9.93 -6.55
C GLU A 28 1.91 9.08 -7.66
N ASP A 29 1.59 7.80 -7.68
CA ASP A 29 2.12 6.89 -8.68
C ASP A 29 2.13 7.54 -10.06
N LYS A 30 0.98 8.01 -10.50
CA LYS A 30 0.85 8.67 -11.80
C LYS A 30 1.77 9.88 -11.89
N ALA A 31 1.76 10.70 -10.85
CA ALA A 31 2.59 11.90 -10.80
C ALA A 31 4.06 11.54 -10.92
N GLY A 32 4.41 10.32 -10.51
CA GLY A 32 5.79 9.89 -10.57
C GLY A 32 6.35 9.52 -9.21
N ASN A 33 5.50 9.61 -8.19
CA ASN A 33 5.92 9.29 -6.83
C ASN A 33 5.56 7.85 -6.48
N TYR A 34 6.58 7.01 -6.33
CA TYR A 34 6.38 5.61 -5.99
C TYR A 34 6.52 5.38 -4.49
N GLU A 35 7.65 5.82 -3.94
CA GLU A 35 7.92 5.67 -2.51
C GLU A 35 6.77 6.23 -1.68
N GLU A 36 6.24 7.38 -2.11
CA GLU A 36 5.14 8.02 -1.40
C GLU A 36 3.84 7.26 -1.61
N ALA A 37 3.68 6.69 -2.79
CA ALA A 37 2.48 5.92 -3.11
C ALA A 37 2.47 4.59 -2.39
N LEU A 38 3.66 4.01 -2.18
CA LEU A 38 3.79 2.73 -1.51
C LEU A 38 3.15 2.78 -0.12
N GLN A 39 3.68 3.64 0.73
CA GLN A 39 3.16 3.79 2.09
C GLN A 39 1.65 3.95 2.08
N LEU A 40 1.16 4.96 1.37
CA LEU A 40 -0.27 5.21 1.27
C LEU A 40 -1.03 3.94 0.92
N TYR A 41 -0.48 3.17 -0.02
CA TYR A 41 -1.10 1.93 -0.45
C TYR A 41 -1.24 0.95 0.71
N GLN A 42 -0.23 0.92 1.57
CA GLN A 42 -0.24 0.03 2.73
C GLN A 42 -1.20 0.53 3.78
N HIS A 43 -1.05 1.80 4.17
CA HIS A 43 -1.91 2.40 5.18
C HIS A 43 -3.39 2.17 4.85
N ALA A 44 -3.77 2.50 3.62
CA ALA A 44 -5.15 2.33 3.18
C ALA A 44 -5.71 0.98 3.64
N VAL A 45 -4.90 -0.07 3.49
CA VAL A 45 -5.31 -1.41 3.88
C VAL A 45 -5.40 -1.53 5.41
N GLN A 46 -4.37 -1.04 6.09
CA GLN A 46 -4.32 -1.10 7.55
C GLN A 46 -5.63 -0.59 8.15
N TYR A 47 -6.09 0.56 7.66
CA TYR A 47 -7.32 1.16 8.16
C TYR A 47 -8.53 0.34 7.74
N PHE A 48 -8.57 -0.07 6.48
CA PHE A 48 -9.67 -0.87 5.95
C PHE A 48 -9.90 -2.10 6.82
N LEU A 49 -8.86 -2.91 6.99
CA LEU A 49 -8.96 -4.12 7.80
C LEU A 49 -9.55 -3.82 9.17
N HIS A 50 -8.91 -2.90 9.89
CA HIS A 50 -9.37 -2.53 11.22
C HIS A 50 -10.89 -2.36 11.24
N VAL A 51 -11.44 -1.87 10.14
CA VAL A 51 -12.87 -1.67 10.03
C VAL A 51 -13.61 -3.00 9.93
N VAL A 52 -13.13 -3.87 9.05
CA VAL A 52 -13.75 -5.18 8.85
C VAL A 52 -13.55 -6.06 10.08
N LYS A 53 -12.78 -5.56 11.04
CA LYS A 53 -12.51 -6.31 12.26
C LYS A 53 -13.47 -5.89 13.38
N TYR A 54 -13.46 -4.60 13.71
CA TYR A 54 -14.32 -4.07 14.75
C TYR A 54 -15.51 -3.32 14.16
N GLU A 55 -15.22 -2.35 13.30
CA GLU A 55 -16.27 -1.56 12.67
C GLU A 55 -16.83 -2.28 11.45
N ALA A 56 -16.96 -3.59 11.56
CA ALA A 56 -17.49 -4.40 10.46
C ALA A 56 -18.79 -3.83 9.93
N GLN A 57 -18.84 -3.59 8.62
CA GLN A 57 -20.04 -3.04 7.99
C GLN A 57 -21.08 -4.12 7.74
N GLY A 58 -20.78 -5.03 6.82
CA GLY A 58 -21.69 -6.10 6.50
C GLY A 58 -21.06 -7.17 5.64
N ASP A 59 -21.48 -8.42 5.84
CA ASP A 59 -20.94 -9.54 5.07
C ASP A 59 -20.64 -9.11 3.64
N LYS A 60 -21.57 -8.40 3.03
CA LYS A 60 -21.41 -7.93 1.66
C LYS A 60 -20.27 -6.91 1.57
N ALA A 61 -20.28 -5.94 2.47
CA ALA A 61 -19.24 -4.91 2.49
C ALA A 61 -17.87 -5.51 2.71
N LYS A 62 -17.73 -6.29 3.78
CA LYS A 62 -16.45 -6.92 4.11
C LYS A 62 -15.72 -7.35 2.85
N GLN A 63 -16.43 -8.07 1.98
CA GLN A 63 -15.85 -8.55 0.73
C GLN A 63 -15.45 -7.38 -0.17
N SER A 64 -16.33 -6.39 -0.25
CA SER A 64 -16.07 -5.20 -1.08
C SER A 64 -14.76 -4.54 -0.68
N ILE A 65 -14.60 -4.29 0.61
CA ILE A 65 -13.39 -3.65 1.12
C ILE A 65 -12.18 -4.56 0.95
N ARG A 66 -12.34 -5.82 1.34
CA ARG A 66 -11.26 -6.80 1.23
C ARG A 66 -10.67 -6.80 -0.17
N ALA A 67 -11.51 -7.03 -1.18
CA ALA A 67 -11.07 -7.05 -2.57
C ALA A 67 -10.05 -5.96 -2.83
N LYS A 68 -10.33 -4.76 -2.33
CA LYS A 68 -9.43 -3.63 -2.51
C LYS A 68 -8.12 -3.84 -1.78
N CYS A 69 -8.20 -4.31 -0.54
CA CYS A 69 -7.02 -4.56 0.26
C CYS A 69 -6.01 -5.42 -0.50
N THR A 70 -6.50 -6.47 -1.14
CA THR A 70 -5.64 -7.36 -1.91
C THR A 70 -5.05 -6.65 -3.12
N GLU A 71 -5.86 -5.79 -3.75
CA GLU A 71 -5.41 -5.05 -4.92
C GLU A 71 -4.32 -4.05 -4.55
N TYR A 72 -4.67 -3.09 -3.69
CA TYR A 72 -3.73 -2.07 -3.26
C TYR A 72 -2.46 -2.71 -2.68
N LEU A 73 -2.64 -3.81 -1.95
CA LEU A 73 -1.52 -4.51 -1.35
C LEU A 73 -0.57 -5.04 -2.41
N ASP A 74 -1.12 -5.69 -3.42
CA ASP A 74 -0.33 -6.24 -4.52
C ASP A 74 0.43 -5.13 -5.26
N ARG A 75 -0.24 -4.00 -5.47
CA ARG A 75 0.36 -2.88 -6.16
C ARG A 75 1.59 -2.38 -5.41
N ALA A 76 1.43 -2.13 -4.12
CA ALA A 76 2.52 -1.65 -3.29
C ALA A 76 3.71 -2.61 -3.34
N GLU A 77 3.42 -3.90 -3.38
CA GLU A 77 4.47 -4.92 -3.43
C GLU A 77 5.43 -4.65 -4.58
N LYS A 78 4.88 -4.23 -5.72
CA LYS A 78 5.68 -3.94 -6.90
C LYS A 78 6.57 -2.72 -6.67
N LEU A 79 5.95 -1.62 -6.25
CA LEU A 79 6.68 -0.38 -5.99
C LEU A 79 7.99 -0.67 -5.24
N LYS A 80 7.96 -1.67 -4.37
CA LYS A 80 9.14 -2.05 -3.60
C LYS A 80 10.22 -2.62 -4.51
N GLU A 81 9.85 -3.62 -5.31
CA GLU A 81 10.79 -4.25 -6.23
C GLU A 81 11.24 -3.28 -7.30
N TYR A 82 10.54 -2.14 -7.40
CA TYR A 82 10.88 -1.12 -8.39
C TYR A 82 11.73 -0.02 -7.78
N LEU A 83 11.48 0.27 -6.50
CA LEU A 83 12.23 1.30 -5.80
C LEU A 83 13.61 0.79 -5.38
N LYS A 84 13.67 -0.47 -5.01
CA LYS A 84 14.93 -1.08 -4.59
C LYS A 84 15.90 -1.18 -5.77
N ASN A 85 15.36 -1.37 -6.97
CA ASN A 85 16.17 -1.49 -8.17
C ASN A 85 16.90 -0.18 -8.45
N LYS A 86 16.22 0.94 -8.22
CA LYS A 86 16.79 2.25 -8.45
C LYS A 86 17.61 2.71 -7.24
N GLU A 87 17.09 2.43 -6.05
CA GLU A 87 17.77 2.81 -4.81
C GLU A 87 19.21 2.30 -4.80
N LYS A 88 20.10 3.04 -4.15
CA LYS A 88 21.50 2.66 -4.07
C LYS A 88 21.97 2.65 -2.61
N LYS A 89 22.63 1.56 -2.22
CA LYS A 89 23.13 1.42 -0.85
C LYS A 89 24.41 2.24 -0.66
N ALA A 90 24.70 2.59 0.58
CA ALA A 90 25.88 3.37 0.90
C ALA A 90 27.14 2.71 0.35
N GLN A 91 27.43 1.50 0.82
CA GLN A 91 28.60 0.76 0.37
C GLN A 91 28.52 0.48 -1.12
N LYS A 92 29.66 0.16 -1.72
CA LYS A 92 29.73 -0.15 -3.15
C LYS A 92 28.51 -0.95 -3.59
N PRO A 93 28.03 -0.69 -4.81
CA PRO A 93 26.87 -1.38 -5.38
C PRO A 93 27.16 -2.85 -5.69
N VAL A 94 26.13 -3.58 -6.09
CA VAL A 94 26.27 -4.99 -6.43
C VAL A 94 26.55 -5.18 -7.91
N LYS A 95 27.42 -6.14 -8.22
CA LYS A 95 27.78 -6.42 -9.61
C LYS A 95 26.68 -7.21 -10.31
N GLU A 96 26.33 -6.78 -11.51
CA GLU A 96 25.28 -7.45 -12.28
C GLU A 96 25.30 -6.99 -13.74
N GLY A 97 24.62 -7.74 -14.60
CA GLY A 97 24.57 -7.40 -16.01
C GLY A 97 23.41 -6.47 -16.34
N GLN A 98 23.61 -5.18 -16.12
CA GLN A 98 22.57 -4.20 -16.40
C GLN A 98 23.07 -3.12 -17.36
N PRO A 99 23.08 -3.44 -18.66
CA PRO A 99 23.53 -2.51 -19.70
C PRO A 99 22.58 -1.34 -19.89
N SER A 100 22.93 -0.44 -20.80
CA SER A 100 22.11 0.73 -21.08
C SER A 100 22.24 1.17 -22.53
N PRO A 101 21.23 1.87 -23.05
CA PRO A 101 21.22 2.37 -24.42
C PRO A 101 22.23 3.48 -24.65
N ALA A 102 22.72 3.59 -25.89
CA ALA A 102 23.70 4.61 -26.23
C ALA A 102 23.00 5.89 -26.69
N ASP A 103 23.32 7.00 -26.05
CA ASP A 103 22.74 8.29 -26.39
C ASP A 103 23.65 9.06 -27.33
N GLU A 104 23.16 10.22 -27.80
CA GLU A 104 23.94 11.05 -28.71
C GLU A 104 24.40 12.33 -28.02
N LYS A 105 25.69 12.64 -28.15
CA LYS A 105 26.26 13.83 -27.54
C LYS A 105 25.42 15.06 -27.88
N GLY A 106 25.16 15.90 -26.88
CA GLY A 106 24.38 17.10 -27.10
C GLY A 106 25.00 18.01 -28.13
N ASN A 107 26.06 18.71 -27.74
CA ASN A 107 26.74 19.62 -28.65
C ASN A 107 28.00 20.19 -28.00
N ASP A 108 28.95 20.61 -28.85
CA ASP A 108 30.20 21.17 -28.35
C ASP A 108 30.49 22.51 -29.02
N SER A 109 31.56 23.17 -28.57
CA SER A 109 31.93 24.47 -29.11
C SER A 109 33.44 24.58 -29.26
N ASP A 110 33.90 25.66 -29.88
CA ASP A 110 35.34 25.88 -30.08
C ASP A 110 35.66 27.37 -30.01
N GLY A 111 36.95 27.68 -29.91
CA GLY A 111 37.38 29.07 -29.84
C GLY A 111 37.51 29.71 -31.21
N SER A 112 38.13 30.88 -31.24
CA SER A 112 38.31 31.61 -32.49
C SER A 112 39.76 31.49 -32.97
N GLY A 113 40.03 32.06 -34.15
CA GLY A 113 41.36 32.02 -34.71
C GLY A 113 41.37 32.01 -36.22
N PRO A 114 42.47 31.55 -36.81
CA PRO A 114 42.62 31.48 -38.27
C PRO A 114 41.71 30.43 -38.90
N SER A 115 41.19 30.74 -40.09
CA SER A 115 40.31 29.83 -40.80
C SER A 115 41.00 29.25 -42.03
N SER A 116 40.37 28.26 -42.65
CA SER A 116 40.92 27.62 -43.83
C SER A 116 39.97 27.77 -45.02
N GLY A 117 38.74 27.30 -44.85
CA GLY A 117 37.76 27.39 -45.91
C GLY A 117 37.97 26.35 -47.00
N GLY A 1 -27.92 -13.03 3.49
CA GLY A 1 -28.03 -12.38 4.78
C GLY A 1 -29.37 -11.69 4.97
N SER A 2 -29.35 -10.36 4.98
CA SER A 2 -30.57 -9.59 5.16
C SER A 2 -30.57 -8.36 4.26
N SER A 3 -31.74 -7.74 4.12
CA SER A 3 -31.89 -6.55 3.29
C SER A 3 -31.33 -5.32 3.99
N GLY A 4 -31.04 -4.28 3.22
CA GLY A 4 -30.51 -3.06 3.79
C GLY A 4 -31.55 -1.94 3.85
N SER A 5 -31.40 -1.06 4.84
CA SER A 5 -32.33 0.05 5.01
C SER A 5 -31.69 1.37 4.58
N SER A 6 -32.48 2.21 3.92
CA SER A 6 -31.99 3.50 3.45
C SER A 6 -32.34 4.61 4.44
N GLY A 7 -31.53 5.67 4.45
CA GLY A 7 -31.77 6.78 5.34
C GLY A 7 -30.57 7.69 5.47
N MET A 8 -30.25 8.09 6.69
CA MET A 8 -29.11 8.97 6.93
C MET A 8 -28.15 8.35 7.94
N SER A 9 -26.89 8.23 7.56
CA SER A 9 -25.87 7.65 8.43
C SER A 9 -24.47 7.91 7.88
N SER A 10 -23.60 8.47 8.72
CA SER A 10 -22.24 8.77 8.31
C SER A 10 -21.35 7.54 8.42
N THR A 11 -20.30 7.50 7.61
CA THR A 11 -19.37 6.37 7.61
C THR A 11 -18.29 6.54 8.65
N SER A 12 -17.88 5.44 9.27
CA SER A 12 -16.85 5.47 10.30
C SER A 12 -15.65 6.31 9.85
N PRO A 13 -14.92 6.85 10.82
CA PRO A 13 -13.74 7.68 10.55
C PRO A 13 -12.58 6.87 9.99
N ASN A 14 -12.28 5.74 10.64
CA ASN A 14 -11.19 4.88 10.20
C ASN A 14 -11.39 4.44 8.74
N LEU A 15 -12.64 4.17 8.38
CA LEU A 15 -12.96 3.75 7.03
C LEU A 15 -12.75 4.88 6.04
N GLN A 16 -13.43 6.00 6.28
CA GLN A 16 -13.31 7.16 5.40
C GLN A 16 -11.85 7.45 5.06
N LYS A 17 -11.01 7.50 6.09
CA LYS A 17 -9.59 7.76 5.90
C LYS A 17 -8.97 6.74 4.96
N ALA A 18 -9.43 5.49 5.06
CA ALA A 18 -8.92 4.42 4.21
C ALA A 18 -9.15 4.72 2.74
N ILE A 19 -10.33 5.26 2.42
CA ILE A 19 -10.67 5.59 1.05
C ILE A 19 -9.74 6.67 0.49
N ASP A 20 -9.65 7.79 1.21
CA ASP A 20 -8.79 8.89 0.80
C ASP A 20 -7.35 8.41 0.57
N LEU A 21 -6.81 7.72 1.56
CA LEU A 21 -5.45 7.20 1.48
C LEU A 21 -5.25 6.40 0.20
N ALA A 22 -6.02 5.32 0.05
CA ALA A 22 -5.93 4.48 -1.13
C ALA A 22 -6.00 5.31 -2.41
N SER A 23 -6.89 6.28 -2.43
CA SER A 23 -7.06 7.15 -3.59
C SER A 23 -5.79 7.97 -3.84
N LYS A 24 -5.26 8.55 -2.78
CA LYS A 24 -4.05 9.36 -2.87
C LYS A 24 -2.91 8.57 -3.49
N ALA A 25 -2.73 7.33 -3.03
CA ALA A 25 -1.68 6.47 -3.54
C ALA A 25 -1.57 6.57 -5.05
N ALA A 26 -2.65 6.22 -5.75
CA ALA A 26 -2.68 6.29 -7.20
C ALA A 26 -2.18 7.63 -7.72
N GLN A 27 -2.86 8.70 -7.28
CA GLN A 27 -2.49 10.04 -7.70
C GLN A 27 -0.97 10.20 -7.76
N GLU A 28 -0.31 9.88 -6.66
CA GLU A 28 1.14 9.98 -6.59
C GLU A 28 1.81 9.18 -7.71
N ASP A 29 1.46 7.89 -7.77
CA ASP A 29 2.02 7.00 -8.79
C ASP A 29 2.02 7.69 -10.16
N LYS A 30 0.84 8.03 -10.64
CA LYS A 30 0.69 8.68 -11.94
C LYS A 30 1.61 9.90 -12.03
N ALA A 31 1.61 10.72 -11.00
CA ALA A 31 2.45 11.92 -10.96
C ALA A 31 3.92 11.56 -11.09
N GLY A 32 4.29 10.40 -10.56
CA GLY A 32 5.68 9.96 -10.62
C GLY A 32 6.26 9.67 -9.25
N ASN A 33 5.39 9.56 -8.25
CA ASN A 33 5.82 9.28 -6.88
C ASN A 33 5.51 7.84 -6.50
N TYR A 34 6.55 7.03 -6.35
CA TYR A 34 6.38 5.63 -5.98
C TYR A 34 6.55 5.44 -4.48
N GLU A 35 7.58 6.07 -3.92
CA GLU A 35 7.86 5.96 -2.49
C GLU A 35 6.66 6.43 -1.67
N GLU A 36 6.04 7.52 -2.11
CA GLU A 36 4.88 8.07 -1.40
C GLU A 36 3.66 7.19 -1.62
N ALA A 37 3.47 6.74 -2.86
CA ALA A 37 2.33 5.89 -3.19
C ALA A 37 2.38 4.57 -2.42
N LEU A 38 3.58 4.01 -2.29
CA LEU A 38 3.76 2.76 -1.59
C LEU A 38 3.17 2.85 -0.17
N GLN A 39 3.69 3.79 0.62
CA GLN A 39 3.21 3.97 1.98
C GLN A 39 1.69 4.06 2.03
N LEU A 40 1.13 4.96 1.22
CA LEU A 40 -0.31 5.15 1.16
C LEU A 40 -1.03 3.82 0.92
N TYR A 41 -0.57 3.09 -0.09
CA TYR A 41 -1.15 1.80 -0.43
C TYR A 41 -1.19 0.88 0.79
N GLN A 42 -0.10 0.89 1.55
CA GLN A 42 0.00 0.04 2.74
C GLN A 42 -0.93 0.56 3.85
N HIS A 43 -0.93 1.87 4.05
CA HIS A 43 -1.77 2.48 5.07
C HIS A 43 -3.25 2.20 4.80
N ALA A 44 -3.72 2.61 3.64
CA ALA A 44 -5.11 2.41 3.25
C ALA A 44 -5.61 1.04 3.72
N VAL A 45 -4.83 0.00 3.45
CA VAL A 45 -5.19 -1.35 3.85
C VAL A 45 -5.26 -1.48 5.37
N GLN A 46 -4.23 -0.98 6.05
CA GLN A 46 -4.18 -1.05 7.50
C GLN A 46 -5.47 -0.51 8.11
N TYR A 47 -6.01 0.53 7.51
CA TYR A 47 -7.25 1.15 8.00
C TYR A 47 -8.47 0.33 7.57
N PHE A 48 -8.52 0.00 6.29
CA PHE A 48 -9.62 -0.79 5.75
C PHE A 48 -9.87 -2.04 6.58
N LEU A 49 -8.79 -2.59 7.13
CA LEU A 49 -8.88 -3.79 7.96
C LEU A 49 -9.49 -3.48 9.32
N HIS A 50 -8.81 -2.62 10.08
CA HIS A 50 -9.29 -2.23 11.40
C HIS A 50 -10.79 -2.01 11.40
N VAL A 51 -11.33 -1.62 10.25
CA VAL A 51 -12.75 -1.37 10.11
C VAL A 51 -13.53 -2.68 10.02
N VAL A 52 -13.05 -3.59 9.19
CA VAL A 52 -13.69 -4.89 9.02
C VAL A 52 -13.46 -5.79 10.23
N LYS A 53 -12.42 -5.49 10.98
CA LYS A 53 -12.08 -6.27 12.18
C LYS A 53 -13.26 -6.32 13.13
N TYR A 54 -13.57 -5.19 13.75
CA TYR A 54 -14.68 -5.09 14.69
C TYR A 54 -15.77 -4.17 14.17
N GLU A 55 -15.36 -3.13 13.43
CA GLU A 55 -16.29 -2.17 12.87
C GLU A 55 -16.94 -2.70 11.60
N ALA A 56 -16.73 -3.99 11.34
CA ALA A 56 -17.29 -4.62 10.15
C ALA A 56 -18.71 -4.17 9.90
N GLN A 57 -19.15 -4.26 8.65
CA GLN A 57 -20.51 -3.86 8.29
C GLN A 57 -21.37 -5.08 7.95
N GLY A 58 -21.00 -5.80 6.90
CA GLY A 58 -21.74 -6.97 6.50
C GLY A 58 -21.01 -7.80 5.47
N ASP A 59 -21.44 -9.05 5.31
CA ASP A 59 -20.82 -9.96 4.34
C ASP A 59 -20.51 -9.22 3.04
N LYS A 60 -21.54 -8.62 2.45
CA LYS A 60 -21.38 -7.90 1.19
C LYS A 60 -20.34 -6.79 1.33
N ALA A 61 -20.49 -5.98 2.37
CA ALA A 61 -19.56 -4.88 2.62
C ALA A 61 -18.12 -5.39 2.73
N LYS A 62 -17.87 -6.20 3.75
CA LYS A 62 -16.53 -6.76 3.96
C LYS A 62 -15.89 -7.16 2.64
N GLN A 63 -16.50 -8.13 1.97
CA GLN A 63 -15.99 -8.61 0.69
C GLN A 63 -15.49 -7.45 -0.17
N SER A 64 -16.28 -6.37 -0.21
CA SER A 64 -15.92 -5.21 -0.99
C SER A 64 -14.59 -4.63 -0.54
N ILE A 65 -14.51 -4.27 0.74
CA ILE A 65 -13.29 -3.72 1.31
C ILE A 65 -12.11 -4.66 1.11
N ARG A 66 -12.27 -5.90 1.53
CA ARG A 66 -11.22 -6.90 1.40
C ARG A 66 -10.68 -6.93 -0.03
N ALA A 67 -11.58 -7.00 -1.00
CA ALA A 67 -11.19 -7.04 -2.41
C ALA A 67 -10.16 -5.96 -2.72
N LYS A 68 -10.36 -4.78 -2.13
CA LYS A 68 -9.46 -3.65 -2.36
C LYS A 68 -8.11 -3.91 -1.69
N CYS A 69 -8.15 -4.43 -0.46
CA CYS A 69 -6.94 -4.72 0.28
C CYS A 69 -5.97 -5.58 -0.54
N THR A 70 -6.52 -6.59 -1.21
CA THR A 70 -5.71 -7.48 -2.03
C THR A 70 -5.17 -6.76 -3.26
N GLU A 71 -6.00 -5.93 -3.87
CA GLU A 71 -5.60 -5.18 -5.05
C GLU A 71 -4.48 -4.19 -4.71
N TYR A 72 -4.73 -3.32 -3.75
CA TYR A 72 -3.76 -2.33 -3.33
C TYR A 72 -2.47 -3.00 -2.84
N LEU A 73 -2.63 -4.13 -2.16
CA LEU A 73 -1.48 -4.87 -1.64
C LEU A 73 -0.59 -5.36 -2.78
N ASP A 74 -1.22 -5.90 -3.82
CA ASP A 74 -0.48 -6.40 -4.98
C ASP A 74 0.30 -5.29 -5.65
N ARG A 75 -0.31 -4.12 -5.78
CA ARG A 75 0.32 -2.97 -6.41
C ARG A 75 1.59 -2.58 -5.65
N ALA A 76 1.43 -2.25 -4.37
CA ALA A 76 2.56 -1.86 -3.53
C ALA A 76 3.73 -2.83 -3.70
N GLU A 77 3.42 -4.12 -3.67
CA GLU A 77 4.46 -5.14 -3.80
C GLU A 77 5.40 -4.81 -4.95
N LYS A 78 4.84 -4.29 -6.04
CA LYS A 78 5.63 -3.92 -7.20
C LYS A 78 6.48 -2.69 -6.92
N LEU A 79 5.86 -1.65 -6.38
CA LEU A 79 6.55 -0.42 -6.06
C LEU A 79 7.85 -0.69 -5.30
N LYS A 80 7.80 -1.69 -4.42
CA LYS A 80 8.97 -2.06 -3.64
C LYS A 80 10.09 -2.58 -4.53
N GLU A 81 9.77 -3.60 -5.33
CA GLU A 81 10.75 -4.20 -6.24
C GLU A 81 11.31 -3.15 -7.19
N TYR A 82 10.60 -2.03 -7.31
CA TYR A 82 11.03 -0.95 -8.19
C TYR A 82 11.83 0.10 -7.43
N LEU A 83 11.49 0.29 -6.16
CA LEU A 83 12.17 1.26 -5.32
C LEU A 83 13.53 0.73 -4.87
N LYS A 84 13.56 -0.54 -4.46
CA LYS A 84 14.79 -1.16 -4.01
C LYS A 84 15.81 -1.24 -5.14
N ASN A 85 15.32 -1.43 -6.36
CA ASN A 85 16.19 -1.52 -7.54
C ASN A 85 16.69 -0.14 -7.94
N LYS A 86 16.02 0.90 -7.43
CA LYS A 86 16.40 2.27 -7.75
C LYS A 86 17.52 2.76 -6.84
N GLU A 87 17.28 2.71 -5.53
CA GLU A 87 18.27 3.14 -4.55
C GLU A 87 19.64 2.54 -4.87
N LYS A 88 20.69 3.32 -4.62
CA LYS A 88 22.05 2.88 -4.87
C LYS A 88 22.48 1.82 -3.86
N LYS A 89 22.44 0.55 -4.28
CA LYS A 89 22.82 -0.56 -3.41
C LYS A 89 23.86 -1.44 -4.09
N ALA A 90 24.55 -2.25 -3.30
CA ALA A 90 25.57 -3.15 -3.82
C ALA A 90 24.94 -4.45 -4.32
N GLN A 91 25.70 -5.19 -5.12
CA GLN A 91 25.22 -6.46 -5.67
C GLN A 91 24.90 -7.45 -4.55
N LYS A 92 23.61 -7.54 -4.20
CA LYS A 92 23.17 -8.44 -3.14
C LYS A 92 23.71 -9.86 -3.38
N PRO A 93 23.99 -10.57 -2.28
CA PRO A 93 24.52 -11.93 -2.33
C PRO A 93 23.48 -12.93 -2.84
N VAL A 94 23.88 -13.79 -3.77
CA VAL A 94 22.99 -14.79 -4.33
C VAL A 94 23.05 -16.09 -3.54
N LYS A 95 21.88 -16.68 -3.30
CA LYS A 95 21.81 -17.93 -2.55
C LYS A 95 22.16 -19.12 -3.43
N GLU A 96 22.36 -20.28 -2.81
CA GLU A 96 22.70 -21.50 -3.54
C GLU A 96 21.47 -22.36 -3.77
N GLY A 97 21.39 -22.98 -4.94
CA GLY A 97 20.27 -23.84 -5.26
C GLY A 97 19.01 -23.04 -5.55
N GLN A 98 18.79 -22.73 -6.83
CA GLN A 98 17.61 -21.96 -7.24
C GLN A 98 16.54 -22.89 -7.80
N PRO A 99 15.27 -22.55 -7.53
CA PRO A 99 14.13 -23.34 -8.01
C PRO A 99 13.94 -23.22 -9.52
N SER A 100 13.93 -22.00 -10.03
CA SER A 100 13.75 -21.75 -11.46
C SER A 100 14.08 -20.31 -11.80
N PRO A 101 14.42 -20.07 -13.08
CA PRO A 101 14.76 -18.73 -13.57
C PRO A 101 13.54 -17.81 -13.62
N ALA A 102 13.74 -16.55 -13.21
CA ALA A 102 12.67 -15.56 -13.21
C ALA A 102 12.48 -14.95 -14.59
N ASP A 103 11.23 -14.77 -14.98
CA ASP A 103 10.91 -14.19 -16.28
C ASP A 103 11.75 -12.95 -16.54
N GLU A 104 12.28 -12.83 -17.76
CA GLU A 104 13.10 -11.69 -18.14
C GLU A 104 12.24 -10.50 -18.54
N LYS A 105 12.60 -9.32 -18.03
CA LYS A 105 11.87 -8.10 -18.34
C LYS A 105 12.69 -7.16 -19.21
N GLY A 106 12.62 -7.37 -20.52
CA GLY A 106 13.37 -6.53 -21.45
C GLY A 106 12.50 -6.03 -22.59
N ASN A 107 12.83 -4.84 -23.08
CA ASN A 107 12.08 -4.25 -24.18
C ASN A 107 12.97 -4.05 -25.41
N ASP A 108 12.35 -4.03 -26.59
CA ASP A 108 13.09 -3.85 -27.83
C ASP A 108 13.18 -2.38 -28.21
N SER A 109 13.90 -2.09 -29.28
CA SER A 109 14.07 -0.72 -29.74
C SER A 109 13.42 -0.52 -31.11
N ASP A 110 12.64 0.54 -31.23
CA ASP A 110 11.95 0.85 -32.48
C ASP A 110 11.67 2.34 -32.60
N GLY A 111 11.40 2.79 -33.81
CA GLY A 111 11.11 4.21 -34.04
C GLY A 111 10.56 4.47 -35.42
N SER A 112 10.42 5.75 -35.76
CA SER A 112 9.89 6.13 -37.06
C SER A 112 11.01 6.32 -38.08
N GLY A 113 10.71 6.08 -39.35
CA GLY A 113 11.70 6.22 -40.39
C GLY A 113 12.02 7.68 -40.70
N PRO A 114 13.29 7.94 -41.07
CA PRO A 114 13.74 9.30 -41.39
C PRO A 114 13.15 9.82 -42.69
N SER A 115 12.74 11.08 -42.69
CA SER A 115 12.15 11.69 -43.87
C SER A 115 12.22 13.22 -43.78
N SER A 116 12.19 13.87 -44.93
CA SER A 116 12.25 15.33 -44.99
C SER A 116 10.96 15.95 -44.46
N GLY A 117 9.83 15.46 -44.96
CA GLY A 117 8.55 15.98 -44.52
C GLY A 117 7.53 16.03 -45.65
N GLY A 1 -30.54 -6.84 -1.33
CA GLY A 1 -31.41 -6.29 -0.31
C GLY A 1 -32.58 -5.52 -0.91
N SER A 2 -32.81 -4.32 -0.40
CA SER A 2 -33.91 -3.48 -0.88
C SER A 2 -33.37 -2.21 -1.54
N SER A 3 -33.96 -1.86 -2.68
CA SER A 3 -33.54 -0.66 -3.40
C SER A 3 -33.78 0.60 -2.56
N GLY A 4 -32.90 1.58 -2.74
CA GLY A 4 -33.02 2.82 -2.00
C GLY A 4 -32.83 2.61 -0.50
N SER A 5 -33.70 3.25 0.29
CA SER A 5 -33.62 3.15 1.75
C SER A 5 -32.28 3.66 2.26
N SER A 6 -31.86 4.80 1.74
CA SER A 6 -30.59 5.40 2.14
C SER A 6 -30.73 6.91 2.31
N GLY A 7 -29.91 7.48 3.17
CA GLY A 7 -29.95 8.91 3.42
C GLY A 7 -28.63 9.46 3.93
N MET A 8 -28.67 10.12 5.08
CA MET A 8 -27.47 10.69 5.67
C MET A 8 -26.78 9.69 6.58
N SER A 9 -25.73 9.06 6.08
CA SER A 9 -24.98 8.08 6.87
C SER A 9 -23.58 8.59 7.20
N SER A 10 -23.32 8.77 8.48
CA SER A 10 -22.02 9.26 8.95
C SER A 10 -21.02 8.12 9.05
N THR A 11 -20.17 7.98 8.04
CA THR A 11 -19.17 6.93 8.01
C THR A 11 -18.14 7.12 9.13
N SER A 12 -17.51 6.02 9.54
CA SER A 12 -16.52 6.07 10.61
C SER A 12 -15.26 6.80 10.14
N PRO A 13 -14.51 7.35 11.10
CA PRO A 13 -13.27 8.09 10.83
C PRO A 13 -12.15 7.17 10.35
N ASN A 14 -12.22 5.90 10.75
CA ASN A 14 -11.21 4.93 10.35
C ASN A 14 -11.39 4.50 8.90
N LEU A 15 -12.64 4.29 8.51
CA LEU A 15 -12.96 3.88 7.15
C LEU A 15 -12.74 5.03 6.16
N GLN A 16 -13.20 6.22 6.54
CA GLN A 16 -13.04 7.40 5.69
C GLN A 16 -11.58 7.61 5.32
N LYS A 17 -10.72 7.58 6.32
CA LYS A 17 -9.28 7.77 6.10
C LYS A 17 -8.76 6.77 5.07
N ALA A 18 -9.10 5.50 5.25
CA ALA A 18 -8.67 4.46 4.34
C ALA A 18 -8.98 4.82 2.90
N ILE A 19 -10.20 5.29 2.65
CA ILE A 19 -10.61 5.68 1.32
C ILE A 19 -9.70 6.77 0.75
N ASP A 20 -9.67 7.91 1.42
CA ASP A 20 -8.84 9.04 0.99
C ASP A 20 -7.42 8.57 0.69
N LEU A 21 -6.82 7.88 1.64
CA LEU A 21 -5.45 7.39 1.48
C LEU A 21 -5.31 6.61 0.17
N ALA A 22 -6.02 5.49 0.08
CA ALA A 22 -5.98 4.66 -1.12
C ALA A 22 -6.07 5.52 -2.39
N SER A 23 -6.96 6.50 -2.37
CA SER A 23 -7.15 7.38 -3.52
C SER A 23 -5.87 8.15 -3.82
N LYS A 24 -5.26 8.69 -2.77
CA LYS A 24 -4.02 9.46 -2.91
C LYS A 24 -2.92 8.60 -3.54
N ALA A 25 -2.79 7.38 -3.06
CA ALA A 25 -1.78 6.46 -3.56
C ALA A 25 -1.76 6.47 -5.09
N ALA A 26 -2.93 6.54 -5.69
CA ALA A 26 -3.04 6.56 -7.15
C ALA A 26 -2.56 7.89 -7.72
N GLN A 27 -2.93 8.98 -7.06
CA GLN A 27 -2.52 10.31 -7.51
C GLN A 27 -1.01 10.42 -7.61
N GLU A 28 -0.32 9.97 -6.55
CA GLU A 28 1.14 10.04 -6.52
C GLU A 28 1.74 9.18 -7.63
N ASP A 29 1.28 7.94 -7.73
CA ASP A 29 1.77 7.02 -8.75
C ASP A 29 1.69 7.66 -10.15
N LYS A 30 0.54 8.27 -10.44
CA LYS A 30 0.33 8.92 -11.72
C LYS A 30 1.29 10.09 -11.91
N ALA A 31 1.48 10.87 -10.84
CA ALA A 31 2.38 12.03 -10.89
C ALA A 31 3.82 11.59 -11.09
N GLY A 32 4.19 10.45 -10.49
CA GLY A 32 5.54 9.95 -10.61
C GLY A 32 6.15 9.61 -9.27
N ASN A 33 5.34 9.65 -8.22
CA ASN A 33 5.81 9.33 -6.88
C ASN A 33 5.47 7.90 -6.50
N TYR A 34 6.48 7.04 -6.50
CA TYR A 34 6.30 5.63 -6.16
C TYR A 34 6.51 5.39 -4.68
N GLU A 35 7.46 6.12 -4.10
CA GLU A 35 7.75 6.00 -2.67
C GLU A 35 6.57 6.43 -1.82
N GLU A 36 5.93 7.53 -2.22
CA GLU A 36 4.78 8.06 -1.50
C GLU A 36 3.54 7.22 -1.78
N ALA A 37 3.42 6.74 -3.02
CA ALA A 37 2.28 5.93 -3.41
C ALA A 37 2.27 4.59 -2.69
N LEU A 38 3.46 4.10 -2.35
CA LEU A 38 3.59 2.83 -1.64
C LEU A 38 3.01 2.92 -0.23
N GLN A 39 3.66 3.69 0.62
CA GLN A 39 3.21 3.87 1.99
C GLN A 39 1.71 4.12 2.04
N LEU A 40 1.21 4.91 1.10
CA LEU A 40 -0.21 5.23 1.02
C LEU A 40 -1.03 3.99 0.66
N TYR A 41 -0.46 3.14 -0.17
CA TYR A 41 -1.14 1.91 -0.59
C TYR A 41 -1.25 0.93 0.56
N GLN A 42 -0.22 0.89 1.40
CA GLN A 42 -0.21 -0.02 2.55
C GLN A 42 -1.15 0.48 3.64
N HIS A 43 -1.04 1.76 3.97
CA HIS A 43 -1.89 2.37 5.00
C HIS A 43 -3.37 2.15 4.69
N ALA A 44 -3.79 2.63 3.53
CA ALA A 44 -5.19 2.48 3.12
C ALA A 44 -5.76 1.14 3.55
N VAL A 45 -5.00 0.08 3.29
CA VAL A 45 -5.42 -1.28 3.65
C VAL A 45 -5.50 -1.44 5.17
N GLN A 46 -4.43 -1.04 5.86
CA GLN A 46 -4.38 -1.14 7.31
C GLN A 46 -5.67 -0.62 7.94
N TYR A 47 -6.11 0.54 7.48
CA TYR A 47 -7.32 1.15 7.99
C TYR A 47 -8.56 0.36 7.59
N PHE A 48 -8.64 0.01 6.30
CA PHE A 48 -9.76 -0.76 5.78
C PHE A 48 -10.02 -1.99 6.65
N LEU A 49 -8.96 -2.76 6.91
CA LEU A 49 -9.08 -3.96 7.73
C LEU A 49 -9.66 -3.63 9.11
N HIS A 50 -8.93 -2.82 9.87
CA HIS A 50 -9.37 -2.43 11.20
C HIS A 50 -10.88 -2.23 11.24
N VAL A 51 -11.42 -1.62 10.19
CA VAL A 51 -12.86 -1.36 10.10
C VAL A 51 -13.64 -2.67 10.05
N VAL A 52 -13.37 -3.47 9.02
CA VAL A 52 -14.06 -4.75 8.85
C VAL A 52 -13.91 -5.61 10.10
N LYS A 53 -12.88 -5.35 10.88
CA LYS A 53 -12.63 -6.10 12.10
C LYS A 53 -13.56 -5.64 13.23
N TYR A 54 -13.49 -4.35 13.55
CA TYR A 54 -14.32 -3.78 14.60
C TYR A 54 -15.53 -3.07 14.00
N GLU A 55 -15.27 -2.07 13.17
CA GLU A 55 -16.34 -1.30 12.54
C GLU A 55 -16.87 -2.03 11.32
N ALA A 56 -17.01 -3.35 11.43
CA ALA A 56 -17.51 -4.16 10.33
C ALA A 56 -18.93 -3.74 9.94
N GLN A 57 -19.39 -4.23 8.79
CA GLN A 57 -20.73 -3.91 8.31
C GLN A 57 -21.52 -5.18 8.03
N GLY A 58 -21.09 -5.92 7.01
CA GLY A 58 -21.78 -7.15 6.65
C GLY A 58 -20.98 -7.99 5.67
N ASP A 59 -21.25 -9.29 5.65
CA ASP A 59 -20.55 -10.21 4.76
C ASP A 59 -20.24 -9.54 3.42
N LYS A 60 -21.27 -8.98 2.80
CA LYS A 60 -21.11 -8.31 1.51
C LYS A 60 -20.10 -7.17 1.62
N ALA A 61 -20.50 -6.11 2.31
CA ALA A 61 -19.62 -4.95 2.49
C ALA A 61 -18.16 -5.38 2.68
N LYS A 62 -17.95 -6.29 3.62
CA LYS A 62 -16.61 -6.79 3.90
C LYS A 62 -15.93 -7.27 2.62
N GLN A 63 -16.50 -8.29 1.99
CA GLN A 63 -15.95 -8.84 0.75
C GLN A 63 -15.46 -7.73 -0.16
N SER A 64 -16.23 -6.64 -0.25
CA SER A 64 -15.88 -5.51 -1.09
C SER A 64 -14.54 -4.92 -0.67
N ILE A 65 -14.48 -4.43 0.57
CA ILE A 65 -13.27 -3.83 1.10
C ILE A 65 -12.08 -4.78 0.95
N ARG A 66 -12.29 -6.05 1.29
CA ARG A 66 -11.24 -7.05 1.20
C ARG A 66 -10.65 -7.10 -0.21
N ALA A 67 -11.53 -7.19 -1.21
CA ALA A 67 -11.10 -7.24 -2.60
C ALA A 67 -10.09 -6.14 -2.90
N LYS A 68 -10.36 -4.94 -2.39
CA LYS A 68 -9.47 -3.80 -2.59
C LYS A 68 -8.13 -4.01 -1.89
N CYS A 69 -8.19 -4.50 -0.66
CA CYS A 69 -6.99 -4.74 0.12
C CYS A 69 -5.99 -5.58 -0.67
N THR A 70 -6.48 -6.63 -1.31
CA THR A 70 -5.62 -7.51 -2.10
C THR A 70 -5.08 -6.79 -3.33
N GLU A 71 -5.93 -5.99 -3.97
CA GLU A 71 -5.53 -5.24 -5.16
C GLU A 71 -4.41 -4.26 -4.82
N TYR A 72 -4.68 -3.35 -3.90
CA TYR A 72 -3.70 -2.35 -3.49
C TYR A 72 -2.44 -3.02 -2.97
N LEU A 73 -2.60 -4.09 -2.21
CA LEU A 73 -1.47 -4.82 -1.65
C LEU A 73 -0.53 -5.28 -2.75
N ASP A 74 -1.09 -5.87 -3.80
CA ASP A 74 -0.29 -6.36 -4.92
C ASP A 74 0.45 -5.21 -5.60
N ARG A 75 -0.25 -4.09 -5.79
CA ARG A 75 0.34 -2.92 -6.43
C ARG A 75 1.58 -2.45 -5.67
N ALA A 76 1.42 -2.23 -4.37
CA ALA A 76 2.51 -1.78 -3.54
C ALA A 76 3.71 -2.72 -3.63
N GLU A 77 3.44 -4.02 -3.48
CA GLU A 77 4.49 -5.03 -3.54
C GLU A 77 5.54 -4.65 -4.58
N LYS A 78 5.08 -4.34 -5.79
CA LYS A 78 5.97 -3.98 -6.88
C LYS A 78 6.78 -2.73 -6.51
N LEU A 79 6.08 -1.63 -6.24
CA LEU A 79 6.74 -0.38 -5.87
C LEU A 79 7.98 -0.64 -5.02
N LYS A 80 7.95 -1.72 -4.26
CA LYS A 80 9.07 -2.09 -3.40
C LYS A 80 10.22 -2.66 -4.23
N GLU A 81 9.92 -3.66 -5.05
CA GLU A 81 10.93 -4.28 -5.89
C GLU A 81 11.51 -3.28 -6.89
N TYR A 82 10.79 -2.18 -7.09
CA TYR A 82 11.22 -1.14 -8.02
C TYR A 82 11.98 -0.04 -7.29
N LEU A 83 11.60 0.21 -6.04
CA LEU A 83 12.25 1.24 -5.24
C LEU A 83 13.60 0.76 -4.73
N LYS A 84 13.73 -0.55 -4.55
CA LYS A 84 14.97 -1.14 -4.06
C LYS A 84 15.98 -1.30 -5.20
N ASN A 85 15.49 -1.70 -6.37
CA ASN A 85 16.34 -1.89 -7.54
C ASN A 85 16.95 -0.57 -7.98
N LYS A 86 16.18 0.51 -7.86
CA LYS A 86 16.65 1.83 -8.25
C LYS A 86 17.91 2.21 -7.48
N GLU A 87 17.82 2.22 -6.16
CA GLU A 87 18.96 2.56 -5.32
C GLU A 87 20.25 2.00 -5.90
N LYS A 88 21.23 2.88 -6.10
CA LYS A 88 22.52 2.47 -6.64
C LYS A 88 23.16 1.39 -5.77
N LYS A 89 24.14 0.68 -6.34
CA LYS A 89 24.84 -0.38 -5.62
C LYS A 89 24.97 -0.02 -4.14
N ALA A 90 24.43 -0.88 -3.28
CA ALA A 90 24.51 -0.66 -1.83
C ALA A 90 25.92 -0.91 -1.32
N GLN A 91 26.19 -0.42 -0.11
CA GLN A 91 27.50 -0.59 0.50
C GLN A 91 28.08 -1.97 0.19
N LYS A 92 29.40 -2.05 0.10
CA LYS A 92 30.07 -3.30 -0.20
C LYS A 92 29.38 -4.47 0.51
N PRO A 93 29.35 -5.63 -0.16
CA PRO A 93 28.72 -6.84 0.39
C PRO A 93 29.51 -7.43 1.54
N VAL A 94 28.86 -8.29 2.33
CA VAL A 94 29.51 -8.93 3.47
C VAL A 94 29.80 -10.39 3.19
N LYS A 95 30.98 -10.65 2.65
CA LYS A 95 31.40 -12.02 2.33
C LYS A 95 32.88 -12.22 2.62
N GLU A 96 33.19 -13.25 3.40
CA GLU A 96 34.57 -13.56 3.76
C GLU A 96 35.25 -12.35 4.39
N GLY A 97 34.59 -11.75 5.37
CA GLY A 97 35.14 -10.58 6.04
C GLY A 97 34.66 -10.47 7.47
N GLN A 98 33.35 -10.38 7.66
CA GLN A 98 32.77 -10.26 9.00
C GLN A 98 31.57 -11.20 9.15
N PRO A 99 31.44 -11.79 10.35
CA PRO A 99 30.35 -12.70 10.67
C PRO A 99 29.00 -11.99 10.75
N SER A 100 28.27 -11.96 9.64
CA SER A 100 26.97 -11.31 9.59
C SER A 100 26.23 -11.68 8.31
N PRO A 101 24.89 -11.69 8.39
CA PRO A 101 24.04 -12.02 7.24
C PRO A 101 24.06 -10.94 6.17
N ALA A 102 23.88 -11.35 4.92
CA ALA A 102 23.89 -10.41 3.80
C ALA A 102 22.99 -10.90 2.67
N ASP A 103 22.37 -9.96 1.97
CA ASP A 103 21.48 -10.30 0.85
C ASP A 103 21.54 -9.22 -0.24
N GLU A 104 21.41 -9.65 -1.48
CA GLU A 104 21.45 -8.72 -2.61
C GLU A 104 20.67 -9.28 -3.80
N LYS A 105 19.69 -8.52 -4.27
CA LYS A 105 18.87 -8.93 -5.41
C LYS A 105 19.18 -8.10 -6.64
N GLY A 106 18.97 -8.68 -7.82
CA GLY A 106 19.25 -7.97 -9.06
C GLY A 106 20.29 -8.67 -9.91
N ASN A 107 19.91 -9.81 -10.47
CA ASN A 107 20.82 -10.58 -11.31
C ASN A 107 21.23 -9.78 -12.54
N ASP A 108 20.24 -9.34 -13.32
CA ASP A 108 20.50 -8.56 -14.52
C ASP A 108 20.22 -7.08 -14.28
N SER A 109 21.28 -6.32 -14.06
CA SER A 109 21.16 -4.89 -13.80
C SER A 109 21.43 -4.09 -15.08
N ASP A 110 20.71 -2.98 -15.25
CA ASP A 110 20.87 -2.13 -16.41
C ASP A 110 21.82 -0.97 -16.11
N GLY A 111 21.53 -0.23 -15.04
CA GLY A 111 22.37 0.89 -14.66
C GLY A 111 21.56 2.15 -14.41
N SER A 112 20.82 2.16 -13.31
CA SER A 112 20.00 3.32 -12.96
C SER A 112 20.87 4.55 -12.72
N GLY A 113 20.22 5.70 -12.55
CA GLY A 113 20.95 6.93 -12.31
C GLY A 113 21.10 7.24 -10.84
N PRO A 114 22.10 8.08 -10.51
CA PRO A 114 22.39 8.47 -9.13
C PRO A 114 21.30 9.38 -8.55
N SER A 115 21.48 9.77 -7.29
CA SER A 115 20.51 10.63 -6.62
C SER A 115 21.05 11.10 -5.27
N SER A 116 20.88 12.39 -4.99
CA SER A 116 21.35 12.97 -3.74
C SER A 116 22.86 12.83 -3.62
N GLY A 117 23.56 13.10 -4.72
CA GLY A 117 25.02 13.00 -4.71
C GLY A 117 25.52 11.76 -5.41
N GLY A 1 -27.28 -8.75 -2.67
CA GLY A 1 -28.25 -9.47 -3.46
C GLY A 1 -29.61 -9.52 -2.80
N SER A 2 -29.64 -9.95 -1.54
CA SER A 2 -30.90 -10.05 -0.80
C SER A 2 -31.73 -8.78 -0.96
N SER A 3 -32.95 -8.94 -1.48
CA SER A 3 -33.83 -7.81 -1.68
C SER A 3 -33.73 -6.81 -0.53
N GLY A 4 -33.93 -5.53 -0.85
CA GLY A 4 -33.84 -4.51 0.17
C GLY A 4 -32.43 -4.01 0.39
N SER A 5 -32.02 -3.00 -0.38
CA SER A 5 -30.68 -2.45 -0.27
C SER A 5 -30.70 -1.14 0.50
N SER A 6 -30.57 -1.24 1.82
CA SER A 6 -30.57 -0.06 2.68
C SER A 6 -29.27 0.72 2.54
N GLY A 7 -29.36 1.90 1.94
CA GLY A 7 -28.17 2.73 1.76
C GLY A 7 -28.11 3.88 2.74
N MET A 8 -27.08 3.88 3.57
CA MET A 8 -26.91 4.94 4.57
C MET A 8 -26.09 6.10 3.99
N SER A 9 -26.09 7.22 4.71
CA SER A 9 -25.35 8.39 4.26
C SER A 9 -24.29 8.78 5.29
N SER A 10 -23.60 7.78 5.83
CA SER A 10 -22.56 8.01 6.82
C SER A 10 -21.52 6.90 6.79
N THR A 11 -20.41 7.11 7.51
CA THR A 11 -19.34 6.13 7.56
C THR A 11 -18.35 6.45 8.68
N SER A 12 -17.82 5.41 9.31
CA SER A 12 -16.87 5.57 10.40
C SER A 12 -15.67 6.41 9.95
N PRO A 13 -14.97 7.01 10.92
CA PRO A 13 -13.79 7.84 10.65
C PRO A 13 -12.61 7.02 10.17
N ASN A 14 -12.56 5.76 10.58
CA ASN A 14 -11.47 4.87 10.18
C ASN A 14 -11.60 4.47 8.71
N LEU A 15 -12.81 4.09 8.31
CA LEU A 15 -13.06 3.69 6.93
C LEU A 15 -12.85 4.85 5.98
N GLN A 16 -13.48 5.99 6.27
CA GLN A 16 -13.35 7.18 5.44
C GLN A 16 -11.88 7.47 5.13
N LYS A 17 -11.03 7.32 6.14
CA LYS A 17 -9.60 7.57 5.99
C LYS A 17 -8.98 6.57 5.02
N ALA A 18 -9.33 5.30 5.19
CA ALA A 18 -8.80 4.25 4.33
C ALA A 18 -9.08 4.54 2.86
N ILE A 19 -10.28 5.05 2.58
CA ILE A 19 -10.68 5.38 1.21
C ILE A 19 -9.77 6.45 0.63
N ASP A 20 -9.69 7.59 1.31
CA ASP A 20 -8.85 8.70 0.85
C ASP A 20 -7.43 8.22 0.58
N LEU A 21 -6.82 7.57 1.57
CA LEU A 21 -5.46 7.07 1.44
C LEU A 21 -5.32 6.23 0.17
N ALA A 22 -6.12 5.18 0.07
CA ALA A 22 -6.08 4.30 -1.09
C ALA A 22 -6.18 5.10 -2.39
N SER A 23 -7.05 6.10 -2.40
CA SER A 23 -7.23 6.93 -3.58
C SER A 23 -5.98 7.76 -3.87
N LYS A 24 -5.40 8.34 -2.82
CA LYS A 24 -4.20 9.14 -2.96
C LYS A 24 -3.03 8.31 -3.51
N ALA A 25 -2.87 7.11 -2.97
CA ALA A 25 -1.81 6.21 -3.41
C ALA A 25 -1.68 6.22 -4.92
N ALA A 26 -2.78 5.95 -5.62
CA ALA A 26 -2.79 5.93 -7.07
C ALA A 26 -2.38 7.28 -7.65
N GLN A 27 -2.91 8.36 -7.06
CA GLN A 27 -2.60 9.70 -7.52
C GLN A 27 -1.09 9.90 -7.63
N GLU A 28 -0.37 9.52 -6.59
CA GLU A 28 1.08 9.67 -6.56
C GLU A 28 1.72 8.84 -7.68
N ASP A 29 1.44 7.55 -7.70
CA ASP A 29 1.98 6.65 -8.71
C ASP A 29 1.81 7.25 -10.10
N LYS A 30 0.57 7.58 -10.45
CA LYS A 30 0.27 8.16 -11.76
C LYS A 30 1.18 9.34 -12.05
N ALA A 31 1.40 10.18 -11.05
CA ALA A 31 2.26 11.35 -11.20
C ALA A 31 3.72 10.94 -11.37
N GLY A 32 4.09 9.82 -10.76
CA GLY A 32 5.45 9.34 -10.85
C GLY A 32 6.06 9.05 -9.50
N ASN A 33 5.27 9.25 -8.44
CA ASN A 33 5.74 9.00 -7.08
C ASN A 33 5.44 7.57 -6.65
N TYR A 34 6.47 6.74 -6.61
CA TYR A 34 6.32 5.35 -6.21
C TYR A 34 6.51 5.18 -4.71
N GLU A 35 7.51 5.86 -4.17
CA GLU A 35 7.80 5.79 -2.74
C GLU A 35 6.61 6.28 -1.92
N GLU A 36 5.99 7.36 -2.38
CA GLU A 36 4.84 7.94 -1.68
C GLU A 36 3.59 7.09 -1.91
N ALA A 37 3.47 6.54 -3.11
CA ALA A 37 2.32 5.71 -3.45
C ALA A 37 2.31 4.42 -2.65
N LEU A 38 3.49 3.99 -2.22
CA LEU A 38 3.63 2.76 -1.44
C LEU A 38 3.04 2.95 -0.05
N GLN A 39 3.66 3.82 0.75
CA GLN A 39 3.20 4.08 2.11
C GLN A 39 1.68 4.24 2.14
N LEU A 40 1.13 4.90 1.13
CA LEU A 40 -0.31 5.12 1.04
C LEU A 40 -1.04 3.82 0.79
N TYR A 41 -0.52 3.02 -0.15
CA TYR A 41 -1.13 1.74 -0.49
C TYR A 41 -1.14 0.81 0.73
N GLN A 42 -0.13 0.94 1.57
CA GLN A 42 -0.04 0.10 2.77
C GLN A 42 -0.98 0.60 3.86
N HIS A 43 -0.95 1.89 4.12
CA HIS A 43 -1.81 2.50 5.13
C HIS A 43 -3.27 2.17 4.86
N ALA A 44 -3.73 2.45 3.65
CA ALA A 44 -5.11 2.19 3.25
C ALA A 44 -5.56 0.81 3.75
N VAL A 45 -4.74 -0.20 3.51
CA VAL A 45 -5.06 -1.56 3.93
C VAL A 45 -5.14 -1.66 5.45
N GLN A 46 -4.17 -1.06 6.13
CA GLN A 46 -4.14 -1.08 7.59
C GLN A 46 -5.46 -0.58 8.18
N TYR A 47 -5.93 0.55 7.67
CA TYR A 47 -7.18 1.14 8.14
C TYR A 47 -8.37 0.29 7.71
N PHE A 48 -8.41 -0.06 6.43
CA PHE A 48 -9.49 -0.87 5.89
C PHE A 48 -9.70 -2.13 6.72
N LEU A 49 -8.62 -2.86 6.97
CA LEU A 49 -8.69 -4.09 7.76
C LEU A 49 -9.24 -3.81 9.15
N HIS A 50 -8.57 -2.91 9.88
CA HIS A 50 -8.99 -2.55 11.22
C HIS A 50 -10.50 -2.41 11.30
N VAL A 51 -11.10 -1.85 10.24
CA VAL A 51 -12.54 -1.66 10.20
C VAL A 51 -13.27 -2.99 10.09
N VAL A 52 -12.99 -3.74 9.03
CA VAL A 52 -13.61 -5.04 8.83
C VAL A 52 -13.46 -5.94 10.05
N LYS A 53 -12.44 -5.65 10.86
CA LYS A 53 -12.19 -6.42 12.07
C LYS A 53 -13.14 -6.02 13.19
N TYR A 54 -13.02 -4.78 13.65
CA TYR A 54 -13.86 -4.27 14.72
C TYR A 54 -15.08 -3.55 14.14
N GLU A 55 -14.83 -2.52 13.34
CA GLU A 55 -15.91 -1.75 12.73
C GLU A 55 -16.43 -2.44 11.48
N ALA A 56 -16.55 -3.77 11.56
CA ALA A 56 -17.05 -4.55 10.43
C ALA A 56 -18.43 -4.06 9.99
N GLN A 57 -18.93 -4.64 8.90
CA GLN A 57 -20.23 -4.26 8.37
C GLN A 57 -20.85 -5.40 7.56
N GLY A 58 -22.03 -5.15 6.99
CA GLY A 58 -22.69 -6.17 6.20
C GLY A 58 -21.73 -7.00 5.38
N ASP A 59 -22.14 -8.21 5.03
CA ASP A 59 -21.30 -9.11 4.26
C ASP A 59 -21.04 -8.54 2.86
N LYS A 60 -22.01 -7.79 2.34
CA LYS A 60 -21.88 -7.19 1.02
C LYS A 60 -20.82 -6.09 1.03
N ALA A 61 -20.51 -5.59 2.21
CA ALA A 61 -19.51 -4.53 2.36
C ALA A 61 -18.12 -5.12 2.60
N LYS A 62 -18.00 -5.90 3.67
CA LYS A 62 -16.73 -6.53 4.02
C LYS A 62 -15.97 -6.97 2.77
N GLN A 63 -16.64 -7.77 1.93
CA GLN A 63 -16.02 -8.26 0.71
C GLN A 63 -15.48 -7.10 -0.12
N SER A 64 -16.31 -6.08 -0.32
CA SER A 64 -15.91 -4.91 -1.11
C SER A 64 -14.54 -4.40 -0.67
N ILE A 65 -14.44 -4.04 0.61
CA ILE A 65 -13.19 -3.53 1.16
C ILE A 65 -12.06 -4.53 0.96
N ARG A 66 -12.26 -5.76 1.42
CA ARG A 66 -11.26 -6.81 1.28
C ARG A 66 -10.66 -6.81 -0.11
N ALA A 67 -11.50 -6.96 -1.12
CA ALA A 67 -11.05 -6.97 -2.51
C ALA A 67 -9.99 -5.90 -2.74
N LYS A 68 -10.28 -4.68 -2.28
CA LYS A 68 -9.35 -3.57 -2.46
C LYS A 68 -8.03 -3.85 -1.74
N CYS A 69 -8.11 -4.28 -0.49
CA CYS A 69 -6.93 -4.59 0.29
C CYS A 69 -5.95 -5.45 -0.51
N THR A 70 -6.47 -6.49 -1.13
CA THR A 70 -5.65 -7.39 -1.93
C THR A 70 -5.07 -6.68 -3.15
N GLU A 71 -5.89 -5.84 -3.79
CA GLU A 71 -5.45 -5.10 -4.97
C GLU A 71 -4.31 -4.16 -4.62
N TYR A 72 -4.56 -3.26 -3.68
CA TYR A 72 -3.55 -2.29 -3.25
C TYR A 72 -2.30 -3.00 -2.74
N LEU A 73 -2.50 -4.08 -1.99
CA LEU A 73 -1.39 -4.85 -1.44
C LEU A 73 -0.47 -5.34 -2.55
N ASP A 74 -1.06 -5.82 -3.63
CA ASP A 74 -0.29 -6.32 -4.77
C ASP A 74 0.44 -5.18 -5.47
N ARG A 75 -0.25 -4.06 -5.63
CA ARG A 75 0.33 -2.89 -6.30
C ARG A 75 1.55 -2.39 -5.54
N ALA A 76 1.37 -2.12 -4.25
CA ALA A 76 2.46 -1.62 -3.41
C ALA A 76 3.69 -2.53 -3.51
N GLU A 77 3.47 -3.83 -3.29
CA GLU A 77 4.56 -4.80 -3.36
C GLU A 77 5.50 -4.48 -4.51
N LYS A 78 4.95 -4.33 -5.71
CA LYS A 78 5.74 -4.02 -6.89
C LYS A 78 6.59 -2.78 -6.66
N LEU A 79 5.93 -1.66 -6.36
CA LEU A 79 6.63 -0.40 -6.12
C LEU A 79 7.94 -0.64 -5.37
N LYS A 80 7.88 -1.49 -4.35
CA LYS A 80 9.07 -1.81 -3.55
C LYS A 80 10.21 -2.29 -4.45
N GLU A 81 10.01 -3.44 -5.08
CA GLU A 81 11.02 -4.02 -5.95
C GLU A 81 11.58 -2.96 -6.90
N TYR A 82 10.73 -2.01 -7.28
CA TYR A 82 11.14 -0.94 -8.18
C TYR A 82 11.89 0.15 -7.44
N LEU A 83 11.53 0.35 -6.18
CA LEU A 83 12.17 1.38 -5.35
C LEU A 83 13.59 0.95 -4.97
N LYS A 84 13.77 -0.34 -4.73
CA LYS A 84 15.08 -0.87 -4.36
C LYS A 84 16.02 -0.87 -5.56
N ASN A 85 15.47 -1.09 -6.74
CA ASN A 85 16.26 -1.12 -7.97
C ASN A 85 16.93 0.24 -8.20
N LYS A 86 16.22 1.31 -7.87
CA LYS A 86 16.75 2.66 -8.04
C LYS A 86 17.59 3.08 -6.85
N GLU A 87 17.13 2.73 -5.65
CA GLU A 87 17.85 3.06 -4.43
C GLU A 87 19.32 2.66 -4.53
N LYS A 88 20.12 3.18 -3.61
CA LYS A 88 21.55 2.89 -3.61
C LYS A 88 22.00 2.40 -2.23
N LYS A 89 22.91 1.42 -2.22
CA LYS A 89 23.42 0.87 -0.97
C LYS A 89 24.90 1.18 -0.80
N ALA A 90 25.48 0.68 0.28
CA ALA A 90 26.89 0.90 0.56
C ALA A 90 27.77 0.40 -0.59
N GLN A 91 27.43 -0.78 -1.10
CA GLN A 91 28.18 -1.37 -2.20
C GLN A 91 27.25 -1.88 -3.30
N LYS A 92 26.99 -1.03 -4.28
CA LYS A 92 26.11 -1.39 -5.40
C LYS A 92 26.11 -0.29 -6.45
N PRO A 93 26.09 -0.71 -7.73
CA PRO A 93 26.08 0.22 -8.87
C PRO A 93 24.76 0.97 -8.99
N VAL A 94 24.82 2.29 -8.84
CA VAL A 94 23.63 3.13 -8.94
C VAL A 94 23.92 4.42 -9.69
N LYS A 95 23.16 4.68 -10.75
CA LYS A 95 23.34 5.89 -11.54
C LYS A 95 23.65 7.08 -10.65
N GLU A 96 24.43 8.03 -11.19
CA GLU A 96 24.80 9.22 -10.44
C GLU A 96 23.64 9.71 -9.58
N GLY A 97 22.46 9.79 -10.18
CA GLY A 97 21.29 10.24 -9.46
C GLY A 97 21.61 11.31 -8.44
N GLN A 98 21.01 11.21 -7.26
CA GLN A 98 21.23 12.19 -6.20
C GLN A 98 21.44 11.49 -4.86
N PRO A 99 22.26 12.11 -3.99
CA PRO A 99 22.55 11.57 -2.67
C PRO A 99 21.35 11.62 -1.73
N SER A 100 21.40 10.83 -0.66
CA SER A 100 20.32 10.78 0.30
C SER A 100 20.81 10.31 1.67
N PRO A 101 20.06 10.64 2.72
CA PRO A 101 20.41 10.26 4.09
C PRO A 101 20.26 8.75 4.33
N ALA A 102 20.81 8.28 5.44
CA ALA A 102 20.73 6.87 5.79
C ALA A 102 19.38 6.52 6.43
N ASP A 103 18.62 5.67 5.76
CA ASP A 103 17.31 5.27 6.26
C ASP A 103 16.76 4.10 5.44
N GLU A 104 16.75 2.92 6.04
CA GLU A 104 16.24 1.72 5.36
C GLU A 104 15.25 0.98 6.25
N LYS A 105 14.48 0.09 5.64
CA LYS A 105 13.49 -0.70 6.36
C LYS A 105 13.02 -1.89 5.54
N GLY A 106 12.93 -3.05 6.18
CA GLY A 106 12.49 -4.25 5.49
C GLY A 106 11.23 -4.85 6.10
N ASN A 107 10.17 -4.93 5.30
CA ASN A 107 8.91 -5.47 5.74
C ASN A 107 9.06 -6.92 6.17
N ASP A 108 8.83 -7.19 7.45
CA ASP A 108 8.94 -8.55 7.98
C ASP A 108 7.95 -9.48 7.29
N SER A 109 8.49 -10.39 6.47
CA SER A 109 7.66 -11.34 5.75
C SER A 109 6.54 -11.89 6.64
N ASP A 110 5.35 -12.03 6.07
CA ASP A 110 4.21 -12.55 6.82
C ASP A 110 4.48 -13.96 7.31
N GLY A 111 4.97 -14.81 6.42
CA GLY A 111 5.26 -16.18 6.79
C GLY A 111 4.07 -17.10 6.61
N SER A 112 3.08 -16.97 7.49
CA SER A 112 1.88 -17.80 7.43
C SER A 112 1.10 -17.52 6.15
N GLY A 113 0.62 -18.59 5.51
CA GLY A 113 -0.13 -18.43 4.27
C GLY A 113 -0.75 -19.75 3.82
N PRO A 114 -1.85 -20.14 4.48
CA PRO A 114 -2.56 -21.39 4.14
C PRO A 114 -3.27 -21.31 2.80
N SER A 115 -3.00 -22.27 1.94
CA SER A 115 -3.61 -22.31 0.61
C SER A 115 -4.70 -23.39 0.55
N SER A 116 -5.84 -23.03 -0.03
CA SER A 116 -6.96 -23.95 -0.14
C SER A 116 -6.63 -25.08 -1.12
N GLY A 117 -7.01 -26.30 -0.75
CA GLY A 117 -6.75 -27.45 -1.60
C GLY A 117 -5.46 -28.15 -1.24
N GLY A 1 -44.68 8.43 2.52
CA GLY A 1 -43.94 9.54 1.97
C GLY A 1 -42.44 9.41 2.19
N SER A 2 -41.67 9.89 1.22
CA SER A 2 -40.21 9.82 1.30
C SER A 2 -39.56 10.57 0.14
N SER A 3 -38.67 11.51 0.48
CA SER A 3 -37.98 12.30 -0.52
C SER A 3 -37.35 11.42 -1.59
N GLY A 4 -36.95 12.02 -2.70
CA GLY A 4 -36.34 11.27 -3.78
C GLY A 4 -34.97 11.81 -4.16
N SER A 5 -34.11 11.99 -3.17
CA SER A 5 -32.77 12.50 -3.40
C SER A 5 -31.85 12.22 -2.21
N SER A 6 -30.57 12.05 -2.49
CA SER A 6 -29.59 11.78 -1.44
C SER A 6 -28.41 12.75 -1.52
N GLY A 7 -27.55 12.70 -0.51
CA GLY A 7 -26.39 13.57 -0.49
C GLY A 7 -25.40 13.20 0.60
N MET A 8 -25.73 13.53 1.84
CA MET A 8 -24.86 13.23 2.96
C MET A 8 -24.55 11.73 3.02
N SER A 9 -23.26 11.39 2.94
CA SER A 9 -22.84 10.00 2.97
C SER A 9 -22.29 9.64 4.35
N SER A 10 -23.15 9.10 5.20
CA SER A 10 -22.75 8.70 6.55
C SER A 10 -21.77 7.55 6.51
N THR A 11 -20.53 7.80 6.95
CA THR A 11 -19.50 6.78 6.97
C THR A 11 -18.57 6.96 8.16
N SER A 12 -18.10 5.85 8.71
CA SER A 12 -17.21 5.89 9.86
C SER A 12 -15.95 6.69 9.55
N PRO A 13 -15.29 7.21 10.59
CA PRO A 13 -14.07 8.00 10.45
C PRO A 13 -12.89 7.17 10.00
N ASN A 14 -12.81 5.95 10.52
CA ASN A 14 -11.71 5.03 10.18
C ASN A 14 -11.76 4.66 8.70
N LEU A 15 -12.96 4.36 8.21
CA LEU A 15 -13.13 3.98 6.81
C LEU A 15 -12.80 5.15 5.88
N GLN A 16 -13.48 6.28 6.11
CA GLN A 16 -13.25 7.47 5.30
C GLN A 16 -11.76 7.73 5.11
N LYS A 17 -10.98 7.48 6.17
CA LYS A 17 -9.54 7.68 6.12
C LYS A 17 -8.88 6.70 5.15
N ALA A 18 -9.38 5.47 5.13
CA ALA A 18 -8.84 4.44 4.25
C ALA A 18 -9.04 4.82 2.78
N ILE A 19 -10.22 5.33 2.46
CA ILE A 19 -10.54 5.73 1.09
C ILE A 19 -9.58 6.82 0.61
N ASP A 20 -9.57 7.93 1.34
CA ASP A 20 -8.71 9.05 0.99
C ASP A 20 -7.28 8.59 0.74
N LEU A 21 -6.72 7.85 1.71
CA LEU A 21 -5.35 7.35 1.60
C LEU A 21 -5.16 6.61 0.28
N ALA A 22 -5.95 5.58 0.06
CA ALA A 22 -5.87 4.79 -1.16
C ALA A 22 -5.97 5.68 -2.40
N SER A 23 -6.86 6.66 -2.34
CA SER A 23 -7.06 7.59 -3.45
C SER A 23 -5.79 8.38 -3.73
N LYS A 24 -5.18 8.90 -2.67
CA LYS A 24 -3.96 9.69 -2.79
C LYS A 24 -2.86 8.88 -3.46
N ALA A 25 -2.66 7.65 -3.00
CA ALA A 25 -1.64 6.77 -3.55
C ALA A 25 -1.64 6.83 -5.08
N ALA A 26 -2.77 6.49 -5.68
CA ALA A 26 -2.90 6.51 -7.13
C ALA A 26 -2.41 7.82 -7.71
N GLN A 27 -2.81 8.93 -7.10
CA GLN A 27 -2.40 10.25 -7.55
C GLN A 27 -0.88 10.36 -7.64
N GLU A 28 -0.20 9.80 -6.65
CA GLU A 28 1.26 9.83 -6.61
C GLU A 28 1.85 8.92 -7.68
N ASP A 29 1.40 7.66 -7.68
CA ASP A 29 1.89 6.69 -8.65
C ASP A 29 1.79 7.24 -10.07
N LYS A 30 0.63 7.79 -10.42
CA LYS A 30 0.41 8.36 -11.75
C LYS A 30 1.39 9.50 -12.02
N ALA A 31 1.59 10.35 -11.03
CA ALA A 31 2.51 11.47 -11.16
C ALA A 31 3.95 10.99 -11.35
N GLY A 32 4.27 9.87 -10.74
CA GLY A 32 5.60 9.32 -10.84
C GLY A 32 6.24 9.04 -9.50
N ASN A 33 5.44 9.14 -8.44
CA ASN A 33 5.92 8.91 -7.08
C ASN A 33 5.59 7.50 -6.62
N TYR A 34 6.62 6.69 -6.42
CA TYR A 34 6.43 5.32 -5.97
C TYR A 34 6.59 5.20 -4.46
N GLU A 35 7.58 5.93 -3.92
CA GLU A 35 7.83 5.91 -2.48
C GLU A 35 6.62 6.38 -1.70
N GLU A 36 6.06 7.52 -2.12
CA GLU A 36 4.88 8.07 -1.45
C GLU A 36 3.65 7.21 -1.70
N ALA A 37 3.51 6.73 -2.93
CA ALA A 37 2.39 5.89 -3.30
C ALA A 37 2.38 4.59 -2.51
N LEU A 38 3.56 4.01 -2.31
CA LEU A 38 3.69 2.76 -1.56
C LEU A 38 3.03 2.88 -0.19
N GLN A 39 3.65 3.67 0.68
CA GLN A 39 3.13 3.86 2.03
C GLN A 39 1.61 4.04 2.01
N LEU A 40 1.15 5.00 1.22
CA LEU A 40 -0.28 5.27 1.11
C LEU A 40 -1.05 3.99 0.78
N TYR A 41 -0.51 3.19 -0.13
CA TYR A 41 -1.13 1.94 -0.53
C TYR A 41 -1.24 0.98 0.65
N GLN A 42 -0.23 1.01 1.52
CA GLN A 42 -0.22 0.14 2.69
C GLN A 42 -1.19 0.63 3.74
N HIS A 43 -1.10 1.91 4.09
CA HIS A 43 -1.98 2.50 5.09
C HIS A 43 -3.44 2.17 4.79
N ALA A 44 -3.89 2.55 3.61
CA ALA A 44 -5.27 2.29 3.19
C ALA A 44 -5.74 0.93 3.68
N VAL A 45 -4.98 -0.11 3.34
CA VAL A 45 -5.32 -1.47 3.73
C VAL A 45 -5.40 -1.60 5.25
N GLN A 46 -4.31 -1.22 5.92
CA GLN A 46 -4.26 -1.28 7.37
C GLN A 46 -5.54 -0.75 8.00
N TYR A 47 -5.99 0.40 7.51
CA TYR A 47 -7.21 1.02 8.02
C TYR A 47 -8.45 0.22 7.61
N PHE A 48 -8.52 -0.13 6.33
CA PHE A 48 -9.65 -0.89 5.82
C PHE A 48 -9.91 -2.13 6.67
N LEU A 49 -8.84 -2.88 6.95
CA LEU A 49 -8.95 -4.09 7.75
C LEU A 49 -9.50 -3.77 9.14
N HIS A 50 -8.77 -2.94 9.88
CA HIS A 50 -9.17 -2.56 11.22
C HIS A 50 -10.68 -2.36 11.29
N VAL A 51 -11.27 -1.85 10.21
CA VAL A 51 -12.70 -1.61 10.15
C VAL A 51 -13.47 -2.93 10.02
N VAL A 52 -13.11 -3.71 9.01
CA VAL A 52 -13.77 -5.00 8.79
C VAL A 52 -13.55 -5.95 9.96
N LYS A 53 -12.64 -5.58 10.85
CA LYS A 53 -12.34 -6.39 12.02
C LYS A 53 -13.35 -6.15 13.13
N TYR A 54 -13.28 -4.97 13.74
CA TYR A 54 -14.19 -4.61 14.82
C TYR A 54 -15.40 -3.85 14.29
N GLU A 55 -15.14 -2.87 13.43
CA GLU A 55 -16.21 -2.07 12.85
C GLU A 55 -16.79 -2.75 11.62
N ALA A 56 -16.83 -4.09 11.65
CA ALA A 56 -17.36 -4.85 10.53
C ALA A 56 -18.71 -4.31 10.07
N GLN A 57 -19.00 -4.46 8.79
CA GLN A 57 -20.25 -3.98 8.22
C GLN A 57 -21.20 -5.14 7.91
N GLY A 58 -20.81 -5.97 6.94
CA GLY A 58 -21.64 -7.10 6.57
C GLY A 58 -20.93 -8.03 5.60
N ASP A 59 -21.42 -9.26 5.52
CA ASP A 59 -20.83 -10.25 4.62
C ASP A 59 -20.51 -9.64 3.26
N LYS A 60 -21.36 -8.72 2.82
CA LYS A 60 -21.17 -8.07 1.54
C LYS A 60 -20.01 -7.08 1.61
N ALA A 61 -20.23 -5.96 2.28
CA ALA A 61 -19.20 -4.94 2.42
C ALA A 61 -17.84 -5.56 2.69
N LYS A 62 -17.82 -6.58 3.55
CA LYS A 62 -16.58 -7.27 3.89
C LYS A 62 -15.82 -7.69 2.64
N GLN A 63 -16.53 -8.32 1.72
CA GLN A 63 -15.92 -8.77 0.47
C GLN A 63 -15.45 -7.58 -0.38
N SER A 64 -16.27 -6.54 -0.42
CA SER A 64 -15.96 -5.34 -1.19
C SER A 64 -14.63 -4.74 -0.73
N ILE A 65 -14.58 -4.32 0.52
CA ILE A 65 -13.36 -3.73 1.08
C ILE A 65 -12.17 -4.69 0.96
N ARG A 66 -12.39 -5.94 1.33
CA ARG A 66 -11.34 -6.95 1.25
C ARG A 66 -10.69 -6.96 -0.12
N ALA A 67 -11.51 -7.04 -1.16
CA ALA A 67 -11.02 -7.05 -2.53
C ALA A 67 -10.08 -5.88 -2.78
N LYS A 68 -10.43 -4.72 -2.24
CA LYS A 68 -9.62 -3.52 -2.41
C LYS A 68 -8.31 -3.64 -1.66
N CYS A 69 -8.36 -4.21 -0.46
CA CYS A 69 -7.16 -4.38 0.36
C CYS A 69 -6.10 -5.16 -0.40
N THR A 70 -6.49 -6.29 -0.97
CA THR A 70 -5.57 -7.14 -1.73
C THR A 70 -5.01 -6.39 -2.93
N GLU A 71 -5.88 -5.63 -3.60
CA GLU A 71 -5.47 -4.87 -4.78
C GLU A 71 -4.33 -3.92 -4.44
N TYR A 72 -4.58 -3.02 -3.50
CA TYR A 72 -3.58 -2.05 -3.08
C TYR A 72 -2.33 -2.74 -2.55
N LEU A 73 -2.53 -3.89 -1.91
CA LEU A 73 -1.42 -4.66 -1.34
C LEU A 73 -0.50 -5.18 -2.45
N ASP A 74 -1.09 -5.78 -3.47
CA ASP A 74 -0.33 -6.31 -4.60
C ASP A 74 0.44 -5.20 -5.30
N ARG A 75 -0.21 -4.06 -5.49
CA ARG A 75 0.40 -2.93 -6.16
C ARG A 75 1.68 -2.50 -5.44
N ALA A 76 1.56 -2.27 -4.13
CA ALA A 76 2.70 -1.86 -3.32
C ALA A 76 3.86 -2.83 -3.47
N GLU A 77 3.55 -4.13 -3.43
CA GLU A 77 4.58 -5.16 -3.57
C GLU A 77 5.45 -4.91 -4.79
N LYS A 78 4.85 -4.37 -5.84
CA LYS A 78 5.56 -4.08 -7.07
C LYS A 78 6.43 -2.83 -6.91
N LEU A 79 5.89 -1.82 -6.24
CA LEU A 79 6.60 -0.57 -6.02
C LEU A 79 7.89 -0.81 -5.24
N LYS A 80 7.84 -1.73 -4.28
CA LYS A 80 9.00 -2.07 -3.47
C LYS A 80 10.16 -2.56 -4.34
N GLU A 81 9.90 -3.63 -5.10
CA GLU A 81 10.91 -4.20 -5.98
C GLU A 81 11.49 -3.13 -6.90
N TYR A 82 10.66 -2.17 -7.28
CA TYR A 82 11.09 -1.09 -8.16
C TYR A 82 12.00 -0.11 -7.43
N LEU A 83 11.53 0.37 -6.29
CA LEU A 83 12.30 1.32 -5.48
C LEU A 83 13.69 0.77 -5.18
N LYS A 84 13.74 -0.47 -4.71
CA LYS A 84 15.00 -1.11 -4.38
C LYS A 84 15.87 -1.29 -5.63
N ASN A 85 15.21 -1.57 -6.76
CA ASN A 85 15.92 -1.76 -8.02
C ASN A 85 16.73 -0.51 -8.39
N LYS A 86 16.07 0.64 -8.38
CA LYS A 86 16.72 1.90 -8.71
C LYS A 86 17.60 2.37 -7.56
N GLU A 87 17.14 2.13 -6.33
CA GLU A 87 17.89 2.54 -5.14
C GLU A 87 19.34 2.04 -5.22
N LYS A 88 20.24 2.79 -4.61
CA LYS A 88 21.66 2.44 -4.60
C LYS A 88 22.38 3.07 -3.42
N LYS A 89 23.18 2.27 -2.73
CA LYS A 89 23.93 2.75 -1.57
C LYS A 89 25.05 3.69 -2.00
N ALA A 90 24.88 4.97 -1.70
CA ALA A 90 25.88 5.98 -2.06
C ALA A 90 27.26 5.58 -1.54
N GLN A 91 28.29 6.21 -2.08
CA GLN A 91 29.66 5.93 -1.67
C GLN A 91 29.95 6.46 -0.27
N LYS A 92 30.42 5.58 0.61
CA LYS A 92 30.73 5.97 1.98
C LYS A 92 32.17 5.60 2.33
N PRO A 93 32.81 6.45 3.14
CA PRO A 93 34.19 6.24 3.58
C PRO A 93 34.33 5.07 4.54
N VAL A 94 35.57 4.63 4.77
CA VAL A 94 35.83 3.52 5.67
C VAL A 94 35.81 3.97 7.13
N LYS A 95 35.09 3.22 7.96
CA LYS A 95 34.98 3.54 9.38
C LYS A 95 36.18 3.00 10.15
N GLU A 96 36.98 3.90 10.70
CA GLU A 96 38.16 3.51 11.47
C GLU A 96 38.37 4.44 12.66
N GLY A 97 38.59 3.86 13.83
CA GLY A 97 38.81 4.65 15.03
C GLY A 97 38.12 4.04 16.24
N GLN A 98 38.77 3.05 16.84
CA GLN A 98 38.21 2.38 18.02
C GLN A 98 38.08 3.36 19.18
N PRO A 99 37.01 3.21 19.97
CA PRO A 99 36.74 4.08 21.12
C PRO A 99 37.73 3.84 22.26
N SER A 100 37.54 4.57 23.36
CA SER A 100 38.42 4.44 24.52
C SER A 100 37.80 5.10 25.75
N PRO A 101 38.06 4.52 26.93
CA PRO A 101 37.54 5.04 28.19
C PRO A 101 38.19 6.37 28.58
N ALA A 102 37.39 7.25 29.18
CA ALA A 102 37.89 8.55 29.61
C ALA A 102 38.23 8.54 31.10
N ASP A 103 39.31 9.22 31.46
CA ASP A 103 39.75 9.30 32.85
C ASP A 103 38.63 9.83 33.74
N GLU A 104 38.53 9.27 34.95
CA GLU A 104 37.51 9.68 35.89
C GLU A 104 37.56 11.18 36.15
N LYS A 105 36.51 11.72 36.75
CA LYS A 105 36.44 13.15 37.05
C LYS A 105 37.00 13.43 38.44
N GLY A 106 36.62 12.61 39.41
CA GLY A 106 37.10 12.80 40.77
C GLY A 106 36.15 13.63 41.60
N ASN A 107 36.61 14.03 42.79
CA ASN A 107 35.79 14.84 43.69
C ASN A 107 35.50 16.21 43.07
N ASP A 108 34.22 16.56 42.99
CA ASP A 108 33.82 17.84 42.43
C ASP A 108 33.93 18.95 43.47
N SER A 109 33.45 18.68 44.67
CA SER A 109 33.50 19.66 45.75
C SER A 109 34.92 20.17 45.95
N ASP A 110 35.03 21.35 46.56
CA ASP A 110 36.33 21.97 46.82
C ASP A 110 36.49 22.30 48.30
N GLY A 111 37.16 21.39 49.03
CA GLY A 111 37.37 21.60 50.44
C GLY A 111 36.10 21.98 51.17
N SER A 112 36.25 22.65 52.31
CA SER A 112 35.09 23.07 53.11
C SER A 112 35.51 24.05 54.20
N GLY A 113 34.52 24.63 54.87
CA GLY A 113 34.81 25.58 55.92
C GLY A 113 34.52 25.02 57.31
N PRO A 114 35.33 24.03 57.73
CA PRO A 114 35.17 23.39 59.04
C PRO A 114 35.53 24.32 60.19
N SER A 115 36.33 25.35 59.89
CA SER A 115 36.75 26.31 60.90
C SER A 115 35.55 27.08 61.46
N SER A 116 35.79 27.82 62.53
CA SER A 116 34.74 28.59 63.17
C SER A 116 35.14 30.05 63.32
N GLY A 117 36.31 30.28 63.91
CA GLY A 117 36.80 31.64 64.11
C GLY A 117 37.10 31.94 65.56
N GLY A 1 -26.35 12.85 24.35
CA GLY A 1 -25.31 12.07 24.99
C GLY A 1 -25.15 10.70 24.36
N SER A 2 -26.21 9.89 24.43
CA SER A 2 -26.19 8.55 23.88
C SER A 2 -27.46 8.27 23.07
N SER A 3 -27.36 8.36 21.75
CA SER A 3 -28.50 8.12 20.88
C SER A 3 -28.87 6.64 20.87
N GLY A 4 -27.95 5.81 20.39
CA GLY A 4 -28.20 4.38 20.34
C GLY A 4 -28.17 3.83 18.92
N SER A 5 -29.36 3.71 18.32
CA SER A 5 -29.47 3.20 16.96
C SER A 5 -29.24 4.32 15.93
N SER A 6 -28.37 4.05 14.97
CA SER A 6 -28.07 5.03 13.93
C SER A 6 -28.39 4.48 12.55
N GLY A 7 -28.64 5.38 11.60
CA GLY A 7 -28.96 4.96 10.25
C GLY A 7 -28.21 5.75 9.20
N MET A 8 -28.60 7.02 9.03
CA MET A 8 -27.95 7.89 8.06
C MET A 8 -26.69 8.53 8.65
N SER A 9 -26.08 7.84 9.59
CA SER A 9 -24.87 8.34 10.24
C SER A 9 -23.69 8.31 9.28
N SER A 10 -22.96 9.43 9.21
CA SER A 10 -21.81 9.55 8.32
C SER A 10 -20.85 8.38 8.54
N THR A 11 -20.24 7.92 7.45
CA THR A 11 -19.29 6.81 7.53
C THR A 11 -18.24 7.06 8.60
N SER A 12 -17.82 5.99 9.26
CA SER A 12 -16.82 6.10 10.33
C SER A 12 -15.57 6.80 9.82
N PRO A 13 -14.83 7.45 10.73
CA PRO A 13 -13.60 8.17 10.41
C PRO A 13 -12.47 7.23 10.03
N ASN A 14 -12.45 6.05 10.62
CA ASN A 14 -11.43 5.06 10.35
C ASN A 14 -11.50 4.58 8.91
N LEU A 15 -12.72 4.30 8.45
CA LEU A 15 -12.93 3.83 7.08
C LEU A 15 -12.63 4.93 6.07
N GLN A 16 -13.35 6.05 6.18
CA GLN A 16 -13.16 7.18 5.28
C GLN A 16 -11.67 7.41 5.01
N LYS A 17 -10.86 7.35 6.06
CA LYS A 17 -9.43 7.55 5.95
C LYS A 17 -8.81 6.52 5.00
N ALA A 18 -9.28 5.28 5.10
CA ALA A 18 -8.78 4.20 4.25
C ALA A 18 -8.99 4.53 2.77
N ILE A 19 -10.19 4.97 2.43
CA ILE A 19 -10.51 5.30 1.05
C ILE A 19 -9.67 6.48 0.56
N ASP A 20 -9.79 7.60 1.26
CA ASP A 20 -9.03 8.80 0.90
C ASP A 20 -7.55 8.47 0.72
N LEU A 21 -6.98 7.76 1.69
CA LEU A 21 -5.58 7.39 1.64
C LEU A 21 -5.26 6.61 0.37
N ALA A 22 -6.02 5.54 0.14
CA ALA A 22 -5.82 4.70 -1.04
C ALA A 22 -5.92 5.54 -2.32
N SER A 23 -6.94 6.40 -2.39
CA SER A 23 -7.14 7.25 -3.56
C SER A 23 -5.90 8.08 -3.85
N LYS A 24 -5.37 8.71 -2.80
CA LYS A 24 -4.17 9.55 -2.95
C LYS A 24 -3.02 8.75 -3.54
N ALA A 25 -2.78 7.56 -2.99
CA ALA A 25 -1.71 6.69 -3.48
C ALA A 25 -1.60 6.74 -4.99
N ALA A 26 -2.66 6.33 -5.67
CA ALA A 26 -2.69 6.33 -7.12
C ALA A 26 -2.15 7.64 -7.69
N GLN A 27 -2.72 8.74 -7.25
CA GLN A 27 -2.29 10.07 -7.72
C GLN A 27 -0.77 10.16 -7.75
N GLU A 28 -0.14 9.86 -6.62
CA GLU A 28 1.31 9.91 -6.53
C GLU A 28 1.96 9.06 -7.61
N ASP A 29 1.58 7.79 -7.65
CA ASP A 29 2.13 6.85 -8.64
C ASP A 29 2.02 7.43 -10.04
N LYS A 30 0.81 7.83 -10.43
CA LYS A 30 0.57 8.40 -11.74
C LYS A 30 1.56 9.53 -12.03
N ALA A 31 1.83 10.35 -11.02
CA ALA A 31 2.75 11.46 -11.16
C ALA A 31 4.20 10.97 -11.21
N GLY A 32 4.46 9.84 -10.57
CA GLY A 32 5.80 9.29 -10.55
C GLY A 32 6.26 8.94 -9.14
N ASN A 33 5.61 9.53 -8.15
CA ASN A 33 5.96 9.28 -6.75
C ASN A 33 5.62 7.84 -6.35
N TYR A 34 6.63 6.99 -6.29
CA TYR A 34 6.43 5.59 -5.93
C TYR A 34 6.60 5.40 -4.42
N GLU A 35 7.61 6.07 -3.85
CA GLU A 35 7.88 5.97 -2.42
C GLU A 35 6.68 6.43 -1.61
N GLU A 36 6.13 7.58 -1.99
CA GLU A 36 4.97 8.14 -1.29
C GLU A 36 3.73 7.29 -1.51
N ALA A 37 3.52 6.85 -2.75
CA ALA A 37 2.38 6.02 -3.09
C ALA A 37 2.40 4.71 -2.30
N LEU A 38 3.58 4.14 -2.15
CA LEU A 38 3.74 2.88 -1.42
C LEU A 38 3.11 2.99 -0.03
N GLN A 39 3.66 3.87 0.79
CA GLN A 39 3.16 4.06 2.15
C GLN A 39 1.65 4.23 2.15
N LEU A 40 1.17 5.18 1.37
CA LEU A 40 -0.26 5.45 1.28
C LEU A 40 -1.04 4.17 0.96
N TYR A 41 -0.52 3.40 0.01
CA TYR A 41 -1.15 2.16 -0.41
C TYR A 41 -1.27 1.19 0.78
N GLN A 42 -0.17 1.03 1.50
CA GLN A 42 -0.16 0.13 2.66
C GLN A 42 -1.12 0.62 3.74
N HIS A 43 -0.99 1.89 4.10
CA HIS A 43 -1.85 2.48 5.12
C HIS A 43 -3.32 2.19 4.83
N ALA A 44 -3.75 2.50 3.60
CA ALA A 44 -5.13 2.29 3.20
C ALA A 44 -5.63 0.93 3.69
N VAL A 45 -4.87 -0.12 3.41
CA VAL A 45 -5.25 -1.47 3.82
C VAL A 45 -5.33 -1.58 5.35
N GLN A 46 -4.30 -1.06 6.03
CA GLN A 46 -4.27 -1.09 7.48
C GLN A 46 -5.59 -0.62 8.07
N TYR A 47 -6.05 0.54 7.63
CA TYR A 47 -7.31 1.10 8.11
C TYR A 47 -8.49 0.23 7.70
N PHE A 48 -8.57 -0.07 6.41
CA PHE A 48 -9.66 -0.89 5.89
C PHE A 48 -9.89 -2.11 6.78
N LEU A 49 -8.82 -2.83 7.08
CA LEU A 49 -8.90 -4.02 7.92
C LEU A 49 -9.56 -3.69 9.26
N HIS A 50 -8.92 -2.84 10.04
CA HIS A 50 -9.44 -2.44 11.35
C HIS A 50 -10.96 -2.33 11.30
N VAL A 51 -11.47 -1.60 10.32
CA VAL A 51 -12.90 -1.40 10.16
C VAL A 51 -13.63 -2.75 10.07
N VAL A 52 -13.25 -3.56 9.09
CA VAL A 52 -13.86 -4.87 8.89
C VAL A 52 -13.82 -5.68 10.18
N LYS A 53 -12.94 -5.31 11.09
CA LYS A 53 -12.80 -6.00 12.37
C LYS A 53 -13.79 -5.45 13.40
N TYR A 54 -13.67 -4.16 13.69
CA TYR A 54 -14.55 -3.51 14.66
C TYR A 54 -15.76 -2.90 13.96
N GLU A 55 -15.50 -2.01 13.01
CA GLU A 55 -16.57 -1.35 12.27
C GLU A 55 -17.10 -2.25 11.16
N ALA A 56 -17.29 -3.52 11.48
CA ALA A 56 -17.79 -4.49 10.51
C ALA A 56 -19.24 -4.19 10.12
N GLN A 57 -19.58 -4.45 8.87
CA GLN A 57 -20.94 -4.19 8.38
C GLN A 57 -21.62 -5.50 7.97
N GLY A 58 -20.90 -6.34 7.24
CA GLY A 58 -21.44 -7.60 6.79
C GLY A 58 -20.62 -8.23 5.69
N ASP A 59 -21.07 -9.38 5.20
CA ASP A 59 -20.38 -10.10 4.14
C ASP A 59 -20.29 -9.25 2.88
N LYS A 60 -21.39 -8.61 2.52
CA LYS A 60 -21.45 -7.76 1.33
C LYS A 60 -20.30 -6.75 1.34
N ALA A 61 -20.21 -5.98 2.42
CA ALA A 61 -19.15 -4.98 2.54
C ALA A 61 -17.78 -5.64 2.72
N LYS A 62 -17.70 -6.58 3.65
CA LYS A 62 -16.45 -7.29 3.91
C LYS A 62 -15.74 -7.64 2.60
N GLN A 63 -16.44 -8.37 1.73
CA GLN A 63 -15.87 -8.77 0.45
C GLN A 63 -15.45 -7.55 -0.36
N SER A 64 -16.29 -6.52 -0.36
CA SER A 64 -16.01 -5.30 -1.11
C SER A 64 -14.68 -4.69 -0.66
N ILE A 65 -14.54 -4.48 0.64
CA ILE A 65 -13.32 -3.90 1.19
C ILE A 65 -12.13 -4.83 0.98
N ARG A 66 -12.32 -6.12 1.28
CA ARG A 66 -11.26 -7.10 1.11
C ARG A 66 -10.68 -7.04 -0.30
N ALA A 67 -11.56 -7.15 -1.29
CA ALA A 67 -11.13 -7.10 -2.68
C ALA A 67 -10.14 -5.97 -2.93
N LYS A 68 -10.39 -4.83 -2.30
CA LYS A 68 -9.52 -3.67 -2.46
C LYS A 68 -8.18 -3.90 -1.77
N CYS A 69 -8.23 -4.43 -0.55
CA CYS A 69 -7.02 -4.70 0.21
C CYS A 69 -6.02 -5.50 -0.62
N THR A 70 -6.52 -6.50 -1.34
CA THR A 70 -5.68 -7.34 -2.18
C THR A 70 -5.15 -6.57 -3.38
N GLU A 71 -6.02 -5.78 -4.01
CA GLU A 71 -5.63 -4.98 -5.17
C GLU A 71 -4.48 -4.04 -4.82
N TYR A 72 -4.69 -3.21 -3.82
CA TYR A 72 -3.67 -2.26 -3.39
C TYR A 72 -2.43 -2.98 -2.85
N LEU A 73 -2.67 -3.98 -2.01
CA LEU A 73 -1.58 -4.75 -1.42
C LEU A 73 -0.62 -5.25 -2.50
N ASP A 74 -1.18 -5.76 -3.58
CA ASP A 74 -0.38 -6.27 -4.70
C ASP A 74 0.40 -5.14 -5.36
N ARG A 75 -0.28 -4.03 -5.62
CA ARG A 75 0.36 -2.88 -6.25
C ARG A 75 1.58 -2.43 -5.47
N ALA A 76 1.38 -2.11 -4.20
CA ALA A 76 2.46 -1.66 -3.34
C ALA A 76 3.65 -2.62 -3.41
N GLU A 77 3.38 -3.91 -3.19
CA GLU A 77 4.42 -4.92 -3.24
C GLU A 77 5.40 -4.64 -4.37
N LYS A 78 4.87 -4.34 -5.54
CA LYS A 78 5.71 -4.06 -6.71
C LYS A 78 6.56 -2.81 -6.48
N LEU A 79 5.90 -1.71 -6.14
CA LEU A 79 6.60 -0.46 -5.90
C LEU A 79 7.93 -0.71 -5.18
N LYS A 80 7.91 -1.60 -4.20
CA LYS A 80 9.11 -1.94 -3.45
C LYS A 80 10.22 -2.44 -4.37
N GLU A 81 9.97 -3.56 -5.03
CA GLU A 81 10.95 -4.14 -5.94
C GLU A 81 11.52 -3.07 -6.89
N TYR A 82 10.63 -2.21 -7.39
CA TYR A 82 11.04 -1.15 -8.31
C TYR A 82 11.93 -0.13 -7.59
N LEU A 83 11.52 0.25 -6.39
CA LEU A 83 12.27 1.22 -5.60
C LEU A 83 13.69 0.70 -5.31
N LYS A 84 13.76 -0.51 -4.75
CA LYS A 84 15.04 -1.11 -4.43
C LYS A 84 15.90 -1.30 -5.69
N ASN A 85 15.24 -1.61 -6.80
CA ASN A 85 15.93 -1.81 -8.07
C ASN A 85 16.49 -0.49 -8.60
N LYS A 86 15.67 0.56 -8.54
CA LYS A 86 16.08 1.88 -9.01
C LYS A 86 17.37 2.33 -8.32
N GLU A 87 17.32 2.40 -6.99
CA GLU A 87 18.48 2.81 -6.20
C GLU A 87 19.74 2.10 -6.68
N LYS A 88 20.85 2.85 -6.74
CA LYS A 88 22.13 2.29 -7.18
C LYS A 88 22.89 1.69 -6.01
N LYS A 89 23.33 0.44 -6.17
CA LYS A 89 24.07 -0.25 -5.13
C LYS A 89 25.09 -1.21 -5.74
N ALA A 90 26.27 -1.26 -5.13
CA ALA A 90 27.34 -2.14 -5.61
C ALA A 90 27.24 -3.52 -4.97
N GLN A 91 27.96 -4.48 -5.54
CA GLN A 91 27.94 -5.85 -5.03
C GLN A 91 28.03 -5.86 -3.51
N LYS A 92 27.13 -6.60 -2.88
CA LYS A 92 27.09 -6.70 -1.42
C LYS A 92 26.63 -8.08 -0.98
N PRO A 93 27.21 -8.58 0.12
CA PRO A 93 26.87 -9.90 0.67
C PRO A 93 25.48 -9.93 1.27
N VAL A 94 24.61 -10.77 0.72
CA VAL A 94 23.24 -10.89 1.20
C VAL A 94 22.97 -12.30 1.72
N LYS A 95 22.26 -12.38 2.84
CA LYS A 95 21.93 -13.66 3.45
C LYS A 95 23.08 -14.66 3.28
N GLU A 96 24.30 -14.16 3.43
CA GLU A 96 25.48 -15.01 3.29
C GLU A 96 25.69 -15.86 4.54
N GLY A 97 26.29 -17.04 4.37
CA GLY A 97 26.52 -17.92 5.48
C GLY A 97 27.44 -17.32 6.53
N GLN A 98 28.75 -17.44 6.31
CA GLN A 98 29.73 -16.89 7.23
C GLN A 98 29.66 -17.62 8.58
N PRO A 99 29.79 -18.95 8.54
CA PRO A 99 29.75 -19.78 9.75
C PRO A 99 30.99 -19.59 10.62
N SER A 100 30.81 -19.74 11.93
CA SER A 100 31.90 -19.57 12.88
C SER A 100 31.61 -20.31 14.19
N PRO A 101 32.68 -20.73 14.89
CA PRO A 101 32.56 -21.44 16.15
C PRO A 101 32.04 -20.56 17.28
N ALA A 102 31.72 -19.31 16.95
CA ALA A 102 31.21 -18.37 17.93
C ALA A 102 30.19 -19.03 18.85
N ASP A 103 30.29 -18.75 20.14
CA ASP A 103 29.37 -19.32 21.13
C ASP A 103 28.94 -18.26 22.14
N GLU A 104 27.78 -18.47 22.75
CA GLU A 104 27.26 -17.54 23.74
C GLU A 104 26.20 -18.21 24.63
N LYS A 105 26.22 -17.88 25.91
CA LYS A 105 25.27 -18.46 26.85
C LYS A 105 23.88 -17.86 26.65
N GLY A 106 23.82 -16.56 26.42
CA GLY A 106 22.55 -15.89 26.21
C GLY A 106 21.53 -16.26 27.27
N ASN A 107 20.25 -16.18 26.91
CA ASN A 107 19.17 -16.50 27.82
C ASN A 107 17.84 -16.62 27.09
N ASP A 108 16.97 -17.48 27.58
CA ASP A 108 15.66 -17.70 26.98
C ASP A 108 14.60 -16.84 27.68
N SER A 109 13.40 -16.80 27.09
CA SER A 109 12.31 -16.03 27.66
C SER A 109 11.71 -16.72 28.88
N ASP A 110 11.99 -16.17 30.05
CA ASP A 110 11.49 -16.73 31.31
C ASP A 110 11.03 -15.63 32.26
N GLY A 111 9.91 -15.87 32.93
CA GLY A 111 9.39 -14.88 33.86
C GLY A 111 8.77 -15.52 35.09
N SER A 112 9.60 -15.86 36.07
CA SER A 112 9.13 -16.48 37.30
C SER A 112 10.03 -16.13 38.47
N GLY A 113 9.49 -16.23 39.67
CA GLY A 113 10.25 -15.92 40.87
C GLY A 113 10.02 -16.91 41.99
N PRO A 114 11.03 -17.08 42.86
CA PRO A 114 10.95 -18.00 43.99
C PRO A 114 9.97 -17.53 45.07
N SER A 115 9.00 -18.37 45.39
CA SER A 115 8.00 -18.03 46.40
C SER A 115 7.30 -19.29 46.91
N SER A 116 7.05 -19.32 48.21
CA SER A 116 6.39 -20.47 48.83
C SER A 116 4.88 -20.31 48.80
N GLY A 117 4.26 -20.70 47.69
CA GLY A 117 2.82 -20.58 47.55
C GLY A 117 2.38 -20.67 46.11
N GLY A 1 -13.15 6.03 -9.16
CA GLY A 1 -12.68 5.22 -10.27
C GLY A 1 -13.59 5.31 -11.47
N SER A 2 -14.33 4.23 -11.74
CA SER A 2 -15.24 4.19 -12.87
C SER A 2 -16.68 4.09 -12.41
N SER A 3 -17.28 5.25 -12.12
CA SER A 3 -18.66 5.30 -11.66
C SER A 3 -19.33 6.61 -12.08
N GLY A 4 -20.47 6.50 -12.76
CA GLY A 4 -21.19 7.69 -13.20
C GLY A 4 -22.09 8.25 -12.11
N SER A 5 -21.58 8.29 -10.89
CA SER A 5 -22.36 8.81 -9.76
C SER A 5 -21.45 9.12 -8.57
N SER A 6 -21.89 10.02 -7.71
CA SER A 6 -21.12 10.41 -6.54
C SER A 6 -21.97 11.24 -5.58
N GLY A 7 -21.43 11.51 -4.40
CA GLY A 7 -22.14 12.29 -3.42
C GLY A 7 -21.47 12.28 -2.05
N MET A 8 -22.27 12.38 -1.00
CA MET A 8 -21.74 12.38 0.36
C MET A 8 -22.65 11.61 1.30
N SER A 9 -22.06 10.77 2.15
CA SER A 9 -22.83 9.97 3.10
C SER A 9 -22.01 9.69 4.36
N SER A 10 -22.71 9.51 5.48
CA SER A 10 -22.05 9.23 6.74
C SER A 10 -21.22 7.96 6.67
N THR A 11 -20.12 7.94 7.40
CA THR A 11 -19.23 6.78 7.43
C THR A 11 -18.16 6.91 8.51
N SER A 12 -17.85 5.80 9.16
CA SER A 12 -16.86 5.79 10.22
C SER A 12 -15.61 6.57 9.81
N PRO A 13 -14.94 7.19 10.80
CA PRO A 13 -13.72 7.97 10.56
C PRO A 13 -12.53 7.09 10.16
N ASN A 14 -12.47 5.90 10.73
CA ASN A 14 -11.39 4.97 10.43
C ASN A 14 -11.48 4.47 9.00
N LEU A 15 -12.70 4.33 8.50
CA LEU A 15 -12.92 3.86 7.13
C LEU A 15 -12.67 4.99 6.13
N GLN A 16 -13.24 6.15 6.40
CA GLN A 16 -13.09 7.31 5.52
C GLN A 16 -11.60 7.58 5.24
N LYS A 17 -10.77 7.39 6.26
CA LYS A 17 -9.34 7.61 6.11
C LYS A 17 -8.72 6.58 5.17
N ALA A 18 -9.26 5.37 5.19
CA ALA A 18 -8.77 4.29 4.33
C ALA A 18 -9.00 4.61 2.86
N ILE A 19 -10.21 5.07 2.55
CA ILE A 19 -10.57 5.41 1.17
C ILE A 19 -9.70 6.57 0.66
N ASP A 20 -9.70 7.67 1.39
CA ASP A 20 -8.92 8.84 1.01
C ASP A 20 -7.46 8.47 0.80
N LEU A 21 -6.89 7.75 1.76
CA LEU A 21 -5.50 7.34 1.69
C LEU A 21 -5.24 6.49 0.44
N ALA A 22 -6.02 5.43 0.29
CA ALA A 22 -5.89 4.53 -0.86
C ALA A 22 -6.04 5.31 -2.16
N SER A 23 -6.92 6.31 -2.15
CA SER A 23 -7.17 7.12 -3.34
C SER A 23 -5.94 7.95 -3.70
N LYS A 24 -5.32 8.54 -2.69
CA LYS A 24 -4.13 9.37 -2.89
C LYS A 24 -3.01 8.54 -3.52
N ALA A 25 -2.79 7.34 -2.99
CA ALA A 25 -1.75 6.45 -3.51
C ALA A 25 -1.72 6.47 -5.04
N ALA A 26 -2.82 6.06 -5.65
CA ALA A 26 -2.92 6.02 -7.11
C ALA A 26 -2.50 7.36 -7.71
N GLN A 27 -3.19 8.41 -7.32
CA GLN A 27 -2.90 9.75 -7.83
C GLN A 27 -1.39 9.99 -7.91
N GLU A 28 -0.67 9.53 -6.88
CA GLU A 28 0.77 9.70 -6.83
C GLU A 28 1.45 8.86 -7.91
N ASP A 29 1.13 7.58 -7.93
CA ASP A 29 1.71 6.67 -8.93
C ASP A 29 1.71 7.29 -10.31
N LYS A 30 0.53 7.67 -10.78
CA LYS A 30 0.38 8.29 -12.10
C LYS A 30 1.26 9.54 -12.21
N ALA A 31 1.23 10.37 -11.17
CA ALA A 31 2.01 11.59 -11.15
C ALA A 31 3.50 11.29 -11.26
N GLY A 32 3.91 10.15 -10.70
CA GLY A 32 5.31 9.77 -10.75
C GLY A 32 5.87 9.47 -9.37
N ASN A 33 5.02 9.59 -8.35
CA ASN A 33 5.44 9.33 -6.97
C ASN A 33 5.19 7.88 -6.59
N TYR A 34 6.27 7.13 -6.40
CA TYR A 34 6.17 5.73 -6.02
C TYR A 34 6.38 5.53 -4.52
N GLU A 35 7.44 6.14 -4.00
CA GLU A 35 7.76 6.04 -2.59
C GLU A 35 6.57 6.51 -1.74
N GLU A 36 5.90 7.56 -2.19
CA GLU A 36 4.76 8.10 -1.47
C GLU A 36 3.53 7.22 -1.66
N ALA A 37 3.38 6.69 -2.88
CA ALA A 37 2.23 5.83 -3.19
C ALA A 37 2.29 4.54 -2.40
N LEU A 38 3.51 4.07 -2.11
CA LEU A 38 3.69 2.84 -1.36
C LEU A 38 3.12 2.98 0.06
N GLN A 39 3.74 3.83 0.87
CA GLN A 39 3.30 4.04 2.23
C GLN A 39 1.77 4.23 2.29
N LEU A 40 1.24 4.94 1.30
CA LEU A 40 -0.19 5.19 1.24
C LEU A 40 -0.96 3.90 0.99
N TYR A 41 -0.48 3.09 0.05
CA TYR A 41 -1.11 1.83 -0.28
C TYR A 41 -1.15 0.90 0.93
N GLN A 42 -0.10 0.94 1.73
CA GLN A 42 0.00 0.10 2.92
C GLN A 42 -0.97 0.59 4.00
N HIS A 43 -0.93 1.89 4.27
CA HIS A 43 -1.81 2.48 5.28
C HIS A 43 -3.27 2.25 4.94
N ALA A 44 -3.71 2.76 3.80
CA ALA A 44 -5.09 2.60 3.36
C ALA A 44 -5.63 1.24 3.76
N VAL A 45 -4.91 0.18 3.40
CA VAL A 45 -5.33 -1.18 3.72
C VAL A 45 -5.38 -1.39 5.23
N GLN A 46 -4.33 -0.98 5.91
CA GLN A 46 -4.26 -1.13 7.37
C GLN A 46 -5.56 -0.67 8.02
N TYR A 47 -6.12 0.43 7.53
CA TYR A 47 -7.37 0.96 8.07
C TYR A 47 -8.56 0.15 7.58
N PHE A 48 -8.55 -0.19 6.28
CA PHE A 48 -9.63 -0.97 5.70
C PHE A 48 -9.91 -2.24 6.50
N LEU A 49 -8.84 -2.93 6.90
CA LEU A 49 -8.96 -4.15 7.67
C LEU A 49 -9.51 -3.86 9.07
N HIS A 50 -8.79 -3.02 9.81
CA HIS A 50 -9.20 -2.65 11.16
C HIS A 50 -10.71 -2.40 11.22
N VAL A 51 -11.26 -1.90 10.12
CA VAL A 51 -12.70 -1.62 10.05
C VAL A 51 -13.50 -2.91 9.89
N VAL A 52 -13.10 -3.74 8.94
CA VAL A 52 -13.79 -5.00 8.69
C VAL A 52 -13.64 -5.95 9.88
N LYS A 53 -12.82 -5.56 10.85
CA LYS A 53 -12.59 -6.37 12.03
C LYS A 53 -13.56 -5.99 13.15
N TYR A 54 -13.48 -4.74 13.61
CA TYR A 54 -14.35 -4.26 14.66
C TYR A 54 -15.53 -3.48 14.09
N GLU A 55 -15.24 -2.58 13.18
CA GLU A 55 -16.28 -1.76 12.54
C GLU A 55 -16.87 -2.47 11.34
N ALA A 56 -16.93 -3.80 11.41
CA ALA A 56 -17.46 -4.60 10.32
C ALA A 56 -18.79 -4.02 9.82
N GLN A 57 -18.93 -3.96 8.50
CA GLN A 57 -20.14 -3.42 7.89
C GLN A 57 -21.13 -4.54 7.58
N GLY A 58 -20.82 -5.35 6.57
CA GLY A 58 -21.69 -6.45 6.20
C GLY A 58 -21.01 -7.45 5.31
N ASP A 59 -21.73 -8.52 4.96
CA ASP A 59 -21.19 -9.56 4.10
C ASP A 59 -20.83 -9.01 2.73
N LYS A 60 -21.55 -7.97 2.32
CA LYS A 60 -21.31 -7.34 1.02
C LYS A 60 -20.21 -6.30 1.11
N ALA A 61 -20.28 -5.46 2.14
CA ALA A 61 -19.28 -4.41 2.35
C ALA A 61 -17.91 -5.02 2.68
N LYS A 62 -17.93 -6.12 3.42
CA LYS A 62 -16.69 -6.80 3.81
C LYS A 62 -15.89 -7.21 2.58
N GLN A 63 -16.46 -8.09 1.77
CA GLN A 63 -15.80 -8.57 0.57
C GLN A 63 -15.41 -7.40 -0.33
N SER A 64 -16.27 -6.40 -0.40
CA SER A 64 -16.01 -5.23 -1.23
C SER A 64 -14.69 -4.56 -0.85
N ILE A 65 -14.56 -4.24 0.44
CA ILE A 65 -13.35 -3.60 0.94
C ILE A 65 -12.15 -4.53 0.82
N ARG A 66 -12.34 -5.79 1.19
CA ARG A 66 -11.28 -6.78 1.13
C ARG A 66 -10.63 -6.80 -0.26
N ALA A 67 -11.46 -6.90 -1.30
CA ALA A 67 -10.98 -6.91 -2.67
C ALA A 67 -9.90 -5.86 -2.89
N LYS A 68 -10.13 -4.67 -2.35
CA LYS A 68 -9.19 -3.56 -2.49
C LYS A 68 -7.90 -3.87 -1.73
N CYS A 69 -8.04 -4.37 -0.51
CA CYS A 69 -6.89 -4.70 0.32
C CYS A 69 -5.90 -5.58 -0.44
N THR A 70 -6.43 -6.58 -1.15
CA THR A 70 -5.59 -7.49 -1.92
C THR A 70 -4.94 -6.77 -3.09
N GLU A 71 -5.73 -5.98 -3.81
CA GLU A 71 -5.23 -5.23 -4.96
C GLU A 71 -4.12 -4.26 -4.54
N TYR A 72 -4.48 -3.29 -3.70
CA TYR A 72 -3.52 -2.30 -3.23
C TYR A 72 -2.28 -2.96 -2.66
N LEU A 73 -2.49 -4.07 -1.94
CA LEU A 73 -1.38 -4.80 -1.33
C LEU A 73 -0.41 -5.29 -2.40
N ASP A 74 -0.94 -5.97 -3.41
CA ASP A 74 -0.11 -6.50 -4.49
C ASP A 74 0.60 -5.37 -5.23
N ARG A 75 -0.11 -4.27 -5.46
CA ARG A 75 0.45 -3.11 -6.15
C ARG A 75 1.67 -2.58 -5.41
N ALA A 76 1.50 -2.29 -4.13
CA ALA A 76 2.58 -1.77 -3.30
C ALA A 76 3.81 -2.68 -3.37
N GLU A 77 3.57 -3.99 -3.20
CA GLU A 77 4.66 -4.96 -3.25
C GLU A 77 5.63 -4.65 -4.38
N LYS A 78 5.08 -4.34 -5.55
CA LYS A 78 5.90 -4.03 -6.71
C LYS A 78 6.66 -2.71 -6.50
N LEU A 79 5.95 -1.69 -6.02
CA LEU A 79 6.54 -0.39 -5.78
C LEU A 79 7.81 -0.52 -4.94
N LYS A 80 7.87 -1.57 -4.14
CA LYS A 80 9.04 -1.82 -3.29
C LYS A 80 10.18 -2.43 -4.09
N GLU A 81 9.86 -3.46 -4.86
CA GLU A 81 10.87 -4.14 -5.68
C GLU A 81 11.40 -3.20 -6.78
N TYR A 82 10.66 -2.14 -7.04
CA TYR A 82 11.05 -1.17 -8.05
C TYR A 82 11.91 -0.06 -7.46
N LEU A 83 11.62 0.29 -6.21
CA LEU A 83 12.37 1.33 -5.51
C LEU A 83 13.76 0.84 -5.13
N LYS A 84 13.89 -0.46 -4.89
CA LYS A 84 15.16 -1.05 -4.52
C LYS A 84 16.00 -1.39 -5.75
N ASN A 85 15.37 -1.26 -6.92
CA ASN A 85 16.05 -1.55 -8.18
C ASN A 85 16.51 -0.27 -8.86
N LYS A 86 15.84 0.84 -8.55
CA LYS A 86 16.19 2.13 -9.12
C LYS A 86 17.42 2.71 -8.43
N GLU A 87 17.36 2.82 -7.10
CA GLU A 87 18.47 3.36 -6.33
C GLU A 87 19.75 2.57 -6.58
N LYS A 88 20.81 2.93 -5.88
CA LYS A 88 22.09 2.26 -6.01
C LYS A 88 21.91 0.74 -6.01
N LYS A 89 21.33 0.23 -4.94
CA LYS A 89 21.09 -1.20 -4.80
C LYS A 89 20.78 -1.83 -6.15
N ALA A 90 21.65 -2.72 -6.61
CA ALA A 90 21.45 -3.40 -7.88
C ALA A 90 22.12 -4.77 -7.88
N GLN A 91 21.88 -5.53 -8.95
CA GLN A 91 22.45 -6.87 -9.07
C GLN A 91 23.89 -6.81 -9.57
N LYS A 92 24.22 -5.72 -10.28
CA LYS A 92 25.56 -5.54 -10.81
C LYS A 92 26.12 -4.18 -10.42
N PRO A 93 27.42 -4.15 -10.06
CA PRO A 93 28.11 -2.92 -9.67
C PRO A 93 28.30 -1.95 -10.83
N VAL A 94 28.36 -0.66 -10.52
CA VAL A 94 28.55 0.37 -11.55
C VAL A 94 29.35 1.54 -11.01
N LYS A 95 30.42 1.89 -11.71
CA LYS A 95 31.26 3.01 -11.30
C LYS A 95 30.46 4.29 -11.17
N GLU A 96 30.07 4.62 -9.94
CA GLU A 96 29.30 5.82 -9.67
C GLU A 96 29.34 6.19 -8.20
N GLY A 97 28.93 7.41 -7.88
CA GLY A 97 28.94 7.86 -6.50
C GLY A 97 27.84 7.23 -5.68
N GLN A 98 28.17 6.81 -4.47
CA GLN A 98 27.20 6.18 -3.58
C GLN A 98 27.21 6.84 -2.21
N PRO A 99 26.02 6.94 -1.59
CA PRO A 99 25.87 7.55 -0.26
C PRO A 99 26.48 6.70 0.84
N SER A 100 26.21 7.08 2.09
CA SER A 100 26.73 6.35 3.24
C SER A 100 25.93 6.67 4.49
N PRO A 101 25.80 5.67 5.37
CA PRO A 101 25.06 5.82 6.64
C PRO A 101 25.78 6.73 7.63
N ALA A 102 25.12 7.00 8.75
CA ALA A 102 25.71 7.85 9.79
C ALA A 102 26.05 7.04 11.03
N ASP A 103 27.20 6.36 10.99
CA ASP A 103 27.64 5.55 12.12
C ASP A 103 27.90 6.43 13.34
N GLU A 104 27.73 5.83 14.52
CA GLU A 104 27.95 6.56 15.77
C GLU A 104 28.16 5.60 16.93
N LYS A 105 29.08 5.94 17.82
CA LYS A 105 29.38 5.10 18.98
C LYS A 105 29.58 5.95 20.23
N GLY A 106 29.54 5.31 21.39
CA GLY A 106 29.73 6.03 22.64
C GLY A 106 29.32 5.20 23.85
N ASN A 107 30.30 4.67 24.56
CA ASN A 107 30.04 3.86 25.74
C ASN A 107 30.77 4.42 26.96
N ASP A 108 30.18 4.22 28.14
CA ASP A 108 30.77 4.70 29.39
C ASP A 108 32.27 4.42 29.41
N SER A 109 33.06 5.49 29.47
CA SER A 109 34.51 5.37 29.50
C SER A 109 34.96 4.52 30.69
N ASP A 110 34.36 4.76 31.85
CA ASP A 110 34.69 4.02 33.06
C ASP A 110 36.21 3.89 33.21
N GLY A 111 36.91 4.99 32.97
CA GLY A 111 38.36 4.97 33.08
C GLY A 111 38.84 5.16 34.52
N SER A 112 40.04 4.67 34.82
CA SER A 112 40.59 4.78 36.16
C SER A 112 42.08 4.47 36.15
N GLY A 113 42.79 4.97 37.16
CA GLY A 113 44.22 4.74 37.25
C GLY A 113 44.57 3.71 38.30
N PRO A 114 45.63 2.94 38.04
CA PRO A 114 46.09 1.89 38.96
C PRO A 114 46.71 2.47 40.23
N SER A 115 47.42 3.58 40.09
CA SER A 115 48.06 4.23 41.23
C SER A 115 49.20 3.38 41.77
N SER A 116 49.96 2.77 40.86
CA SER A 116 51.07 1.91 41.25
C SER A 116 52.38 2.70 41.23
N GLY A 117 53.26 2.42 42.19
CA GLY A 117 54.53 3.10 42.26
C GLY A 117 55.60 2.28 42.95
N GLY A 1 -26.47 -1.29 -6.36
CA GLY A 1 -27.44 -0.46 -7.06
C GLY A 1 -26.83 0.83 -7.57
N SER A 2 -26.06 0.75 -8.64
CA SER A 2 -25.41 1.91 -9.22
C SER A 2 -26.43 3.03 -9.46
N SER A 3 -26.25 4.14 -8.75
CA SER A 3 -27.16 5.28 -8.88
C SER A 3 -26.55 6.52 -8.25
N GLY A 4 -26.84 7.68 -8.84
CA GLY A 4 -26.32 8.93 -8.33
C GLY A 4 -27.17 9.51 -7.22
N SER A 5 -26.53 9.94 -6.13
CA SER A 5 -27.24 10.51 -5.00
C SER A 5 -26.41 11.58 -4.31
N SER A 6 -27.05 12.42 -3.51
CA SER A 6 -26.37 13.49 -2.79
C SER A 6 -25.10 12.96 -2.13
N GLY A 7 -25.25 11.91 -1.33
CA GLY A 7 -24.11 11.33 -0.64
C GLY A 7 -24.07 11.70 0.82
N MET A 8 -25.15 11.40 1.54
CA MET A 8 -25.24 11.70 2.96
C MET A 8 -25.00 10.44 3.80
N SER A 9 -23.88 10.43 4.52
CA SER A 9 -23.53 9.29 5.36
C SER A 9 -22.40 9.65 6.32
N SER A 10 -22.64 9.45 7.61
CA SER A 10 -21.65 9.75 8.63
C SER A 10 -20.61 8.63 8.73
N THR A 11 -20.16 8.14 7.58
CA THR A 11 -19.18 7.06 7.54
C THR A 11 -18.07 7.31 8.56
N SER A 12 -17.77 6.28 9.36
CA SER A 12 -16.73 6.38 10.37
C SER A 12 -15.45 6.99 9.78
N PRO A 13 -14.65 7.64 10.64
CA PRO A 13 -13.40 8.28 10.22
C PRO A 13 -12.33 7.26 9.85
N ASN A 14 -12.34 6.12 10.53
CA ASN A 14 -11.37 5.07 10.27
C ASN A 14 -11.48 4.57 8.84
N LEU A 15 -12.71 4.29 8.40
CA LEU A 15 -12.95 3.80 7.05
C LEU A 15 -12.60 4.88 6.03
N GLN A 16 -13.32 5.99 6.07
CA GLN A 16 -13.08 7.09 5.15
C GLN A 16 -11.59 7.28 4.89
N LYS A 17 -10.81 7.30 5.96
CA LYS A 17 -9.36 7.47 5.86
C LYS A 17 -8.76 6.43 4.92
N ALA A 18 -9.26 5.21 5.00
CA ALA A 18 -8.78 4.12 4.16
C ALA A 18 -9.02 4.42 2.69
N ILE A 19 -10.20 4.93 2.38
CA ILE A 19 -10.56 5.26 1.00
C ILE A 19 -9.71 6.41 0.48
N ASP A 20 -9.77 7.55 1.18
CA ASP A 20 -9.00 8.73 0.79
C ASP A 20 -7.53 8.38 0.58
N LEU A 21 -6.95 7.71 1.57
CA LEU A 21 -5.55 7.31 1.50
C LEU A 21 -5.25 6.55 0.21
N ALA A 22 -5.96 5.44 0.01
CA ALA A 22 -5.78 4.63 -1.19
C ALA A 22 -5.82 5.49 -2.44
N SER A 23 -6.82 6.36 -2.54
CA SER A 23 -6.96 7.24 -3.70
C SER A 23 -5.67 8.01 -3.95
N LYS A 24 -5.18 8.68 -2.91
CA LYS A 24 -3.95 9.46 -3.01
C LYS A 24 -2.83 8.64 -3.64
N ALA A 25 -2.65 7.42 -3.14
CA ALA A 25 -1.61 6.53 -3.66
C ALA A 25 -1.50 6.65 -5.18
N ALA A 26 -2.56 6.29 -5.88
CA ALA A 26 -2.58 6.36 -7.34
C ALA A 26 -2.08 7.72 -7.83
N GLN A 27 -2.79 8.78 -7.45
CA GLN A 27 -2.42 10.13 -7.85
C GLN A 27 -0.91 10.30 -7.86
N GLU A 28 -0.26 9.86 -6.79
CA GLU A 28 1.19 9.96 -6.68
C GLU A 28 1.88 9.20 -7.80
N ASP A 29 1.49 7.94 -7.97
CA ASP A 29 2.07 7.10 -9.01
C ASP A 29 2.09 7.82 -10.36
N LYS A 30 0.90 8.18 -10.84
CA LYS A 30 0.78 8.88 -12.11
C LYS A 30 1.74 10.08 -12.17
N ALA A 31 1.78 10.85 -11.09
CA ALA A 31 2.65 12.01 -11.02
C ALA A 31 4.11 11.61 -11.10
N GLY A 32 4.45 10.49 -10.47
CA GLY A 32 5.82 10.02 -10.49
C GLY A 32 6.36 9.76 -9.09
N ASN A 33 5.47 9.46 -8.15
CA ASN A 33 5.87 9.21 -6.78
C ASN A 33 5.54 7.77 -6.37
N TYR A 34 6.58 6.95 -6.25
CA TYR A 34 6.42 5.55 -5.88
C TYR A 34 6.60 5.36 -4.38
N GLU A 35 7.59 6.06 -3.81
CA GLU A 35 7.88 5.97 -2.39
C GLU A 35 6.66 6.39 -1.57
N GLU A 36 5.98 7.44 -2.02
CA GLU A 36 4.80 7.94 -1.32
C GLU A 36 3.59 7.06 -1.58
N ALA A 37 3.40 6.68 -2.83
CA ALA A 37 2.28 5.83 -3.22
C ALA A 37 2.28 4.54 -2.40
N LEU A 38 3.46 3.96 -2.22
CA LEU A 38 3.60 2.72 -1.46
C LEU A 38 3.05 2.88 -0.05
N GLN A 39 3.67 3.76 0.72
CA GLN A 39 3.25 4.01 2.10
C GLN A 39 1.73 4.16 2.18
N LEU A 40 1.17 4.97 1.28
CA LEU A 40 -0.27 5.18 1.25
C LEU A 40 -1.02 3.88 1.01
N TYR A 41 -0.61 3.16 -0.03
CA TYR A 41 -1.25 1.89 -0.37
C TYR A 41 -1.28 0.96 0.84
N GLN A 42 -0.17 0.86 1.55
CA GLN A 42 -0.08 0.01 2.72
C GLN A 42 -1.04 0.47 3.81
N HIS A 43 -1.06 1.77 4.06
CA HIS A 43 -1.94 2.35 5.07
C HIS A 43 -3.41 2.06 4.75
N ALA A 44 -3.82 2.41 3.53
CA ALA A 44 -5.19 2.19 3.10
C ALA A 44 -5.70 0.84 3.57
N VAL A 45 -4.94 -0.21 3.30
CA VAL A 45 -5.31 -1.56 3.70
C VAL A 45 -5.40 -1.68 5.22
N GLN A 46 -4.39 -1.17 5.91
CA GLN A 46 -4.36 -1.23 7.37
C GLN A 46 -5.68 -0.77 7.96
N TYR A 47 -6.09 0.46 7.63
CA TYR A 47 -7.33 1.02 8.13
C TYR A 47 -8.52 0.15 7.72
N PHE A 48 -8.59 -0.18 6.43
CA PHE A 48 -9.67 -1.00 5.90
C PHE A 48 -9.88 -2.24 6.77
N LEU A 49 -8.80 -2.99 7.00
CA LEU A 49 -8.86 -4.20 7.81
C LEU A 49 -9.38 -3.89 9.21
N HIS A 50 -8.68 -3.00 9.91
CA HIS A 50 -9.06 -2.62 11.27
C HIS A 50 -10.58 -2.43 11.36
N VAL A 51 -11.15 -1.75 10.38
CA VAL A 51 -12.59 -1.51 10.35
C VAL A 51 -13.36 -2.81 10.26
N VAL A 52 -13.16 -3.54 9.17
CA VAL A 52 -13.85 -4.81 8.96
C VAL A 52 -13.65 -5.75 10.14
N LYS A 53 -12.56 -5.55 10.87
CA LYS A 53 -12.24 -6.37 12.04
C LYS A 53 -13.29 -6.19 13.12
N TYR A 54 -13.43 -4.96 13.61
CA TYR A 54 -14.40 -4.65 14.65
C TYR A 54 -15.54 -3.79 14.10
N GLU A 55 -15.18 -2.74 13.38
CA GLU A 55 -16.18 -1.84 12.80
C GLU A 55 -16.71 -2.39 11.48
N ALA A 56 -16.87 -3.71 11.41
CA ALA A 56 -17.36 -4.36 10.22
C ALA A 56 -18.84 -4.06 9.99
N GLN A 57 -19.33 -4.40 8.81
CA GLN A 57 -20.73 -4.17 8.47
C GLN A 57 -21.45 -5.47 8.15
N GLY A 58 -20.87 -6.24 7.22
CA GLY A 58 -21.47 -7.51 6.83
C GLY A 58 -20.66 -8.21 5.75
N ASP A 59 -21.23 -9.28 5.21
CA ASP A 59 -20.57 -10.05 4.16
C ASP A 59 -20.45 -9.24 2.87
N LYS A 60 -21.56 -8.58 2.50
CA LYS A 60 -21.59 -7.76 1.29
C LYS A 60 -20.50 -6.69 1.32
N ALA A 61 -20.35 -6.04 2.47
CA ALA A 61 -19.34 -5.00 2.64
C ALA A 61 -17.96 -5.61 2.76
N LYS A 62 -17.80 -6.56 3.67
CA LYS A 62 -16.52 -7.21 3.89
C LYS A 62 -15.83 -7.52 2.57
N GLN A 63 -16.54 -8.20 1.68
CA GLN A 63 -15.99 -8.56 0.37
C GLN A 63 -15.58 -7.32 -0.40
N SER A 64 -16.43 -6.29 -0.36
CA SER A 64 -16.16 -5.04 -1.06
C SER A 64 -14.83 -4.45 -0.60
N ILE A 65 -14.66 -4.33 0.71
CA ILE A 65 -13.44 -3.77 1.28
C ILE A 65 -12.25 -4.71 1.05
N ARG A 66 -12.37 -5.94 1.53
CA ARG A 66 -11.30 -6.92 1.38
C ARG A 66 -10.70 -6.86 -0.02
N ALA A 67 -11.55 -7.04 -1.03
CA ALA A 67 -11.10 -7.00 -2.42
C ALA A 67 -10.09 -5.88 -2.64
N LYS A 68 -10.39 -4.71 -2.11
CA LYS A 68 -9.51 -3.56 -2.25
C LYS A 68 -8.18 -3.81 -1.54
N CYS A 69 -8.25 -4.38 -0.34
CA CYS A 69 -7.06 -4.68 0.44
C CYS A 69 -6.05 -5.48 -0.38
N THR A 70 -6.54 -6.50 -1.07
CA THR A 70 -5.68 -7.34 -1.89
C THR A 70 -5.16 -6.58 -3.11
N GLU A 71 -6.03 -5.79 -3.72
CA GLU A 71 -5.65 -5.01 -4.88
C GLU A 71 -4.53 -4.03 -4.55
N TYR A 72 -4.77 -3.18 -3.56
CA TYR A 72 -3.78 -2.19 -3.14
C TYR A 72 -2.52 -2.88 -2.63
N LEU A 73 -2.69 -3.92 -1.83
CA LEU A 73 -1.57 -4.66 -1.28
C LEU A 73 -0.63 -5.14 -2.38
N ASP A 74 -1.20 -5.68 -3.45
CA ASP A 74 -0.43 -6.17 -4.57
C ASP A 74 0.29 -5.03 -5.28
N ARG A 75 -0.38 -3.89 -5.39
CA ARG A 75 0.20 -2.71 -6.04
C ARG A 75 1.46 -2.26 -5.33
N ALA A 76 1.33 -1.95 -4.05
CA ALA A 76 2.47 -1.50 -3.25
C ALA A 76 3.64 -2.47 -3.38
N GLU A 77 3.35 -3.76 -3.24
CA GLU A 77 4.39 -4.78 -3.35
C GLU A 77 5.41 -4.42 -4.42
N LYS A 78 4.93 -4.30 -5.66
CA LYS A 78 5.80 -3.97 -6.78
C LYS A 78 6.58 -2.69 -6.50
N LEU A 79 5.86 -1.58 -6.29
CA LEU A 79 6.48 -0.30 -6.01
C LEU A 79 7.75 -0.49 -5.19
N LYS A 80 7.75 -1.50 -4.34
CA LYS A 80 8.91 -1.78 -3.49
C LYS A 80 10.06 -2.36 -4.31
N GLU A 81 9.79 -3.44 -5.03
CA GLU A 81 10.81 -4.08 -5.85
C GLU A 81 11.43 -3.07 -6.81
N TYR A 82 10.65 -2.08 -7.21
CA TYR A 82 11.14 -1.05 -8.13
C TYR A 82 12.03 -0.04 -7.41
N LEU A 83 11.56 0.42 -6.24
CA LEU A 83 12.32 1.39 -5.45
C LEU A 83 13.67 0.82 -5.05
N LYS A 84 13.70 -0.46 -4.73
CA LYS A 84 14.92 -1.13 -4.33
C LYS A 84 15.80 -1.44 -5.55
N ASN A 85 15.17 -1.52 -6.72
CA ASN A 85 15.88 -1.82 -7.95
C ASN A 85 16.50 -0.55 -8.54
N LYS A 86 15.95 0.60 -8.16
CA LYS A 86 16.44 1.88 -8.65
C LYS A 86 17.45 2.48 -7.67
N GLU A 87 17.08 2.50 -6.39
CA GLU A 87 17.95 3.05 -5.35
C GLU A 87 19.38 2.56 -5.53
N LYS A 88 20.31 3.21 -4.85
CA LYS A 88 21.72 2.84 -4.93
C LYS A 88 21.99 1.53 -4.18
N LYS A 89 22.76 0.65 -4.81
CA LYS A 89 23.09 -0.64 -4.21
C LYS A 89 24.41 -1.16 -4.73
N ALA A 90 25.16 -1.83 -3.86
CA ALA A 90 26.46 -2.39 -4.25
C ALA A 90 26.55 -3.86 -3.86
N GLN A 91 26.10 -4.73 -4.78
CA GLN A 91 26.13 -6.17 -4.54
C GLN A 91 26.18 -6.94 -5.85
N LYS A 92 26.74 -8.14 -5.80
CA LYS A 92 26.84 -8.98 -7.00
C LYS A 92 25.48 -9.54 -7.38
N PRO A 93 25.22 -9.65 -8.70
CA PRO A 93 23.96 -10.17 -9.22
C PRO A 93 23.81 -11.68 -8.97
N VAL A 94 22.57 -12.13 -8.89
CA VAL A 94 22.28 -13.54 -8.65
C VAL A 94 21.75 -14.20 -9.91
N LYS A 95 22.24 -15.41 -10.20
CA LYS A 95 21.81 -16.15 -11.38
C LYS A 95 20.32 -16.46 -11.31
N GLU A 96 19.59 -16.06 -12.34
CA GLU A 96 18.15 -16.29 -12.40
C GLU A 96 17.84 -17.79 -12.36
N GLY A 97 18.49 -18.54 -13.25
CA GLY A 97 18.26 -19.98 -13.30
C GLY A 97 18.24 -20.51 -14.72
N GLN A 98 18.52 -21.80 -14.86
CA GLN A 98 18.54 -22.43 -16.18
C GLN A 98 17.46 -23.50 -16.28
N PRO A 99 16.98 -23.74 -17.52
CA PRO A 99 15.93 -24.74 -17.78
C PRO A 99 16.44 -26.17 -17.59
N SER A 100 15.55 -27.13 -17.79
CA SER A 100 15.91 -28.54 -17.63
C SER A 100 14.80 -29.44 -18.17
N PRO A 101 15.18 -30.64 -18.61
CA PRO A 101 14.24 -31.63 -19.17
C PRO A 101 13.32 -32.20 -18.10
N ALA A 102 12.25 -32.86 -18.54
CA ALA A 102 11.29 -33.46 -17.62
C ALA A 102 11.09 -34.95 -17.93
N ASP A 103 12.18 -35.63 -18.25
CA ASP A 103 12.13 -37.05 -18.57
C ASP A 103 11.10 -37.33 -19.67
N GLU A 104 11.16 -36.53 -20.73
CA GLU A 104 10.23 -36.69 -21.85
C GLU A 104 10.71 -35.91 -23.07
N LYS A 105 10.52 -36.49 -24.24
CA LYS A 105 10.94 -35.85 -25.50
C LYS A 105 9.88 -36.04 -26.58
N GLY A 106 9.21 -34.96 -26.95
CA GLY A 106 8.20 -35.03 -27.98
C GLY A 106 8.78 -34.91 -29.38
N ASN A 107 8.08 -35.51 -30.34
CA ASN A 107 8.53 -35.47 -31.73
C ASN A 107 8.28 -34.09 -32.35
N ASP A 108 8.98 -33.81 -33.45
CA ASP A 108 8.85 -32.53 -34.14
C ASP A 108 8.55 -32.74 -35.62
N SER A 109 9.34 -33.59 -36.26
CA SER A 109 9.16 -33.87 -37.67
C SER A 109 7.75 -34.39 -37.95
N ASP A 110 7.09 -33.79 -38.94
CA ASP A 110 5.74 -34.19 -39.31
C ASP A 110 5.74 -35.03 -40.59
N GLY A 111 6.23 -34.44 -41.67
CA GLY A 111 6.27 -35.14 -42.95
C GLY A 111 5.94 -34.25 -44.12
N SER A 112 4.65 -34.15 -44.44
CA SER A 112 4.21 -33.33 -45.56
C SER A 112 4.94 -31.99 -45.57
N GLY A 113 5.70 -31.74 -46.63
CA GLY A 113 6.44 -30.50 -46.74
C GLY A 113 7.32 -30.45 -47.97
N PRO A 114 7.48 -29.26 -48.56
CA PRO A 114 8.30 -29.06 -49.75
C PRO A 114 9.79 -29.22 -49.47
N SER A 115 10.12 -29.55 -48.22
CA SER A 115 11.51 -29.72 -47.81
C SER A 115 11.91 -31.20 -47.91
N SER A 116 12.58 -31.54 -49.01
CA SER A 116 13.03 -32.92 -49.22
C SER A 116 14.43 -32.94 -49.81
N GLY A 117 15.21 -33.93 -49.41
CA GLY A 117 16.57 -34.05 -49.91
C GLY A 117 16.62 -34.36 -51.40
N GLY A 1 -34.60 -8.15 -0.79
CA GLY A 1 -35.36 -6.93 -0.97
C GLY A 1 -34.48 -5.72 -1.21
N SER A 2 -35.11 -4.55 -1.32
CA SER A 2 -34.38 -3.31 -1.56
C SER A 2 -34.05 -2.61 -0.24
N SER A 3 -32.80 -2.21 -0.08
CA SER A 3 -32.36 -1.52 1.13
C SER A 3 -32.86 -0.08 1.15
N GLY A 4 -33.01 0.47 2.35
CA GLY A 4 -33.46 1.85 2.49
C GLY A 4 -32.49 2.71 3.25
N SER A 5 -32.20 3.89 2.70
CA SER A 5 -31.27 4.82 3.34
C SER A 5 -31.50 6.25 2.87
N SER A 6 -31.23 7.21 3.74
CA SER A 6 -31.42 8.61 3.42
C SER A 6 -30.17 9.42 3.73
N GLY A 7 -29.70 10.18 2.74
CA GLY A 7 -28.51 10.99 2.92
C GLY A 7 -27.60 10.95 1.72
N MET A 8 -26.76 11.97 1.57
CA MET A 8 -25.83 12.05 0.45
C MET A 8 -24.51 11.38 0.80
N SER A 9 -23.90 11.81 1.90
CA SER A 9 -22.62 11.26 2.33
C SER A 9 -22.72 10.74 3.77
N SER A 10 -22.41 9.45 3.95
CA SER A 10 -22.48 8.83 5.26
C SER A 10 -21.49 7.67 5.36
N THR A 11 -20.53 7.78 6.26
CA THR A 11 -19.53 6.74 6.45
C THR A 11 -18.64 7.05 7.66
N SER A 12 -18.30 6.01 8.41
CA SER A 12 -17.45 6.16 9.59
C SER A 12 -16.11 6.79 9.22
N PRO A 13 -15.42 7.35 10.23
CA PRO A 13 -14.12 7.99 10.03
C PRO A 13 -13.02 6.99 9.70
N ASN A 14 -12.95 5.91 10.49
CA ASN A 14 -11.95 4.88 10.29
C ASN A 14 -11.96 4.38 8.84
N LEU A 15 -13.15 4.18 8.31
CA LEU A 15 -13.31 3.71 6.94
C LEU A 15 -12.98 4.82 5.93
N GLN A 16 -13.49 6.01 6.20
CA GLN A 16 -13.25 7.16 5.32
C GLN A 16 -11.75 7.39 5.13
N LYS A 17 -11.02 7.42 6.24
CA LYS A 17 -9.58 7.62 6.20
C LYS A 17 -8.91 6.63 5.26
N ALA A 18 -9.42 5.41 5.24
CA ALA A 18 -8.88 4.36 4.39
C ALA A 18 -9.08 4.70 2.91
N ILE A 19 -10.32 5.02 2.55
CA ILE A 19 -10.64 5.36 1.17
C ILE A 19 -9.75 6.48 0.65
N ASP A 20 -9.78 7.62 1.35
CA ASP A 20 -8.97 8.77 0.96
C ASP A 20 -7.52 8.36 0.75
N LEU A 21 -6.99 7.56 1.67
CA LEU A 21 -5.61 7.10 1.60
C LEU A 21 -5.35 6.38 0.29
N ALA A 22 -6.17 5.36 0.00
CA ALA A 22 -6.02 4.59 -1.22
C ALA A 22 -6.06 5.49 -2.45
N SER A 23 -6.96 6.46 -2.44
CA SER A 23 -7.10 7.39 -3.55
C SER A 23 -5.83 8.22 -3.73
N LYS A 24 -5.36 8.80 -2.63
CA LYS A 24 -4.15 9.62 -2.67
C LYS A 24 -3.00 8.87 -3.32
N ALA A 25 -2.77 7.64 -2.86
CA ALA A 25 -1.70 6.81 -3.39
C ALA A 25 -1.64 6.91 -4.92
N ALA A 26 -2.79 6.67 -5.57
CA ALA A 26 -2.87 6.74 -7.02
C ALA A 26 -2.26 8.03 -7.55
N GLN A 27 -2.70 9.15 -7.00
CA GLN A 27 -2.19 10.46 -7.43
C GLN A 27 -0.67 10.46 -7.45
N GLU A 28 -0.06 9.96 -6.38
CA GLU A 28 1.39 9.91 -6.29
C GLU A 28 1.98 9.01 -7.38
N ASP A 29 1.47 7.79 -7.46
CA ASP A 29 1.95 6.84 -8.45
C ASP A 29 1.88 7.44 -9.86
N LYS A 30 0.82 8.19 -10.12
CA LYS A 30 0.63 8.81 -11.42
C LYS A 30 1.61 9.97 -11.62
N ALA A 31 1.97 10.63 -10.51
CA ALA A 31 2.90 11.75 -10.56
C ALA A 31 4.34 11.27 -10.57
N GLY A 32 4.52 9.95 -10.50
CA GLY A 32 5.85 9.37 -10.51
C GLY A 32 6.35 9.05 -9.11
N ASN A 33 5.63 9.52 -8.10
CA ASN A 33 6.00 9.27 -6.71
C ASN A 33 5.59 7.86 -6.29
N TYR A 34 6.50 6.90 -6.47
CA TYR A 34 6.24 5.52 -6.10
C TYR A 34 6.44 5.31 -4.61
N GLU A 35 7.51 5.87 -4.07
CA GLU A 35 7.82 5.74 -2.65
C GLU A 35 6.67 6.27 -1.80
N GLU A 36 6.12 7.42 -2.19
CA GLU A 36 5.03 8.04 -1.46
C GLU A 36 3.72 7.28 -1.69
N ALA A 37 3.54 6.80 -2.93
CA ALA A 37 2.33 6.05 -3.28
C ALA A 37 2.29 4.71 -2.56
N LEU A 38 3.45 4.07 -2.43
CA LEU A 38 3.53 2.77 -1.75
C LEU A 38 2.91 2.85 -0.36
N GLN A 39 3.42 3.75 0.47
CA GLN A 39 2.91 3.91 1.82
C GLN A 39 1.40 4.10 1.81
N LEU A 40 0.93 5.05 1.00
CA LEU A 40 -0.50 5.34 0.90
C LEU A 40 -1.28 4.09 0.53
N TYR A 41 -0.64 3.21 -0.24
CA TYR A 41 -1.28 1.97 -0.67
C TYR A 41 -1.39 0.99 0.49
N GLN A 42 -0.33 0.89 1.27
CA GLN A 42 -0.31 -0.02 2.42
C GLN A 42 -1.20 0.50 3.54
N HIS A 43 -1.25 1.82 3.68
CA HIS A 43 -2.07 2.44 4.72
C HIS A 43 -3.55 2.16 4.49
N ALA A 44 -4.02 2.45 3.28
CA ALA A 44 -5.42 2.22 2.94
C ALA A 44 -5.92 0.89 3.49
N VAL A 45 -5.08 -0.14 3.36
CA VAL A 45 -5.44 -1.47 3.84
C VAL A 45 -5.43 -1.52 5.37
N GLN A 46 -4.35 -1.05 5.98
CA GLN A 46 -4.24 -1.04 7.42
C GLN A 46 -5.51 -0.50 8.07
N TYR A 47 -6.01 0.61 7.54
CA TYR A 47 -7.22 1.23 8.08
C TYR A 47 -8.45 0.38 7.75
N PHE A 48 -8.49 -0.15 6.53
CA PHE A 48 -9.62 -0.99 6.10
C PHE A 48 -9.82 -2.15 7.06
N LEU A 49 -8.76 -2.92 7.29
CA LEU A 49 -8.82 -4.06 8.18
C LEU A 49 -9.44 -3.68 9.52
N HIS A 50 -8.82 -2.72 10.21
CA HIS A 50 -9.31 -2.27 11.50
C HIS A 50 -10.84 -2.18 11.50
N VAL A 51 -11.39 -1.66 10.41
CA VAL A 51 -12.84 -1.53 10.29
C VAL A 51 -13.52 -2.90 10.26
N VAL A 52 -13.18 -3.70 9.25
CA VAL A 52 -13.76 -5.03 9.11
C VAL A 52 -13.64 -5.82 10.41
N LYS A 53 -12.61 -5.52 11.20
CA LYS A 53 -12.39 -6.19 12.46
C LYS A 53 -13.49 -5.84 13.47
N TYR A 54 -13.46 -4.60 13.95
CA TYR A 54 -14.45 -4.13 14.91
C TYR A 54 -15.64 -3.50 14.21
N GLU A 55 -15.37 -2.46 13.42
CA GLU A 55 -16.42 -1.77 12.69
C GLU A 55 -16.82 -2.54 11.44
N ALA A 56 -16.99 -3.85 11.59
CA ALA A 56 -17.37 -4.70 10.47
C ALA A 56 -18.67 -4.23 9.83
N GLN A 57 -19.06 -4.88 8.74
CA GLN A 57 -20.28 -4.52 8.03
C GLN A 57 -20.82 -5.70 7.24
N GLY A 58 -22.04 -5.56 6.73
CA GLY A 58 -22.66 -6.62 5.96
C GLY A 58 -21.65 -7.39 5.14
N ASP A 59 -21.91 -8.68 4.94
CA ASP A 59 -21.01 -9.53 4.17
C ASP A 59 -20.53 -8.81 2.91
N LYS A 60 -21.47 -8.41 2.06
CA LYS A 60 -21.14 -7.71 0.82
C LYS A 60 -20.13 -6.60 1.09
N ALA A 61 -20.33 -5.87 2.18
CA ALA A 61 -19.43 -4.78 2.54
C ALA A 61 -18.04 -5.30 2.88
N LYS A 62 -17.99 -6.39 3.64
CA LYS A 62 -16.73 -6.99 4.04
C LYS A 62 -15.86 -7.29 2.82
N GLN A 63 -16.26 -8.29 2.04
CA GLN A 63 -15.51 -8.67 0.84
C GLN A 63 -15.13 -7.44 0.02
N SER A 64 -16.09 -6.51 -0.12
CA SER A 64 -15.87 -5.30 -0.88
C SER A 64 -14.58 -4.61 -0.45
N ILE A 65 -14.41 -4.46 0.86
CA ILE A 65 -13.22 -3.83 1.41
C ILE A 65 -11.98 -4.69 1.20
N ARG A 66 -12.11 -5.98 1.50
CA ARG A 66 -11.00 -6.91 1.34
C ARG A 66 -10.42 -6.83 -0.07
N ALA A 67 -11.26 -7.07 -1.07
CA ALA A 67 -10.82 -7.02 -2.46
C ALA A 67 -9.83 -5.89 -2.68
N LYS A 68 -10.17 -4.70 -2.20
CA LYS A 68 -9.29 -3.53 -2.35
C LYS A 68 -7.96 -3.76 -1.63
N CYS A 69 -8.03 -4.31 -0.43
CA CYS A 69 -6.84 -4.58 0.36
C CYS A 69 -5.83 -5.41 -0.43
N THR A 70 -6.32 -6.46 -1.08
CA THR A 70 -5.47 -7.33 -1.87
C THR A 70 -4.89 -6.59 -3.07
N GLU A 71 -5.74 -5.82 -3.74
CA GLU A 71 -5.31 -5.06 -4.90
C GLU A 71 -4.21 -4.06 -4.55
N TYR A 72 -4.53 -3.14 -3.65
CA TYR A 72 -3.56 -2.13 -3.21
C TYR A 72 -2.29 -2.78 -2.71
N LEU A 73 -2.44 -3.89 -1.99
CA LEU A 73 -1.30 -4.61 -1.44
C LEU A 73 -0.38 -5.10 -2.56
N ASP A 74 -0.94 -5.82 -3.52
CA ASP A 74 -0.17 -6.35 -4.64
C ASP A 74 0.58 -5.22 -5.36
N ARG A 75 -0.18 -4.24 -5.85
CA ARG A 75 0.41 -3.11 -6.55
C ARG A 75 1.66 -2.61 -5.83
N ALA A 76 1.56 -2.48 -4.51
CA ALA A 76 2.68 -2.02 -3.70
C ALA A 76 3.86 -2.99 -3.77
N GLU A 77 3.57 -4.27 -3.60
CA GLU A 77 4.60 -5.30 -3.63
C GLU A 77 5.60 -5.02 -4.75
N LYS A 78 5.09 -4.54 -5.88
CA LYS A 78 5.94 -4.24 -7.03
C LYS A 78 6.73 -2.96 -6.79
N LEU A 79 6.05 -1.91 -6.34
CA LEU A 79 6.69 -0.63 -6.07
C LEU A 79 7.92 -0.82 -5.19
N LYS A 80 7.95 -1.92 -4.46
CA LYS A 80 9.08 -2.22 -3.57
C LYS A 80 10.22 -2.86 -4.35
N GLU A 81 9.87 -3.71 -5.30
CA GLU A 81 10.87 -4.40 -6.13
C GLU A 81 11.41 -3.48 -7.21
N TYR A 82 10.74 -2.35 -7.40
CA TYR A 82 11.15 -1.38 -8.42
C TYR A 82 12.00 -0.27 -7.80
N LEU A 83 11.60 0.20 -6.63
CA LEU A 83 12.33 1.25 -5.94
C LEU A 83 13.67 0.75 -5.44
N LYS A 84 13.66 -0.40 -4.77
CA LYS A 84 14.88 -1.00 -4.24
C LYS A 84 15.92 -1.18 -5.35
N ASN A 85 15.45 -1.44 -6.57
CA ASN A 85 16.34 -1.63 -7.70
C ASN A 85 16.79 -0.28 -8.27
N LYS A 86 16.02 0.76 -7.98
CA LYS A 86 16.34 2.10 -8.47
C LYS A 86 17.70 2.56 -7.94
N GLU A 87 17.85 2.57 -6.63
CA GLU A 87 19.10 2.98 -6.00
C GLU A 87 20.28 2.24 -6.63
N LYS A 88 21.46 2.85 -6.54
CA LYS A 88 22.67 2.26 -7.09
C LYS A 88 23.77 2.20 -6.03
N LYS A 89 24.48 1.07 -6.00
CA LYS A 89 25.56 0.88 -5.03
C LYS A 89 26.87 0.55 -5.75
N ALA A 90 27.98 0.94 -5.14
CA ALA A 90 29.30 0.68 -5.72
C ALA A 90 29.34 -0.68 -6.40
N GLN A 91 28.60 -1.63 -5.84
CA GLN A 91 28.55 -2.98 -6.39
C GLN A 91 28.21 -2.96 -7.88
N LYS A 92 28.05 -4.14 -8.47
CA LYS A 92 27.72 -4.24 -9.89
C LYS A 92 26.81 -3.09 -10.33
N PRO A 93 27.04 -2.60 -11.55
CA PRO A 93 26.26 -1.50 -12.12
C PRO A 93 24.83 -1.90 -12.43
N VAL A 94 23.96 -0.91 -12.64
CA VAL A 94 22.56 -1.17 -12.94
C VAL A 94 21.94 0.00 -13.70
N LYS A 95 20.86 -0.27 -14.42
CA LYS A 95 20.17 0.76 -15.19
C LYS A 95 20.11 2.07 -14.41
N GLU A 96 20.55 3.15 -15.06
CA GLU A 96 20.55 4.47 -14.43
C GLU A 96 19.19 4.77 -13.80
N GLY A 97 19.17 5.73 -12.88
CA GLY A 97 17.93 6.09 -12.22
C GLY A 97 18.08 7.33 -11.34
N GLN A 98 17.49 7.27 -10.15
CA GLN A 98 17.56 8.40 -9.22
C GLN A 98 17.67 7.90 -7.79
N PRO A 99 18.44 8.63 -6.96
CA PRO A 99 18.64 8.29 -5.55
C PRO A 99 17.38 8.49 -4.72
N SER A 100 17.22 7.67 -3.67
CA SER A 100 16.06 7.76 -2.81
C SER A 100 16.20 6.83 -1.61
N PRO A 101 15.47 7.13 -0.53
CA PRO A 101 15.50 6.32 0.70
C PRO A 101 14.83 4.97 0.51
N ALA A 102 15.46 3.92 1.03
CA ALA A 102 14.93 2.57 0.93
C ALA A 102 14.64 1.98 2.31
N ASP A 103 13.87 0.90 2.33
CA ASP A 103 13.53 0.24 3.58
C ASP A 103 13.46 -1.27 3.41
N GLU A 104 14.12 -2.00 4.31
CA GLU A 104 14.15 -3.45 4.24
C GLU A 104 13.42 -4.06 5.44
N LYS A 105 12.25 -4.64 5.19
CA LYS A 105 11.46 -5.26 6.25
C LYS A 105 10.64 -6.43 5.71
N GLY A 106 11.04 -7.63 6.09
CA GLY A 106 10.33 -8.82 5.63
C GLY A 106 9.31 -9.31 6.64
N ASN A 107 8.25 -9.95 6.15
CA ASN A 107 7.19 -10.47 7.02
C ASN A 107 6.18 -11.27 6.22
N ASP A 108 5.96 -12.52 6.63
CA ASP A 108 5.00 -13.38 5.95
C ASP A 108 4.73 -14.65 6.78
N SER A 109 3.62 -15.30 6.49
CA SER A 109 3.24 -16.51 7.20
C SER A 109 2.05 -17.20 6.54
N ASP A 110 2.02 -18.52 6.61
CA ASP A 110 0.93 -19.30 6.01
C ASP A 110 0.99 -20.75 6.45
N GLY A 111 -0.17 -21.40 6.50
CA GLY A 111 -0.23 -22.79 6.90
C GLY A 111 -1.56 -23.43 6.59
N SER A 112 -1.65 -24.75 6.78
CA SER A 112 -2.87 -25.49 6.51
C SER A 112 -2.79 -26.90 7.07
N GLY A 113 -3.90 -27.62 6.99
CA GLY A 113 -3.94 -28.99 7.49
C GLY A 113 -4.62 -29.94 6.53
N PRO A 114 -5.10 -31.08 7.06
CA PRO A 114 -5.78 -32.10 6.25
C PRO A 114 -7.15 -31.63 5.79
N SER A 115 -7.23 -31.24 4.52
CA SER A 115 -8.49 -30.77 3.94
C SER A 115 -9.59 -31.83 4.08
N SER A 116 -9.27 -33.05 3.68
CA SER A 116 -10.22 -34.15 3.76
C SER A 116 -10.63 -34.42 5.21
N GLY A 117 -9.65 -34.77 6.04
CA GLY A 117 -9.92 -35.04 7.44
C GLY A 117 -8.66 -35.30 8.24
N GLY A 1 -19.86 31.43 -7.39
CA GLY A 1 -20.18 30.86 -6.11
C GLY A 1 -21.06 29.62 -6.23
N SER A 2 -22.34 29.77 -5.87
CA SER A 2 -23.27 28.65 -5.93
C SER A 2 -22.67 27.40 -5.30
N SER A 3 -21.83 27.60 -4.29
CA SER A 3 -21.19 26.49 -3.61
C SER A 3 -22.08 25.95 -2.50
N GLY A 4 -22.47 24.67 -2.62
CA GLY A 4 -23.32 24.06 -1.62
C GLY A 4 -22.53 23.51 -0.45
N SER A 5 -23.20 23.35 0.69
CA SER A 5 -22.56 22.83 1.89
C SER A 5 -23.43 21.77 2.56
N SER A 6 -24.00 20.89 1.75
CA SER A 6 -24.87 19.82 2.25
C SER A 6 -24.14 18.48 2.21
N GLY A 7 -24.61 17.55 3.03
CA GLY A 7 -24.01 16.23 3.07
C GLY A 7 -23.56 15.83 4.45
N MET A 8 -24.21 14.83 5.03
CA MET A 8 -23.87 14.37 6.38
C MET A 8 -23.16 13.01 6.32
N SER A 9 -21.84 13.05 6.13
CA SER A 9 -21.05 11.83 6.06
C SER A 9 -21.33 10.92 7.25
N SER A 10 -21.95 9.78 6.97
CA SER A 10 -22.29 8.82 8.02
C SER A 10 -21.19 7.77 8.17
N THR A 11 -20.75 7.22 7.03
CA THR A 11 -19.70 6.21 7.04
C THR A 11 -18.68 6.47 8.14
N SER A 12 -18.39 5.45 8.93
CA SER A 12 -17.42 5.57 10.01
C SER A 12 -16.20 6.37 9.57
N PRO A 13 -15.53 7.02 10.54
CA PRO A 13 -14.34 7.83 10.27
C PRO A 13 -13.13 6.96 9.89
N ASN A 14 -12.94 5.88 10.63
CA ASN A 14 -11.83 4.97 10.38
C ASN A 14 -11.85 4.47 8.93
N LEU A 15 -13.04 4.15 8.44
CA LEU A 15 -13.19 3.66 7.07
C LEU A 15 -12.92 4.78 6.07
N GLN A 16 -13.74 5.82 6.11
CA GLN A 16 -13.59 6.95 5.20
C GLN A 16 -12.10 7.27 4.98
N LYS A 17 -11.33 7.27 6.06
CA LYS A 17 -9.91 7.56 5.98
C LYS A 17 -9.21 6.59 5.03
N ALA A 18 -9.58 5.31 5.13
CA ALA A 18 -8.99 4.28 4.27
C ALA A 18 -9.16 4.62 2.80
N ILE A 19 -10.35 5.14 2.45
CA ILE A 19 -10.64 5.50 1.07
C ILE A 19 -9.75 6.65 0.60
N ASP A 20 -9.86 7.78 1.29
CA ASP A 20 -9.06 8.96 0.96
C ASP A 20 -7.60 8.58 0.75
N LEU A 21 -7.04 7.85 1.71
CA LEU A 21 -5.65 7.42 1.64
C LEU A 21 -5.38 6.66 0.35
N ALA A 22 -6.09 5.55 0.15
CA ALA A 22 -5.93 4.74 -1.04
C ALA A 22 -5.95 5.60 -2.30
N SER A 23 -6.89 6.52 -2.36
CA SER A 23 -7.03 7.41 -3.52
C SER A 23 -5.75 8.22 -3.73
N LYS A 24 -5.23 8.80 -2.66
CA LYS A 24 -4.02 9.59 -2.72
C LYS A 24 -2.88 8.79 -3.36
N ALA A 25 -2.70 7.56 -2.92
CA ALA A 25 -1.66 6.69 -3.45
C ALA A 25 -1.59 6.79 -4.97
N ALA A 26 -2.68 6.44 -5.63
CA ALA A 26 -2.75 6.49 -7.09
C ALA A 26 -2.21 7.82 -7.61
N GLN A 27 -2.80 8.92 -7.16
CA GLN A 27 -2.38 10.24 -7.59
C GLN A 27 -0.86 10.33 -7.69
N GLU A 28 -0.19 9.89 -6.64
CA GLU A 28 1.27 9.92 -6.61
C GLU A 28 1.86 9.07 -7.74
N ASP A 29 1.43 7.82 -7.82
CA ASP A 29 1.90 6.92 -8.85
C ASP A 29 1.89 7.59 -10.22
N LYS A 30 0.71 8.02 -10.65
CA LYS A 30 0.56 8.69 -11.94
C LYS A 30 1.54 9.85 -12.06
N ALA A 31 1.62 10.67 -11.03
CA ALA A 31 2.52 11.81 -11.02
C ALA A 31 3.97 11.37 -11.19
N GLY A 32 4.33 10.25 -10.56
CA GLY A 32 5.68 9.75 -10.64
C GLY A 32 6.30 9.48 -9.29
N ASN A 33 5.45 9.34 -8.27
CA ASN A 33 5.92 9.09 -6.92
C ASN A 33 5.57 7.66 -6.48
N TYR A 34 6.59 6.81 -6.42
CA TYR A 34 6.40 5.42 -6.01
C TYR A 34 6.63 5.25 -4.51
N GLU A 35 7.69 5.87 -4.02
CA GLU A 35 8.02 5.79 -2.60
C GLU A 35 6.86 6.28 -1.74
N GLU A 36 6.24 7.37 -2.15
CA GLU A 36 5.11 7.93 -1.41
C GLU A 36 3.86 7.08 -1.60
N ALA A 37 3.61 6.67 -2.84
CA ALA A 37 2.45 5.85 -3.16
C ALA A 37 2.44 4.56 -2.33
N LEU A 38 3.62 3.97 -2.16
CA LEU A 38 3.75 2.73 -1.40
C LEU A 38 3.21 2.92 0.02
N GLN A 39 3.81 3.87 0.75
CA GLN A 39 3.39 4.14 2.11
C GLN A 39 1.88 4.32 2.20
N LEU A 40 1.35 5.21 1.38
CA LEU A 40 -0.08 5.47 1.36
C LEU A 40 -0.87 4.19 1.12
N TYR A 41 -0.43 3.41 0.15
CA TYR A 41 -1.08 2.15 -0.19
C TYR A 41 -1.21 1.26 1.05
N GLN A 42 -0.13 1.17 1.82
CA GLN A 42 -0.12 0.36 3.03
C GLN A 42 -1.14 0.87 4.04
N HIS A 43 -1.12 2.18 4.29
CA HIS A 43 -2.04 2.79 5.24
C HIS A 43 -3.49 2.47 4.88
N ALA A 44 -3.86 2.76 3.63
CA ALA A 44 -5.22 2.50 3.17
C ALA A 44 -5.71 1.15 3.66
N VAL A 45 -5.00 0.09 3.30
CA VAL A 45 -5.37 -1.27 3.70
C VAL A 45 -5.45 -1.38 5.22
N GLN A 46 -4.42 -0.87 5.90
CA GLN A 46 -4.37 -0.93 7.35
C GLN A 46 -5.69 -0.47 7.96
N TYR A 47 -6.17 0.70 7.53
CA TYR A 47 -7.43 1.25 8.04
C TYR A 47 -8.60 0.37 7.63
N PHE A 48 -8.65 0.00 6.35
CA PHE A 48 -9.72 -0.84 5.84
C PHE A 48 -9.89 -2.09 6.69
N LEU A 49 -8.79 -2.79 6.94
CA LEU A 49 -8.82 -4.00 7.74
C LEU A 49 -9.40 -3.73 9.13
N HIS A 50 -8.76 -2.84 9.88
CA HIS A 50 -9.21 -2.49 11.21
C HIS A 50 -10.73 -2.44 11.28
N VAL A 51 -11.33 -1.81 10.27
CA VAL A 51 -12.79 -1.69 10.21
C VAL A 51 -13.45 -3.06 10.12
N VAL A 52 -13.14 -3.78 9.05
CA VAL A 52 -13.70 -5.11 8.84
C VAL A 52 -13.50 -6.00 10.06
N LYS A 53 -12.51 -5.64 10.88
CA LYS A 53 -12.20 -6.40 12.09
C LYS A 53 -13.22 -6.10 13.19
N TYR A 54 -13.37 -4.82 13.52
CA TYR A 54 -14.31 -4.41 14.56
C TYR A 54 -15.54 -3.75 13.94
N GLU A 55 -15.31 -2.72 13.13
CA GLU A 55 -16.39 -2.00 12.48
C GLU A 55 -16.88 -2.75 11.25
N ALA A 56 -17.02 -4.07 11.38
CA ALA A 56 -17.47 -4.90 10.28
C ALA A 56 -18.92 -4.58 9.91
N GLN A 57 -19.11 -4.05 8.71
CA GLN A 57 -20.44 -3.70 8.23
C GLN A 57 -21.25 -4.95 7.89
N GLY A 58 -20.68 -5.80 7.04
CA GLY A 58 -21.37 -7.02 6.65
C GLY A 58 -20.72 -7.68 5.45
N ASP A 59 -20.98 -8.97 5.28
CA ASP A 59 -20.42 -9.72 4.16
C ASP A 59 -20.32 -8.85 2.92
N LYS A 60 -21.46 -8.34 2.45
CA LYS A 60 -21.49 -7.49 1.27
C LYS A 60 -20.32 -6.51 1.28
N ALA A 61 -20.11 -5.86 2.42
CA ALA A 61 -19.02 -4.90 2.56
C ALA A 61 -17.67 -5.60 2.68
N LYS A 62 -17.54 -6.46 3.68
CA LYS A 62 -16.30 -7.19 3.90
C LYS A 62 -15.68 -7.62 2.58
N GLN A 63 -16.47 -8.27 1.73
CA GLN A 63 -16.00 -8.72 0.43
C GLN A 63 -15.59 -7.54 -0.45
N SER A 64 -16.29 -6.43 -0.29
CA SER A 64 -16.00 -5.23 -1.07
C SER A 64 -14.67 -4.61 -0.64
N ILE A 65 -14.51 -4.40 0.66
CA ILE A 65 -13.28 -3.82 1.19
C ILE A 65 -12.10 -4.77 1.01
N ARG A 66 -12.32 -6.05 1.31
CA ARG A 66 -11.27 -7.05 1.18
C ARG A 66 -10.63 -6.99 -0.21
N ALA A 67 -11.46 -7.05 -1.25
CA ALA A 67 -10.98 -7.01 -2.61
C ALA A 67 -9.97 -5.90 -2.80
N LYS A 68 -10.28 -4.71 -2.28
CA LYS A 68 -9.38 -3.57 -2.38
C LYS A 68 -8.07 -3.83 -1.65
N CYS A 69 -8.17 -4.40 -0.45
CA CYS A 69 -6.98 -4.71 0.35
C CYS A 69 -5.97 -5.50 -0.47
N THR A 70 -6.46 -6.50 -1.19
CA THR A 70 -5.59 -7.34 -2.01
C THR A 70 -4.99 -6.56 -3.17
N GLU A 71 -5.81 -5.72 -3.79
CA GLU A 71 -5.35 -4.90 -4.91
C GLU A 71 -4.26 -3.93 -4.47
N TYR A 72 -4.58 -3.12 -3.46
CA TYR A 72 -3.63 -2.14 -2.94
C TYR A 72 -2.38 -2.84 -2.39
N LEU A 73 -2.59 -3.92 -1.66
CA LEU A 73 -1.49 -4.67 -1.07
C LEU A 73 -0.53 -5.18 -2.15
N ASP A 74 -1.08 -5.85 -3.15
CA ASP A 74 -0.29 -6.38 -4.25
C ASP A 74 0.41 -5.25 -5.01
N ARG A 75 -0.35 -4.22 -5.34
CA ARG A 75 0.19 -3.08 -6.08
C ARG A 75 1.47 -2.58 -5.42
N ALA A 76 1.44 -2.42 -4.10
CA ALA A 76 2.60 -1.96 -3.36
C ALA A 76 3.79 -2.89 -3.54
N GLU A 77 3.53 -4.19 -3.39
CA GLU A 77 4.59 -5.19 -3.55
C GLU A 77 5.57 -4.79 -4.65
N LYS A 78 5.04 -4.49 -5.83
CA LYS A 78 5.85 -4.10 -6.96
C LYS A 78 6.63 -2.81 -6.66
N LEU A 79 5.90 -1.75 -6.31
CA LEU A 79 6.51 -0.47 -5.99
C LEU A 79 7.80 -0.67 -5.19
N LYS A 80 7.86 -1.76 -4.43
CA LYS A 80 9.04 -2.07 -3.63
C LYS A 80 10.15 -2.67 -4.48
N GLU A 81 9.81 -3.71 -5.23
CA GLU A 81 10.77 -4.37 -6.10
C GLU A 81 11.29 -3.42 -7.17
N TYR A 82 10.47 -2.44 -7.52
CA TYR A 82 10.84 -1.46 -8.54
C TYR A 82 11.79 -0.41 -7.96
N LEU A 83 11.40 0.18 -6.84
CA LEU A 83 12.21 1.20 -6.18
C LEU A 83 13.54 0.61 -5.71
N LYS A 84 13.50 -0.61 -5.20
CA LYS A 84 14.70 -1.28 -4.72
C LYS A 84 15.83 -1.18 -5.74
N ASN A 85 15.65 -1.82 -6.89
CA ASN A 85 16.64 -1.80 -7.95
C ASN A 85 17.17 -0.38 -8.17
N LYS A 86 16.27 0.54 -8.51
CA LYS A 86 16.66 1.93 -8.74
C LYS A 86 17.64 2.41 -7.68
N GLU A 87 17.20 2.41 -6.43
CA GLU A 87 18.04 2.85 -5.32
C GLU A 87 19.41 2.18 -5.38
N LYS A 88 20.41 2.87 -4.86
CA LYS A 88 21.78 2.34 -4.85
C LYS A 88 21.82 0.94 -4.27
N LYS A 89 21.94 -0.06 -5.14
CA LYS A 89 21.99 -1.45 -4.71
C LYS A 89 22.92 -1.61 -3.52
N ALA A 90 22.67 -2.65 -2.71
CA ALA A 90 23.49 -2.91 -1.53
C ALA A 90 23.68 -4.41 -1.33
N GLN A 91 24.54 -4.77 -0.38
CA GLN A 91 24.80 -6.18 -0.09
C GLN A 91 23.62 -6.82 0.61
N LYS A 92 22.76 -7.49 -0.17
CA LYS A 92 21.59 -8.15 0.37
C LYS A 92 21.35 -9.48 -0.32
N PRO A 93 20.88 -10.48 0.45
CA PRO A 93 20.59 -11.82 -0.08
C PRO A 93 19.38 -11.83 -0.99
N VAL A 94 19.57 -12.32 -2.22
CA VAL A 94 18.50 -12.39 -3.20
C VAL A 94 17.50 -13.49 -2.85
N LYS A 95 16.50 -13.15 -2.06
CA LYS A 95 15.48 -14.10 -1.64
C LYS A 95 14.41 -14.25 -2.73
N GLU A 96 14.11 -15.49 -3.09
CA GLU A 96 13.10 -15.77 -4.10
C GLU A 96 12.11 -16.83 -3.62
N GLY A 97 12.62 -18.03 -3.34
CA GLY A 97 11.78 -19.11 -2.87
C GLY A 97 10.44 -19.14 -3.58
N GLN A 98 10.36 -19.88 -4.68
CA GLN A 98 9.13 -19.99 -5.45
C GLN A 98 9.04 -21.36 -6.14
N PRO A 99 7.83 -21.94 -6.12
CA PRO A 99 7.58 -23.25 -6.74
C PRO A 99 7.64 -23.19 -8.27
N SER A 100 8.85 -23.36 -8.81
CA SER A 100 9.04 -23.32 -10.26
C SER A 100 10.33 -24.03 -10.65
N PRO A 101 10.34 -24.60 -11.86
CA PRO A 101 11.50 -25.33 -12.39
C PRO A 101 12.67 -24.39 -12.70
N ALA A 102 13.83 -24.98 -12.92
CA ALA A 102 15.03 -24.21 -13.24
C ALA A 102 14.87 -23.47 -14.56
N ASP A 103 15.75 -22.49 -14.80
CA ASP A 103 15.70 -21.70 -16.02
C ASP A 103 16.96 -21.92 -16.84
N GLU A 104 16.84 -22.64 -17.96
CA GLU A 104 17.97 -22.92 -18.84
C GLU A 104 18.10 -21.84 -19.91
N LYS A 105 17.00 -21.13 -20.16
CA LYS A 105 16.99 -20.08 -21.16
C LYS A 105 17.64 -20.55 -22.46
N GLY A 106 17.33 -21.77 -22.86
CA GLY A 106 17.89 -22.32 -24.09
C GLY A 106 16.82 -22.77 -25.07
N ASN A 107 16.13 -21.81 -25.67
CA ASN A 107 15.08 -22.12 -26.64
C ASN A 107 15.67 -22.50 -27.99
N ASP A 108 14.88 -23.18 -28.80
CA ASP A 108 15.32 -23.61 -30.12
C ASP A 108 14.49 -22.96 -31.21
N SER A 109 14.94 -23.09 -32.46
CA SER A 109 14.24 -22.50 -33.60
C SER A 109 13.96 -23.55 -34.66
N ASP A 110 12.90 -23.33 -35.43
CA ASP A 110 12.52 -24.27 -36.49
C ASP A 110 13.53 -24.24 -37.62
N GLY A 111 13.38 -25.15 -38.58
CA GLY A 111 14.29 -25.22 -39.70
C GLY A 111 13.80 -24.41 -40.90
N SER A 112 14.67 -24.24 -41.89
CA SER A 112 14.32 -23.48 -43.07
C SER A 112 14.84 -24.17 -44.34
N GLY A 113 14.47 -23.63 -45.49
CA GLY A 113 14.90 -24.22 -46.75
C GLY A 113 15.90 -23.34 -47.48
N PRO A 114 16.02 -23.54 -48.81
CA PRO A 114 16.94 -22.77 -49.64
C PRO A 114 16.51 -21.32 -49.79
N SER A 115 17.23 -20.57 -50.62
CA SER A 115 16.93 -19.17 -50.85
C SER A 115 17.58 -18.68 -52.14
N SER A 116 17.29 -17.43 -52.51
CA SER A 116 17.86 -16.85 -53.73
C SER A 116 18.45 -15.47 -53.43
N GLY A 117 19.55 -15.16 -54.11
CA GLY A 117 20.20 -13.87 -53.92
C GLY A 117 20.56 -13.19 -55.23
N GLY A 1 -32.15 31.32 5.21
CA GLY A 1 -32.70 30.10 5.78
C GLY A 1 -31.62 29.14 6.23
N SER A 2 -31.01 29.42 7.38
CA SER A 2 -29.95 28.57 7.91
C SER A 2 -30.49 27.18 8.24
N SER A 3 -29.88 26.17 7.63
CA SER A 3 -30.30 24.79 7.85
C SER A 3 -29.09 23.85 7.87
N GLY A 4 -29.35 22.57 8.12
CA GLY A 4 -28.26 21.60 8.16
C GLY A 4 -28.77 20.20 8.44
N SER A 5 -29.54 19.65 7.51
CA SER A 5 -30.09 18.30 7.67
C SER A 5 -30.24 17.61 6.32
N SER A 6 -29.54 16.50 6.14
CA SER A 6 -29.58 15.75 4.89
C SER A 6 -29.33 14.27 5.14
N GLY A 7 -29.74 13.44 4.18
CA GLY A 7 -29.56 12.01 4.31
C GLY A 7 -28.27 11.53 3.68
N MET A 8 -27.13 12.03 4.19
CA MET A 8 -25.83 11.64 3.66
C MET A 8 -25.32 10.38 4.35
N SER A 9 -25.37 9.26 3.65
CA SER A 9 -24.91 7.99 4.20
C SER A 9 -23.68 8.19 5.08
N SER A 10 -23.90 8.10 6.39
CA SER A 10 -22.82 8.28 7.35
C SER A 10 -21.90 7.06 7.36
N THR A 11 -20.60 7.31 7.18
CA THR A 11 -19.61 6.24 7.17
C THR A 11 -18.58 6.42 8.27
N SER A 12 -18.20 5.32 8.91
CA SER A 12 -17.22 5.36 9.99
C SER A 12 -16.04 6.25 9.62
N PRO A 13 -15.35 6.78 10.65
CA PRO A 13 -14.20 7.65 10.46
C PRO A 13 -12.98 6.89 9.91
N ASN A 14 -12.71 5.74 10.50
CA ASN A 14 -11.57 4.92 10.08
C ASN A 14 -11.70 4.54 8.61
N LEU A 15 -12.88 4.05 8.24
CA LEU A 15 -13.13 3.65 6.86
C LEU A 15 -12.89 4.80 5.90
N GLN A 16 -13.60 5.91 6.13
CA GLN A 16 -13.47 7.09 5.28
C GLN A 16 -12.01 7.42 5.02
N LYS A 17 -11.24 7.55 6.10
CA LYS A 17 -9.82 7.85 6.00
C LYS A 17 -9.10 6.83 5.13
N ALA A 18 -9.57 5.59 5.16
CA ALA A 18 -8.98 4.52 4.38
C ALA A 18 -9.14 4.79 2.88
N ILE A 19 -10.33 5.21 2.48
CA ILE A 19 -10.61 5.50 1.08
C ILE A 19 -9.68 6.59 0.55
N ASP A 20 -9.75 7.77 1.17
CA ASP A 20 -8.91 8.89 0.76
C ASP A 20 -7.47 8.45 0.57
N LEU A 21 -6.91 7.81 1.59
CA LEU A 21 -5.54 7.34 1.55
C LEU A 21 -5.28 6.52 0.29
N ALA A 22 -6.09 5.49 0.10
CA ALA A 22 -5.95 4.62 -1.07
C ALA A 22 -5.97 5.43 -2.36
N SER A 23 -6.89 6.39 -2.42
CA SER A 23 -7.01 7.24 -3.61
C SER A 23 -5.74 8.05 -3.84
N LYS A 24 -5.26 8.70 -2.78
CA LYS A 24 -4.06 9.50 -2.86
C LYS A 24 -2.90 8.71 -3.48
N ALA A 25 -2.68 7.51 -2.94
CA ALA A 25 -1.60 6.65 -3.44
C ALA A 25 -1.51 6.72 -4.96
N ALA A 26 -2.59 6.34 -5.63
CA ALA A 26 -2.62 6.36 -7.09
C ALA A 26 -2.04 7.66 -7.64
N GLN A 27 -2.61 8.78 -7.21
CA GLN A 27 -2.15 10.09 -7.66
C GLN A 27 -0.62 10.17 -7.62
N GLU A 28 -0.04 9.78 -6.50
CA GLU A 28 1.41 9.80 -6.33
C GLU A 28 2.09 8.90 -7.36
N ASP A 29 1.54 7.71 -7.54
CA ASP A 29 2.11 6.75 -8.49
C ASP A 29 2.10 7.33 -9.90
N LYS A 30 1.02 7.99 -10.26
CA LYS A 30 0.89 8.59 -11.59
C LYS A 30 1.80 9.82 -11.71
N ALA A 31 1.95 10.55 -10.63
CA ALA A 31 2.80 11.75 -10.62
C ALA A 31 4.28 11.36 -10.70
N GLY A 32 4.59 10.13 -10.29
CA GLY A 32 5.96 9.66 -10.32
C GLY A 32 6.49 9.33 -8.94
N ASN A 33 5.66 9.59 -7.92
CA ASN A 33 6.05 9.31 -6.53
C ASN A 33 5.71 7.87 -6.16
N TYR A 34 6.68 6.98 -6.32
CA TYR A 34 6.48 5.57 -6.00
C TYR A 34 6.61 5.34 -4.49
N GLU A 35 7.74 5.78 -3.93
CA GLU A 35 7.98 5.62 -2.50
C GLU A 35 6.82 6.16 -1.68
N GLU A 36 6.30 7.31 -2.09
CA GLU A 36 5.17 7.94 -1.39
C GLU A 36 3.88 7.17 -1.64
N ALA A 37 3.70 6.71 -2.88
CA ALA A 37 2.52 5.95 -3.25
C ALA A 37 2.47 4.61 -2.54
N LEU A 38 3.63 4.08 -2.21
CA LEU A 38 3.73 2.80 -1.53
C LEU A 38 3.11 2.87 -0.14
N GLN A 39 3.65 3.76 0.70
CA GLN A 39 3.15 3.92 2.06
C GLN A 39 1.63 4.11 2.06
N LEU A 40 1.15 5.01 1.21
CA LEU A 40 -0.28 5.28 1.12
C LEU A 40 -1.06 4.00 0.77
N TYR A 41 -0.43 3.15 -0.03
CA TYR A 41 -1.07 1.89 -0.44
C TYR A 41 -1.20 0.94 0.74
N GLN A 42 -0.20 0.97 1.63
CA GLN A 42 -0.20 0.10 2.81
C GLN A 42 -1.17 0.62 3.85
N HIS A 43 -1.13 1.92 4.11
CA HIS A 43 -2.02 2.53 5.10
C HIS A 43 -3.47 2.24 4.77
N ALA A 44 -3.91 2.67 3.60
CA ALA A 44 -5.29 2.46 3.17
C ALA A 44 -5.79 1.09 3.62
N VAL A 45 -4.99 0.06 3.40
CA VAL A 45 -5.35 -1.30 3.78
C VAL A 45 -5.48 -1.43 5.29
N GLN A 46 -4.49 -0.92 6.01
CA GLN A 46 -4.50 -0.97 7.47
C GLN A 46 -5.83 -0.48 8.02
N TYR A 47 -6.26 0.68 7.57
CA TYR A 47 -7.52 1.26 8.02
C TYR A 47 -8.71 0.41 7.58
N PHE A 48 -8.72 0.03 6.31
CA PHE A 48 -9.79 -0.79 5.76
C PHE A 48 -10.03 -2.02 6.63
N LEU A 49 -8.95 -2.69 7.00
CA LEU A 49 -9.04 -3.88 7.84
C LEU A 49 -9.64 -3.55 9.20
N HIS A 50 -8.95 -2.71 9.96
CA HIS A 50 -9.43 -2.31 11.28
C HIS A 50 -10.95 -2.17 11.30
N VAL A 51 -11.50 -1.68 10.19
CA VAL A 51 -12.94 -1.50 10.09
C VAL A 51 -13.67 -2.83 10.05
N VAL A 52 -13.23 -3.71 9.15
CA VAL A 52 -13.85 -5.03 9.01
C VAL A 52 -13.62 -5.87 10.26
N LYS A 53 -12.84 -5.34 11.19
CA LYS A 53 -12.54 -6.04 12.44
C LYS A 53 -13.48 -5.58 13.55
N TYR A 54 -13.40 -4.30 13.90
CA TYR A 54 -14.24 -3.74 14.94
C TYR A 54 -15.43 -3.01 14.35
N GLU A 55 -15.17 -2.06 13.47
CA GLU A 55 -16.23 -1.29 12.82
C GLU A 55 -16.79 -2.04 11.62
N ALA A 56 -16.88 -3.36 11.74
CA ALA A 56 -17.40 -4.19 10.66
C ALA A 56 -18.79 -3.74 10.24
N GLN A 57 -19.13 -4.00 8.99
CA GLN A 57 -20.44 -3.61 8.46
C GLN A 57 -21.31 -4.83 8.20
N GLY A 58 -20.88 -5.66 7.25
CA GLY A 58 -21.64 -6.86 6.93
C GLY A 58 -20.89 -7.78 5.98
N ASP A 59 -21.06 -9.08 6.17
CA ASP A 59 -20.39 -10.06 5.33
C ASP A 59 -20.32 -9.58 3.88
N LYS A 60 -21.30 -8.78 3.49
CA LYS A 60 -21.35 -8.24 2.13
C LYS A 60 -20.33 -7.13 1.94
N ALA A 61 -20.32 -6.17 2.86
CA ALA A 61 -19.40 -5.05 2.80
C ALA A 61 -17.96 -5.52 2.99
N LYS A 62 -17.77 -6.52 3.85
CA LYS A 62 -16.45 -7.05 4.12
C LYS A 62 -15.75 -7.46 2.82
N GLN A 63 -16.29 -8.48 2.16
CA GLN A 63 -15.72 -8.96 0.90
C GLN A 63 -15.37 -7.80 -0.01
N SER A 64 -16.25 -6.81 -0.07
CA SER A 64 -16.04 -5.63 -0.93
C SER A 64 -14.73 -4.95 -0.57
N ILE A 65 -14.59 -4.56 0.69
CA ILE A 65 -13.37 -3.89 1.15
C ILE A 65 -12.15 -4.76 0.92
N ARG A 66 -12.24 -6.02 1.32
CA ARG A 66 -11.13 -6.96 1.15
C ARG A 66 -10.59 -6.92 -0.28
N ALA A 67 -11.49 -7.01 -1.24
CA ALA A 67 -11.11 -6.99 -2.66
C ALA A 67 -10.14 -5.84 -2.93
N LYS A 68 -10.39 -4.69 -2.32
CA LYS A 68 -9.55 -3.52 -2.49
C LYS A 68 -8.20 -3.70 -1.82
N CYS A 69 -8.23 -4.25 -0.61
CA CYS A 69 -7.00 -4.49 0.16
C CYS A 69 -5.99 -5.28 -0.67
N THR A 70 -6.49 -6.29 -1.39
CA THR A 70 -5.63 -7.13 -2.22
C THR A 70 -5.11 -6.35 -3.43
N GLU A 71 -5.98 -5.55 -4.04
CA GLU A 71 -5.61 -4.76 -5.20
C GLU A 71 -4.52 -3.76 -4.85
N TYR A 72 -4.77 -2.96 -3.81
CA TYR A 72 -3.81 -1.96 -3.38
C TYR A 72 -2.54 -2.61 -2.86
N LEU A 73 -2.68 -3.78 -2.25
CA LEU A 73 -1.54 -4.51 -1.71
C LEU A 73 -0.60 -4.95 -2.82
N ASP A 74 -1.17 -5.53 -3.87
CA ASP A 74 -0.39 -6.00 -5.01
C ASP A 74 0.35 -4.84 -5.67
N ARG A 75 -0.39 -3.77 -5.97
CA ARG A 75 0.19 -2.60 -6.62
C ARG A 75 1.47 -2.17 -5.90
N ALA A 76 1.45 -2.22 -4.57
CA ALA A 76 2.60 -1.84 -3.77
C ALA A 76 3.77 -2.80 -4.00
N GLU A 77 3.49 -4.09 -3.89
CA GLU A 77 4.51 -5.11 -4.08
C GLU A 77 5.48 -4.72 -5.18
N LYS A 78 4.93 -4.30 -6.31
CA LYS A 78 5.74 -3.88 -7.46
C LYS A 78 6.61 -2.68 -7.10
N LEU A 79 5.99 -1.65 -6.54
CA LEU A 79 6.70 -0.44 -6.15
C LEU A 79 7.95 -0.78 -5.34
N LYS A 80 7.90 -1.90 -4.63
CA LYS A 80 9.03 -2.34 -3.82
C LYS A 80 10.12 -2.96 -4.69
N GLU A 81 9.71 -3.78 -5.65
CA GLU A 81 10.65 -4.43 -6.56
C GLU A 81 11.26 -3.42 -7.52
N TYR A 82 10.79 -2.18 -7.46
CA TYR A 82 11.30 -1.13 -8.32
C TYR A 82 12.16 -0.14 -7.54
N LEU A 83 11.68 0.25 -6.36
CA LEU A 83 12.41 1.18 -5.51
C LEU A 83 13.69 0.55 -4.98
N LYS A 84 13.64 -0.76 -4.73
CA LYS A 84 14.80 -1.48 -4.22
C LYS A 84 15.86 -1.63 -5.29
N ASN A 85 15.48 -1.40 -6.55
CA ASN A 85 16.40 -1.49 -7.66
C ASN A 85 17.03 -0.13 -7.98
N LYS A 86 16.51 0.90 -7.36
CA LYS A 86 17.01 2.26 -7.56
C LYS A 86 18.23 2.53 -6.69
N GLU A 87 18.07 2.39 -5.39
CA GLU A 87 19.16 2.61 -4.45
C GLU A 87 20.48 2.10 -5.02
N LYS A 88 21.59 2.66 -4.53
CA LYS A 88 22.91 2.26 -4.99
C LYS A 88 22.95 0.76 -5.31
N LYS A 89 23.56 0.41 -6.43
CA LYS A 89 23.67 -0.98 -6.85
C LYS A 89 25.09 -1.30 -7.30
N ALA A 90 25.31 -2.56 -7.67
CA ALA A 90 26.62 -3.00 -8.13
C ALA A 90 27.18 -2.06 -9.19
N GLN A 91 28.51 -1.98 -9.27
CA GLN A 91 29.17 -1.11 -10.24
C GLN A 91 28.66 0.32 -10.11
N LYS A 92 28.62 0.81 -8.89
CA LYS A 92 28.16 2.18 -8.63
C LYS A 92 29.00 3.20 -9.40
N PRO A 93 28.37 4.30 -9.80
CA PRO A 93 29.05 5.37 -10.55
C PRO A 93 30.05 6.14 -9.69
N VAL A 94 30.79 7.04 -10.32
CA VAL A 94 31.78 7.84 -9.60
C VAL A 94 31.12 8.95 -8.80
N LYS A 95 30.73 8.62 -7.57
CA LYS A 95 30.07 9.58 -6.69
C LYS A 95 29.89 9.00 -5.29
N GLU A 96 30.64 9.53 -4.33
CA GLU A 96 30.55 9.06 -2.95
C GLU A 96 29.14 9.26 -2.40
N GLY A 97 28.56 10.43 -2.66
CA GLY A 97 27.22 10.72 -2.18
C GLY A 97 26.99 10.21 -0.78
N GLN A 98 27.59 10.87 0.20
CA GLN A 98 27.44 10.47 1.60
C GLN A 98 27.77 11.63 2.54
N PRO A 99 26.95 11.80 3.58
CA PRO A 99 27.13 12.87 4.56
C PRO A 99 28.35 12.63 5.45
N SER A 100 28.73 13.67 6.20
CA SER A 100 29.89 13.57 7.08
C SER A 100 29.79 14.59 8.22
N PRO A 101 30.34 14.23 9.39
CA PRO A 101 30.33 15.10 10.57
C PRO A 101 31.23 16.31 10.40
N ALA A 102 30.65 17.50 10.59
CA ALA A 102 31.41 18.75 10.46
C ALA A 102 32.07 19.12 11.79
N ASP A 103 31.26 19.35 12.81
CA ASP A 103 31.76 19.72 14.12
C ASP A 103 31.51 18.60 15.14
N GLU A 104 32.58 18.06 15.70
CA GLU A 104 32.47 16.99 16.68
C GLU A 104 33.70 16.94 17.58
N LYS A 105 33.53 17.36 18.82
CA LYS A 105 34.64 17.38 19.78
C LYS A 105 34.11 17.56 21.21
N GLY A 106 34.76 16.90 22.16
CA GLY A 106 34.35 17.02 23.55
C GLY A 106 35.49 16.72 24.51
N ASN A 107 35.45 17.37 25.67
CA ASN A 107 36.49 17.17 26.69
C ASN A 107 35.98 17.57 28.07
N ASP A 108 36.70 17.17 29.10
CA ASP A 108 36.32 17.48 30.47
C ASP A 108 37.50 18.07 31.24
N SER A 109 37.22 18.62 32.42
CA SER A 109 38.27 19.22 33.24
C SER A 109 37.95 19.05 34.72
N ASP A 110 38.89 19.43 35.58
CA ASP A 110 38.71 19.31 37.02
C ASP A 110 39.30 20.53 37.73
N GLY A 111 39.12 20.57 39.05
CA GLY A 111 39.63 21.69 39.83
C GLY A 111 39.93 21.30 41.27
N SER A 112 40.60 22.20 41.99
CA SER A 112 40.94 21.94 43.38
C SER A 112 40.93 23.23 44.20
N GLY A 113 40.98 23.10 45.52
CA GLY A 113 40.97 24.26 46.39
C GLY A 113 42.02 24.18 47.47
N PRO A 114 42.56 25.35 47.86
CA PRO A 114 43.59 25.43 48.90
C PRO A 114 43.04 25.12 50.29
N SER A 115 43.83 25.40 51.32
CA SER A 115 43.44 25.15 52.69
C SER A 115 43.95 26.24 53.63
N SER A 116 43.47 26.22 54.86
CA SER A 116 43.88 27.22 55.85
C SER A 116 44.74 26.57 56.94
N GLY A 117 45.37 27.42 57.75
CA GLY A 117 46.21 26.93 58.82
C GLY A 117 47.43 27.80 59.06
N GLY A 1 -17.87 -1.58 -5.11
CA GLY A 1 -17.23 -0.47 -4.43
C GLY A 1 -17.37 -0.57 -2.92
N SER A 2 -17.01 0.50 -2.23
CA SER A 2 -17.08 0.54 -0.77
C SER A 2 -18.51 0.79 -0.31
N SER A 3 -19.07 1.94 -0.72
CA SER A 3 -20.42 2.30 -0.34
C SER A 3 -21.42 1.84 -1.41
N GLY A 4 -22.70 1.81 -1.04
CA GLY A 4 -23.72 1.40 -1.97
C GLY A 4 -24.05 2.48 -3.00
N SER A 5 -25.34 2.78 -3.15
CA SER A 5 -25.77 3.79 -4.11
C SER A 5 -26.60 4.88 -3.42
N SER A 6 -26.07 6.10 -3.42
CA SER A 6 -26.76 7.22 -2.80
C SER A 6 -27.01 6.94 -1.31
N GLY A 7 -26.02 6.36 -0.65
CA GLY A 7 -26.15 6.05 0.76
C GLY A 7 -25.02 6.65 1.59
N MET A 8 -24.82 7.95 1.45
CA MET A 8 -23.78 8.65 2.19
C MET A 8 -24.30 9.12 3.55
N SER A 9 -25.04 8.26 4.23
CA SER A 9 -25.59 8.58 5.53
C SER A 9 -24.49 8.87 6.54
N SER A 10 -23.61 7.89 6.74
CA SER A 10 -22.50 8.03 7.67
C SER A 10 -21.48 6.91 7.49
N THR A 11 -20.33 7.06 8.12
CA THR A 11 -19.26 6.07 8.02
C THR A 11 -18.12 6.39 8.99
N SER A 12 -17.75 5.40 9.81
CA SER A 12 -16.68 5.58 10.78
C SER A 12 -15.52 6.37 10.18
N PRO A 13 -14.79 7.09 11.03
CA PRO A 13 -13.64 7.91 10.60
C PRO A 13 -12.47 7.05 10.17
N ASN A 14 -12.31 5.89 10.80
CA ASN A 14 -11.21 4.99 10.47
C ASN A 14 -11.33 4.49 9.03
N LEU A 15 -12.56 4.23 8.60
CA LEU A 15 -12.80 3.75 7.24
C LEU A 15 -12.59 4.87 6.22
N GLN A 16 -13.41 5.91 6.32
CA GLN A 16 -13.31 7.04 5.41
C GLN A 16 -11.85 7.35 5.08
N LYS A 17 -11.00 7.25 6.09
CA LYS A 17 -9.57 7.52 5.91
C LYS A 17 -8.95 6.51 4.95
N ALA A 18 -9.32 5.25 5.10
CA ALA A 18 -8.79 4.19 4.25
C ALA A 18 -9.06 4.48 2.77
N ILE A 19 -10.27 4.96 2.48
CA ILE A 19 -10.65 5.29 1.12
C ILE A 19 -9.75 6.38 0.54
N ASP A 20 -9.77 7.55 1.18
CA ASP A 20 -8.94 8.67 0.73
C ASP A 20 -7.49 8.24 0.55
N LEU A 21 -6.92 7.62 1.57
CA LEU A 21 -5.53 7.17 1.54
C LEU A 21 -5.28 6.35 0.27
N ALA A 22 -6.03 5.26 0.12
CA ALA A 22 -5.89 4.40 -1.04
C ALA A 22 -6.03 5.19 -2.34
N SER A 23 -6.90 6.19 -2.33
CA SER A 23 -7.12 7.02 -3.51
C SER A 23 -5.88 7.84 -3.85
N LYS A 24 -5.30 8.46 -2.84
CA LYS A 24 -4.10 9.28 -3.01
C LYS A 24 -2.97 8.45 -3.59
N ALA A 25 -2.79 7.24 -3.08
CA ALA A 25 -1.74 6.34 -3.55
C ALA A 25 -1.71 6.30 -5.08
N ALA A 26 -2.88 6.11 -5.68
CA ALA A 26 -2.98 6.05 -7.14
C ALA A 26 -2.53 7.35 -7.78
N GLN A 27 -3.03 8.47 -7.25
CA GLN A 27 -2.67 9.78 -7.78
C GLN A 27 -1.17 9.94 -7.87
N GLU A 28 -0.47 9.67 -6.76
CA GLU A 28 0.98 9.78 -6.72
C GLU A 28 1.62 8.89 -7.78
N ASP A 29 1.30 7.61 -7.74
CA ASP A 29 1.85 6.65 -8.69
C ASP A 29 1.75 7.18 -10.12
N LYS A 30 0.59 7.74 -10.45
CA LYS A 30 0.36 8.29 -11.79
C LYS A 30 1.32 9.44 -12.07
N ALA A 31 1.43 10.37 -11.12
CA ALA A 31 2.32 11.50 -11.27
C ALA A 31 3.77 11.06 -11.41
N GLY A 32 4.11 9.94 -10.78
CA GLY A 32 5.46 9.42 -10.84
C GLY A 32 6.06 9.21 -9.46
N ASN A 33 5.21 9.23 -8.44
CA ASN A 33 5.67 9.03 -7.07
C ASN A 33 5.37 7.62 -6.59
N TYR A 34 6.41 6.79 -6.52
CA TYR A 34 6.25 5.41 -6.08
C TYR A 34 6.41 5.30 -4.57
N GLU A 35 7.40 6.01 -4.04
CA GLU A 35 7.66 5.99 -2.60
C GLU A 35 6.43 6.47 -1.82
N GLU A 36 5.89 7.61 -2.24
CA GLU A 36 4.72 8.17 -1.58
C GLU A 36 3.49 7.28 -1.78
N ALA A 37 3.38 6.69 -2.96
CA ALA A 37 2.26 5.81 -3.28
C ALA A 37 2.30 4.55 -2.42
N LEU A 38 3.49 4.02 -2.21
CA LEU A 38 3.67 2.81 -1.41
C LEU A 38 3.06 2.99 -0.02
N GLN A 39 3.69 3.84 0.79
CA GLN A 39 3.21 4.09 2.14
C GLN A 39 1.70 4.31 2.16
N LEU A 40 1.20 4.98 1.12
CA LEU A 40 -0.23 5.25 1.01
C LEU A 40 -1.00 3.98 0.65
N TYR A 41 -0.34 3.08 -0.07
CA TYR A 41 -0.96 1.83 -0.48
C TYR A 41 -1.09 0.87 0.69
N GLN A 42 -0.09 0.89 1.57
CA GLN A 42 -0.09 0.03 2.74
C GLN A 42 -1.07 0.53 3.81
N HIS A 43 -0.96 1.80 4.15
CA HIS A 43 -1.83 2.41 5.14
C HIS A 43 -3.30 2.13 4.82
N ALA A 44 -3.74 2.59 3.64
CA ALA A 44 -5.11 2.40 3.21
C ALA A 44 -5.64 1.04 3.67
N VAL A 45 -4.84 0.00 3.47
CA VAL A 45 -5.24 -1.35 3.86
C VAL A 45 -5.30 -1.48 5.38
N GLN A 46 -4.27 -0.98 6.06
CA GLN A 46 -4.21 -1.05 7.51
C GLN A 46 -5.52 -0.56 8.13
N TYR A 47 -5.95 0.63 7.73
CA TYR A 47 -7.18 1.21 8.25
C TYR A 47 -8.39 0.36 7.86
N PHE A 48 -8.43 -0.06 6.61
CA PHE A 48 -9.54 -0.88 6.11
C PHE A 48 -9.76 -2.09 7.02
N LEU A 49 -8.69 -2.85 7.26
CA LEU A 49 -8.77 -4.04 8.10
C LEU A 49 -9.39 -3.69 9.46
N HIS A 50 -8.75 -2.79 10.19
CA HIS A 50 -9.25 -2.38 11.49
C HIS A 50 -10.76 -2.23 11.48
N VAL A 51 -11.28 -1.66 10.40
CA VAL A 51 -12.73 -1.47 10.27
C VAL A 51 -13.46 -2.80 10.18
N VAL A 52 -13.03 -3.65 9.24
CA VAL A 52 -13.64 -4.95 9.06
C VAL A 52 -13.45 -5.83 10.28
N LYS A 53 -12.60 -5.39 11.20
CA LYS A 53 -12.33 -6.13 12.43
C LYS A 53 -13.37 -5.82 13.49
N TYR A 54 -13.56 -4.53 13.76
CA TYR A 54 -14.53 -4.09 14.77
C TYR A 54 -15.70 -3.38 14.11
N GLU A 55 -15.40 -2.49 13.16
CA GLU A 55 -16.44 -1.74 12.46
C GLU A 55 -16.99 -2.55 11.29
N ALA A 56 -16.92 -3.87 11.40
CA ALA A 56 -17.41 -4.76 10.35
C ALA A 56 -18.79 -4.31 9.86
N GLN A 57 -19.07 -4.55 8.59
CA GLN A 57 -20.35 -4.18 8.00
C GLN A 57 -20.92 -5.32 7.15
N GLY A 58 -22.13 -5.14 6.67
CA GLY A 58 -22.77 -6.15 5.85
C GLY A 58 -21.78 -6.88 4.96
N ASP A 59 -22.05 -8.15 4.69
CA ASP A 59 -21.18 -8.95 3.84
C ASP A 59 -20.63 -8.12 2.68
N LYS A 60 -21.53 -7.61 1.85
CA LYS A 60 -21.13 -6.81 0.70
C LYS A 60 -19.94 -5.91 1.06
N ALA A 61 -20.05 -5.19 2.16
CA ALA A 61 -18.99 -4.30 2.61
C ALA A 61 -17.71 -5.07 2.88
N LYS A 62 -17.82 -6.14 3.66
CA LYS A 62 -16.67 -6.98 4.00
C LYS A 62 -15.93 -7.42 2.73
N GLN A 63 -16.62 -8.17 1.89
CA GLN A 63 -16.04 -8.66 0.65
C GLN A 63 -15.52 -7.51 -0.21
N SER A 64 -16.26 -6.40 -0.20
CA SER A 64 -15.88 -5.22 -0.97
C SER A 64 -14.50 -4.72 -0.56
N ILE A 65 -14.37 -4.34 0.71
CA ILE A 65 -13.10 -3.84 1.22
C ILE A 65 -11.98 -4.84 1.00
N ARG A 66 -12.18 -6.07 1.47
CA ARG A 66 -11.18 -7.12 1.33
C ARG A 66 -10.61 -7.14 -0.09
N ALA A 67 -11.50 -7.20 -1.09
CA ALA A 67 -11.09 -7.21 -2.48
C ALA A 67 -10.12 -6.07 -2.78
N LYS A 68 -10.40 -4.90 -2.22
CA LYS A 68 -9.55 -3.73 -2.42
C LYS A 68 -8.20 -3.91 -1.74
N CYS A 69 -8.22 -4.47 -0.53
CA CYS A 69 -7.00 -4.70 0.23
C CYS A 69 -5.99 -5.51 -0.59
N THR A 70 -6.49 -6.54 -1.27
CA THR A 70 -5.63 -7.39 -2.08
C THR A 70 -5.11 -6.65 -3.31
N GLU A 71 -5.96 -5.78 -3.87
CA GLU A 71 -5.58 -5.01 -5.04
C GLU A 71 -4.47 -4.02 -4.71
N TYR A 72 -4.77 -3.10 -3.79
CA TYR A 72 -3.79 -2.09 -3.39
C TYR A 72 -2.49 -2.74 -2.92
N LEU A 73 -2.62 -3.89 -2.27
CA LEU A 73 -1.46 -4.62 -1.77
C LEU A 73 -0.56 -5.06 -2.92
N ASP A 74 -1.13 -5.75 -3.89
CA ASP A 74 -0.38 -6.22 -5.04
C ASP A 74 0.43 -5.09 -5.68
N ARG A 75 -0.27 -3.99 -6.01
CA ARG A 75 0.37 -2.84 -6.62
C ARG A 75 1.63 -2.45 -5.85
N ALA A 76 1.52 -2.35 -4.54
CA ALA A 76 2.64 -1.99 -3.68
C ALA A 76 3.81 -2.96 -3.88
N GLU A 77 3.50 -4.24 -3.99
CA GLU A 77 4.51 -5.26 -4.19
C GLU A 77 5.50 -4.85 -5.27
N LYS A 78 4.98 -4.36 -6.39
CA LYS A 78 5.81 -3.92 -7.50
C LYS A 78 6.67 -2.73 -7.11
N LEU A 79 6.11 -1.86 -6.27
CA LEU A 79 6.83 -0.68 -5.81
C LEU A 79 8.01 -1.06 -4.93
N LYS A 80 7.87 -2.18 -4.23
CA LYS A 80 8.93 -2.66 -3.34
C LYS A 80 10.07 -3.28 -4.15
N GLU A 81 9.72 -3.91 -5.27
CA GLU A 81 10.72 -4.54 -6.13
C GLU A 81 11.29 -3.54 -7.12
N TYR A 82 10.80 -2.31 -7.07
CA TYR A 82 11.27 -1.26 -7.97
C TYR A 82 11.99 -0.16 -7.20
N LEU A 83 11.39 0.26 -6.09
CA LEU A 83 11.97 1.31 -5.26
C LEU A 83 13.34 0.89 -4.73
N LYS A 84 13.59 -0.41 -4.71
CA LYS A 84 14.86 -0.94 -4.23
C LYS A 84 15.90 -0.92 -5.34
N ASN A 85 15.46 -0.70 -6.57
CA ASN A 85 16.36 -0.65 -7.72
C ASN A 85 16.96 0.75 -7.87
N LYS A 86 16.23 1.76 -7.41
CA LYS A 86 16.70 3.13 -7.50
C LYS A 86 17.34 3.58 -6.18
N GLU A 87 16.84 3.04 -5.08
CA GLU A 87 17.36 3.39 -3.76
C GLU A 87 18.87 3.17 -3.71
N LYS A 88 19.54 4.00 -2.91
CA LYS A 88 21.00 3.91 -2.76
C LYS A 88 21.40 2.51 -2.31
N LYS A 89 22.56 2.05 -2.78
CA LYS A 89 23.07 0.74 -2.42
C LYS A 89 22.75 0.40 -0.97
N ALA A 90 22.26 -0.81 -0.73
CA ALA A 90 21.91 -1.25 0.61
C ALA A 90 21.86 -2.77 0.70
N GLN A 91 21.63 -3.28 1.90
CA GLN A 91 21.56 -4.73 2.12
C GLN A 91 20.85 -5.42 0.96
N LYS A 92 21.48 -6.46 0.41
CA LYS A 92 20.91 -7.20 -0.69
C LYS A 92 19.96 -8.29 -0.20
N PRO A 93 18.98 -8.65 -1.03
CA PRO A 93 17.99 -9.67 -0.70
C PRO A 93 18.60 -11.07 -0.66
N VAL A 94 17.77 -12.07 -0.38
CA VAL A 94 18.22 -13.45 -0.32
C VAL A 94 17.47 -14.34 -1.32
N LYS A 95 18.23 -15.13 -2.07
CA LYS A 95 17.64 -16.02 -3.07
C LYS A 95 16.57 -16.91 -2.43
N GLU A 96 15.38 -16.90 -3.02
CA GLU A 96 14.28 -17.71 -2.52
C GLU A 96 13.80 -18.72 -3.57
N GLY A 97 13.70 -19.97 -3.17
CA GLY A 97 13.26 -21.01 -4.09
C GLY A 97 11.79 -20.89 -4.44
N GLN A 98 11.49 -20.06 -5.43
CA GLN A 98 10.10 -19.86 -5.87
C GLN A 98 10.05 -19.04 -7.15
N PRO A 99 9.08 -19.35 -8.02
CA PRO A 99 8.90 -18.65 -9.29
C PRO A 99 8.38 -17.24 -9.10
N SER A 100 8.10 -16.55 -10.21
CA SER A 100 7.60 -15.19 -10.17
C SER A 100 6.93 -14.81 -11.48
N PRO A 101 5.92 -13.92 -11.39
CA PRO A 101 5.17 -13.46 -12.56
C PRO A 101 6.01 -12.57 -13.48
N ALA A 102 6.15 -12.99 -14.73
CA ALA A 102 6.92 -12.23 -15.70
C ALA A 102 6.04 -11.24 -16.46
N ASP A 103 6.35 -9.96 -16.34
CA ASP A 103 5.59 -8.92 -17.01
C ASP A 103 6.38 -8.33 -18.17
N GLU A 104 5.70 -7.55 -19.01
CA GLU A 104 6.34 -6.93 -20.16
C GLU A 104 6.47 -5.43 -19.97
N LYS A 105 7.54 -4.86 -20.51
CA LYS A 105 7.79 -3.43 -20.39
C LYS A 105 6.85 -2.63 -21.30
N GLY A 106 6.52 -1.41 -20.89
CA GLY A 106 5.64 -0.57 -21.68
C GLY A 106 5.14 0.63 -20.90
N ASN A 107 5.40 1.82 -21.43
CA ASN A 107 4.96 3.05 -20.78
C ASN A 107 5.19 4.25 -21.68
N ASP A 108 4.77 5.43 -21.21
CA ASP A 108 4.95 6.66 -21.97
C ASP A 108 5.80 7.66 -21.21
N SER A 109 7.00 7.92 -21.72
CA SER A 109 7.91 8.86 -21.08
C SER A 109 7.44 10.30 -21.25
N ASP A 110 6.84 10.84 -20.19
CA ASP A 110 6.33 12.20 -20.22
C ASP A 110 7.33 13.17 -19.61
N GLY A 111 7.54 14.31 -20.27
CA GLY A 111 8.48 15.29 -19.77
C GLY A 111 7.85 16.67 -19.63
N SER A 112 8.33 17.44 -18.67
CA SER A 112 7.81 18.78 -18.43
C SER A 112 8.81 19.84 -18.88
N GLY A 113 10.01 19.80 -18.32
CA GLY A 113 11.04 20.76 -18.67
C GLY A 113 11.57 21.51 -17.47
N PRO A 114 12.20 22.67 -17.71
CA PRO A 114 12.77 23.50 -16.66
C PRO A 114 11.71 24.16 -15.79
N SER A 115 12.15 25.00 -14.86
CA SER A 115 11.22 25.69 -13.96
C SER A 115 10.85 27.06 -14.52
N SER A 116 9.55 27.30 -14.64
CA SER A 116 9.06 28.58 -15.16
C SER A 116 9.22 29.69 -14.13
N GLY A 117 8.69 29.47 -12.93
CA GLY A 117 8.80 30.46 -11.87
C GLY A 117 9.30 29.87 -10.58
N GLY A 1 -16.76 -3.78 23.27
CA GLY A 1 -17.03 -2.85 24.35
C GLY A 1 -18.43 -2.28 24.31
N SER A 2 -18.81 -1.55 25.35
CA SER A 2 -20.14 -0.96 25.42
C SER A 2 -20.05 0.57 25.48
N SER A 3 -19.36 1.07 26.50
CA SER A 3 -19.21 2.51 26.67
C SER A 3 -18.03 3.04 25.86
N GLY A 4 -18.14 4.28 25.41
CA GLY A 4 -17.08 4.88 24.61
C GLY A 4 -17.63 5.75 23.49
N SER A 5 -17.70 5.19 22.29
CA SER A 5 -18.20 5.93 21.13
C SER A 5 -19.72 5.86 21.06
N SER A 6 -20.35 7.02 20.91
CA SER A 6 -21.80 7.11 20.83
C SER A 6 -22.24 8.07 19.75
N GLY A 7 -23.14 7.61 18.87
CA GLY A 7 -23.62 8.45 17.79
C GLY A 7 -22.91 8.16 16.48
N MET A 8 -23.61 7.50 15.57
CA MET A 8 -23.04 7.16 14.27
C MET A 8 -24.10 7.26 13.17
N SER A 9 -23.83 8.07 12.15
CA SER A 9 -24.76 8.25 11.05
C SER A 9 -24.05 8.07 9.71
N SER A 10 -22.94 8.78 9.52
CA SER A 10 -22.17 8.69 8.29
C SER A 10 -21.07 7.64 8.40
N THR A 11 -20.53 7.24 7.26
CA THR A 11 -19.48 6.23 7.23
C THR A 11 -18.42 6.51 8.30
N SER A 12 -18.11 5.49 9.09
CA SER A 12 -17.11 5.64 10.16
C SER A 12 -15.89 6.40 9.66
N PRO A 13 -15.18 7.06 10.59
CA PRO A 13 -13.98 7.83 10.27
C PRO A 13 -12.81 6.94 9.87
N ASN A 14 -12.64 5.84 10.57
CA ASN A 14 -11.56 4.90 10.28
C ASN A 14 -11.63 4.42 8.84
N LEU A 15 -12.84 4.11 8.38
CA LEU A 15 -13.04 3.64 7.02
C LEU A 15 -12.78 4.75 6.01
N GLN A 16 -13.55 5.84 6.13
CA GLN A 16 -13.41 6.97 5.23
C GLN A 16 -11.94 7.27 4.95
N LYS A 17 -11.13 7.24 6.00
CA LYS A 17 -9.70 7.50 5.87
C LYS A 17 -9.05 6.51 4.92
N ALA A 18 -9.43 5.24 5.03
CA ALA A 18 -8.88 4.20 4.17
C ALA A 18 -9.10 4.54 2.70
N ILE A 19 -10.27 5.08 2.38
CA ILE A 19 -10.61 5.45 1.01
C ILE A 19 -9.72 6.59 0.52
N ASP A 20 -9.85 7.75 1.16
CA ASP A 20 -9.06 8.91 0.79
C ASP A 20 -7.61 8.54 0.56
N LEU A 21 -7.03 7.83 1.52
CA LEU A 21 -5.63 7.40 1.44
C LEU A 21 -5.38 6.63 0.15
N ALA A 22 -6.10 5.51 -0.02
CA ALA A 22 -5.95 4.68 -1.20
C ALA A 22 -6.03 5.53 -2.47
N SER A 23 -6.96 6.48 -2.49
CA SER A 23 -7.15 7.35 -3.64
C SER A 23 -5.89 8.15 -3.94
N LYS A 24 -5.34 8.77 -2.91
CA LYS A 24 -4.12 9.57 -3.04
C LYS A 24 -2.99 8.73 -3.62
N ALA A 25 -2.75 7.58 -3.03
CA ALA A 25 -1.70 6.67 -3.49
C ALA A 25 -1.55 6.73 -5.00
N ALA A 26 -2.66 6.55 -5.71
CA ALA A 26 -2.65 6.59 -7.17
C ALA A 26 -2.07 7.90 -7.68
N GLN A 27 -2.56 9.01 -7.14
CA GLN A 27 -2.10 10.33 -7.54
C GLN A 27 -0.58 10.37 -7.60
N GLU A 28 0.06 9.97 -6.50
CA GLU A 28 1.52 9.96 -6.43
C GLU A 28 2.12 9.11 -7.54
N ASP A 29 1.65 7.88 -7.65
CA ASP A 29 2.14 6.97 -8.69
C ASP A 29 2.05 7.61 -10.07
N LYS A 30 0.88 8.14 -10.39
CA LYS A 30 0.67 8.79 -11.69
C LYS A 30 1.69 9.88 -11.93
N ALA A 31 1.92 10.70 -10.90
CA ALA A 31 2.89 11.80 -11.00
C ALA A 31 4.30 11.26 -11.13
N GLY A 32 4.58 10.13 -10.49
CA GLY A 32 5.91 9.54 -10.55
C GLY A 32 6.45 9.19 -9.19
N ASN A 33 5.66 9.47 -8.15
CA ASN A 33 6.08 9.18 -6.78
C ASN A 33 5.72 7.75 -6.39
N TYR A 34 6.72 6.88 -6.34
CA TYR A 34 6.52 5.49 -5.99
C TYR A 34 6.65 5.28 -4.49
N GLU A 35 7.72 5.83 -3.92
CA GLU A 35 7.97 5.70 -2.48
C GLU A 35 6.78 6.24 -1.68
N GLU A 36 6.21 7.34 -2.15
CA GLU A 36 5.07 7.95 -1.48
C GLU A 36 3.80 7.15 -1.71
N ALA A 37 3.59 6.71 -2.95
CA ALA A 37 2.43 5.92 -3.31
C ALA A 37 2.36 4.63 -2.50
N LEU A 38 3.53 4.04 -2.26
CA LEU A 38 3.60 2.79 -1.50
C LEU A 38 2.97 2.95 -0.12
N GLN A 39 3.59 3.78 0.71
CA GLN A 39 3.08 4.02 2.06
C GLN A 39 1.57 4.24 2.05
N LEU A 40 1.11 5.14 1.18
CA LEU A 40 -0.31 5.43 1.07
C LEU A 40 -1.11 4.18 0.73
N TYR A 41 -0.55 3.37 -0.17
CA TYR A 41 -1.21 2.14 -0.59
C TYR A 41 -1.34 1.16 0.57
N GLN A 42 -0.27 1.04 1.36
CA GLN A 42 -0.27 0.15 2.51
C GLN A 42 -1.22 0.65 3.60
N HIS A 43 -1.08 1.92 3.95
CA HIS A 43 -1.92 2.54 4.98
C HIS A 43 -3.40 2.24 4.71
N ALA A 44 -3.87 2.63 3.52
CA ALA A 44 -5.26 2.40 3.14
C ALA A 44 -5.74 1.05 3.61
N VAL A 45 -4.98 0.01 3.28
CA VAL A 45 -5.33 -1.36 3.68
C VAL A 45 -5.43 -1.48 5.19
N GLN A 46 -4.41 -0.99 5.88
CA GLN A 46 -4.37 -1.06 7.34
C GLN A 46 -5.69 -0.61 7.93
N TYR A 47 -6.16 0.57 7.53
CA TYR A 47 -7.41 1.12 8.03
C TYR A 47 -8.59 0.23 7.62
N PHE A 48 -8.65 -0.11 6.34
CA PHE A 48 -9.72 -0.96 5.83
C PHE A 48 -9.93 -2.18 6.72
N LEU A 49 -8.84 -2.84 7.07
CA LEU A 49 -8.90 -4.03 7.92
C LEU A 49 -9.46 -3.67 9.30
N HIS A 50 -8.72 -2.86 10.04
CA HIS A 50 -9.14 -2.44 11.37
C HIS A 50 -10.66 -2.30 11.44
N VAL A 51 -11.25 -1.74 10.40
CA VAL A 51 -12.70 -1.55 10.34
C VAL A 51 -13.43 -2.88 10.28
N VAL A 52 -13.13 -3.67 9.24
CA VAL A 52 -13.74 -4.98 9.07
C VAL A 52 -13.54 -5.85 10.30
N LYS A 53 -12.56 -5.48 11.12
CA LYS A 53 -12.26 -6.23 12.33
C LYS A 53 -13.27 -5.92 13.44
N TYR A 54 -13.32 -4.65 13.83
CA TYR A 54 -14.24 -4.22 14.88
C TYR A 54 -15.46 -3.53 14.29
N GLU A 55 -15.22 -2.58 13.39
CA GLU A 55 -16.30 -1.84 12.74
C GLU A 55 -16.82 -2.60 11.52
N ALA A 56 -16.88 -3.93 11.64
CA ALA A 56 -17.36 -4.77 10.55
C ALA A 56 -18.82 -4.45 10.21
N GLN A 57 -19.23 -4.80 9.00
CA GLN A 57 -20.59 -4.56 8.56
C GLN A 57 -21.30 -5.87 8.23
N GLY A 58 -20.83 -6.56 7.21
CA GLY A 58 -21.44 -7.82 6.82
C GLY A 58 -20.66 -8.52 5.72
N ASP A 59 -21.20 -9.63 5.23
CA ASP A 59 -20.56 -10.39 4.17
C ASP A 59 -20.42 -9.55 2.90
N LYS A 60 -21.33 -8.61 2.71
CA LYS A 60 -21.32 -7.75 1.55
C LYS A 60 -20.14 -6.78 1.60
N ALA A 61 -20.04 -6.05 2.71
CA ALA A 61 -18.96 -5.09 2.90
C ALA A 61 -17.62 -5.79 3.02
N LYS A 62 -17.51 -6.67 4.01
CA LYS A 62 -16.27 -7.41 4.24
C LYS A 62 -15.61 -7.78 2.92
N GLN A 63 -16.37 -8.42 2.03
CA GLN A 63 -15.86 -8.83 0.74
C GLN A 63 -15.46 -7.62 -0.10
N SER A 64 -16.33 -6.62 -0.14
CA SER A 64 -16.06 -5.41 -0.91
C SER A 64 -14.72 -4.80 -0.50
N ILE A 65 -14.62 -4.41 0.76
CA ILE A 65 -13.38 -3.81 1.27
C ILE A 65 -12.19 -4.73 1.05
N ARG A 66 -12.35 -6.00 1.41
CA ARG A 66 -11.29 -6.99 1.24
C ARG A 66 -10.70 -6.92 -0.16
N ALA A 67 -11.56 -7.03 -1.17
CA ALA A 67 -11.13 -6.99 -2.56
C ALA A 67 -10.13 -5.86 -2.79
N LYS A 68 -10.45 -4.67 -2.27
CA LYS A 68 -9.58 -3.51 -2.42
C LYS A 68 -8.25 -3.74 -1.71
N CYS A 69 -8.32 -4.22 -0.47
CA CYS A 69 -7.12 -4.48 0.31
C CYS A 69 -6.09 -5.27 -0.50
N THR A 70 -6.55 -6.31 -1.16
CA THR A 70 -5.68 -7.15 -1.98
C THR A 70 -5.15 -6.38 -3.18
N GLU A 71 -6.03 -5.64 -3.85
CA GLU A 71 -5.65 -4.85 -5.01
C GLU A 71 -4.52 -3.88 -4.67
N TYR A 72 -4.82 -2.95 -3.76
CA TYR A 72 -3.83 -1.95 -3.35
C TYR A 72 -2.55 -2.63 -2.88
N LEU A 73 -2.69 -3.69 -2.10
CA LEU A 73 -1.54 -4.42 -1.58
C LEU A 73 -0.60 -4.84 -2.71
N ASP A 74 -1.14 -5.60 -3.67
CA ASP A 74 -0.37 -6.05 -4.81
C ASP A 74 0.36 -4.90 -5.48
N ARG A 75 -0.38 -3.83 -5.78
CA ARG A 75 0.21 -2.66 -6.42
C ARG A 75 1.43 -2.16 -5.65
N ALA A 76 1.26 -2.00 -4.34
CA ALA A 76 2.35 -1.53 -3.49
C ALA A 76 3.55 -2.48 -3.55
N GLU A 77 3.27 -3.77 -3.39
CA GLU A 77 4.33 -4.79 -3.44
C GLU A 77 5.34 -4.47 -4.55
N LYS A 78 4.83 -4.17 -5.73
CA LYS A 78 5.68 -3.86 -6.88
C LYS A 78 6.55 -2.65 -6.58
N LEU A 79 5.91 -1.52 -6.28
CA LEU A 79 6.62 -0.29 -5.98
C LEU A 79 7.94 -0.58 -5.25
N LYS A 80 7.89 -1.52 -4.31
CA LYS A 80 9.07 -1.90 -3.55
C LYS A 80 10.14 -2.51 -4.46
N GLU A 81 9.80 -3.62 -5.10
CA GLU A 81 10.72 -4.28 -6.00
C GLU A 81 11.37 -3.29 -6.97
N TYR A 82 10.67 -2.20 -7.22
CA TYR A 82 11.16 -1.17 -8.13
C TYR A 82 12.15 -0.25 -7.42
N LEU A 83 11.78 0.23 -6.24
CA LEU A 83 12.63 1.12 -5.47
C LEU A 83 13.94 0.42 -5.10
N LYS A 84 13.83 -0.80 -4.59
CA LYS A 84 15.01 -1.57 -4.20
C LYS A 84 15.88 -1.88 -5.42
N ASN A 85 15.27 -1.86 -6.59
CA ASN A 85 15.99 -2.13 -7.84
C ASN A 85 16.77 -0.91 -8.30
N LYS A 86 16.19 0.26 -8.12
CA LYS A 86 16.82 1.52 -8.51
C LYS A 86 17.93 1.90 -7.54
N GLU A 87 17.55 2.09 -6.28
CA GLU A 87 18.51 2.46 -5.25
C GLU A 87 19.68 1.48 -5.21
N LYS A 88 20.83 1.95 -4.73
CA LYS A 88 22.02 1.10 -4.65
C LYS A 88 22.47 0.95 -3.20
N LYS A 89 21.53 0.61 -2.33
CA LYS A 89 21.83 0.44 -0.91
C LYS A 89 22.14 -1.02 -0.60
N ALA A 90 21.20 -1.90 -0.92
CA ALA A 90 21.39 -3.33 -0.68
C ALA A 90 22.21 -3.97 -1.79
N GLN A 91 23.46 -4.33 -1.46
CA GLN A 91 24.35 -4.96 -2.42
C GLN A 91 23.77 -6.26 -2.95
N LYS A 92 22.89 -6.87 -2.15
CA LYS A 92 22.25 -8.13 -2.53
C LYS A 92 20.76 -8.09 -2.25
N PRO A 93 19.98 -7.58 -3.22
CA PRO A 93 18.52 -7.48 -3.11
C PRO A 93 17.85 -8.85 -3.14
N VAL A 94 16.97 -9.09 -2.16
CA VAL A 94 16.25 -10.35 -2.08
C VAL A 94 15.43 -10.60 -3.34
N LYS A 95 16.07 -11.20 -4.34
CA LYS A 95 15.40 -11.50 -5.61
C LYS A 95 16.14 -12.60 -6.36
N GLU A 96 15.43 -13.24 -7.30
CA GLU A 96 16.02 -14.30 -8.09
C GLU A 96 16.18 -13.88 -9.55
N GLY A 97 17.41 -13.64 -9.97
CA GLY A 97 17.68 -13.23 -11.33
C GLY A 97 19.15 -13.25 -11.67
N GLN A 98 19.46 -12.96 -12.94
CA GLN A 98 20.85 -12.96 -13.39
C GLN A 98 21.33 -11.54 -13.65
N PRO A 99 21.71 -10.83 -12.58
CA PRO A 99 22.20 -9.46 -12.65
C PRO A 99 23.57 -9.36 -13.33
N SER A 100 24.11 -8.15 -13.36
CA SER A 100 25.42 -7.93 -13.98
C SER A 100 26.23 -6.91 -13.17
N PRO A 101 27.56 -7.10 -13.16
CA PRO A 101 28.48 -6.22 -12.43
C PRO A 101 28.58 -4.84 -13.07
N ALA A 102 27.69 -3.94 -12.67
CA ALA A 102 27.69 -2.58 -13.20
C ALA A 102 26.68 -1.71 -12.45
N ASP A 103 26.89 -0.40 -12.51
CA ASP A 103 26.01 0.55 -11.84
C ASP A 103 26.33 1.98 -12.26
N GLU A 104 25.30 2.73 -12.62
CA GLU A 104 25.48 4.12 -13.05
C GLU A 104 25.14 5.07 -11.91
N LYS A 105 25.83 6.21 -11.88
CA LYS A 105 25.61 7.21 -10.85
C LYS A 105 24.45 8.14 -11.23
N GLY A 106 24.52 8.70 -12.43
CA GLY A 106 23.46 9.58 -12.90
C GLY A 106 23.29 10.79 -11.99
N ASN A 107 22.08 11.34 -11.97
CA ASN A 107 21.78 12.50 -11.14
C ASN A 107 20.30 12.59 -10.84
N ASP A 108 19.94 13.40 -9.85
CA ASP A 108 18.54 13.57 -9.46
C ASP A 108 18.18 15.05 -9.39
N SER A 109 17.40 15.51 -10.35
CA SER A 109 16.99 16.91 -10.40
C SER A 109 16.32 17.33 -9.10
N ASP A 110 17.10 17.96 -8.22
CA ASP A 110 16.58 18.41 -6.94
C ASP A 110 17.32 19.66 -6.46
N GLY A 111 16.75 20.34 -5.47
CA GLY A 111 17.37 21.54 -4.95
C GLY A 111 16.35 22.55 -4.44
N SER A 112 15.48 23.01 -5.34
CA SER A 112 14.45 23.98 -4.98
C SER A 112 13.76 23.58 -3.67
N GLY A 113 13.52 24.57 -2.83
CA GLY A 113 12.87 24.31 -1.55
C GLY A 113 12.53 25.58 -0.79
N PRO A 114 12.34 25.45 0.53
CA PRO A 114 12.02 26.59 1.39
C PRO A 114 13.18 27.55 1.55
N SER A 115 12.97 28.81 1.16
CA SER A 115 14.01 29.83 1.25
C SER A 115 13.40 31.18 1.64
N SER A 116 14.27 32.18 1.79
CA SER A 116 13.83 33.51 2.16
C SER A 116 12.72 33.45 3.21
N GLY A 117 12.88 32.56 4.18
CA GLY A 117 11.89 32.42 5.22
C GLY A 117 12.00 31.09 5.96
N GLY A 1 -22.42 31.10 13.90
CA GLY A 1 -23.12 29.86 14.17
C GLY A 1 -23.05 29.46 15.63
N SER A 2 -24.21 29.40 16.28
CA SER A 2 -24.28 29.04 17.69
C SER A 2 -24.29 27.51 17.85
N SER A 3 -23.64 27.03 18.90
CA SER A 3 -23.57 25.61 19.17
C SER A 3 -24.95 24.96 19.04
N GLY A 4 -25.12 24.17 17.98
CA GLY A 4 -26.38 23.51 17.75
C GLY A 4 -26.37 22.06 18.18
N SER A 5 -27.07 21.20 17.44
CA SER A 5 -27.14 19.79 17.76
C SER A 5 -27.47 18.97 16.52
N SER A 6 -26.57 18.04 16.16
CA SER A 6 -26.76 17.20 14.99
C SER A 6 -27.36 15.85 15.39
N GLY A 7 -27.98 15.18 14.42
CA GLY A 7 -28.58 13.88 14.69
C GLY A 7 -28.54 12.97 13.49
N MET A 8 -27.39 12.93 12.80
CA MET A 8 -27.22 12.08 11.63
C MET A 8 -25.91 11.31 11.70
N SER A 9 -26.02 9.99 11.59
CA SER A 9 -24.83 9.13 11.63
C SER A 9 -24.04 9.21 10.33
N SER A 10 -22.75 8.94 10.42
CA SER A 10 -21.87 8.99 9.25
C SER A 10 -20.95 7.77 9.22
N THR A 11 -20.16 7.67 8.15
CA THR A 11 -19.23 6.56 7.99
C THR A 11 -18.10 6.64 9.01
N SER A 12 -17.75 5.49 9.59
CA SER A 12 -16.69 5.43 10.58
C SER A 12 -15.46 6.21 10.11
N PRO A 13 -14.67 6.72 11.07
CA PRO A 13 -13.46 7.49 10.78
C PRO A 13 -12.35 6.62 10.20
N ASN A 14 -12.23 5.40 10.71
CA ASN A 14 -11.21 4.46 10.25
C ASN A 14 -11.39 4.16 8.76
N LEU A 15 -12.65 3.95 8.36
CA LEU A 15 -12.96 3.64 6.97
C LEU A 15 -12.73 4.86 6.08
N GLN A 16 -13.39 5.96 6.41
CA GLN A 16 -13.26 7.19 5.65
C GLN A 16 -11.79 7.48 5.33
N LYS A 17 -10.94 7.31 6.33
CA LYS A 17 -9.51 7.56 6.16
C LYS A 17 -8.92 6.63 5.11
N ALA A 18 -9.20 5.33 5.24
CA ALA A 18 -8.71 4.34 4.30
C ALA A 18 -9.04 4.73 2.86
N ILE A 19 -10.29 5.13 2.64
CA ILE A 19 -10.74 5.52 1.30
C ILE A 19 -9.86 6.65 0.75
N ASP A 20 -9.90 7.80 1.41
CA ASP A 20 -9.11 8.95 0.97
C ASP A 20 -7.68 8.54 0.66
N LEU A 21 -7.03 7.88 1.62
CA LEU A 21 -5.66 7.43 1.44
C LEU A 21 -5.50 6.63 0.15
N ALA A 22 -6.12 5.45 0.13
CA ALA A 22 -6.05 4.59 -1.05
C ALA A 22 -6.18 5.39 -2.33
N SER A 23 -7.06 6.39 -2.31
CA SER A 23 -7.29 7.24 -3.48
C SER A 23 -6.06 8.09 -3.78
N LYS A 24 -5.46 8.63 -2.72
CA LYS A 24 -4.27 9.46 -2.87
C LYS A 24 -3.14 8.70 -3.54
N ALA A 25 -2.87 7.50 -3.05
CA ALA A 25 -1.82 6.65 -3.60
C ALA A 25 -1.81 6.74 -5.13
N ALA A 26 -2.88 6.27 -5.75
CA ALA A 26 -2.98 6.28 -7.20
C ALA A 26 -2.42 7.58 -7.78
N GLN A 27 -3.00 8.70 -7.37
CA GLN A 27 -2.56 10.01 -7.84
C GLN A 27 -1.04 10.09 -7.87
N GLU A 28 -0.41 9.73 -6.77
CA GLU A 28 1.05 9.77 -6.67
C GLU A 28 1.69 8.79 -7.65
N ASP A 29 1.18 7.56 -7.67
CA ASP A 29 1.70 6.53 -8.57
C ASP A 29 1.61 7.00 -10.03
N LYS A 30 0.56 7.74 -10.35
CA LYS A 30 0.36 8.25 -11.70
C LYS A 30 1.18 9.52 -11.93
N ALA A 31 1.40 10.28 -10.86
CA ALA A 31 2.17 11.52 -10.95
C ALA A 31 3.66 11.23 -11.08
N GLY A 32 4.08 10.07 -10.58
CA GLY A 32 5.48 9.69 -10.65
C GLY A 32 6.07 9.41 -9.28
N ASN A 33 5.24 9.52 -8.25
CA ASN A 33 5.69 9.27 -6.88
C ASN A 33 5.43 7.83 -6.46
N TYR A 34 6.49 7.04 -6.42
CA TYR A 34 6.38 5.62 -6.05
C TYR A 34 6.50 5.46 -4.54
N GLU A 35 7.62 5.91 -3.98
CA GLU A 35 7.86 5.80 -2.55
C GLU A 35 6.69 6.38 -1.76
N GLU A 36 6.11 7.46 -2.27
CA GLU A 36 4.98 8.11 -1.61
C GLU A 36 3.69 7.32 -1.84
N ALA A 37 3.52 6.83 -3.07
CA ALA A 37 2.34 6.06 -3.43
C ALA A 37 2.31 4.73 -2.70
N LEU A 38 3.48 4.26 -2.30
CA LEU A 38 3.60 2.99 -1.58
C LEU A 38 2.98 3.08 -0.19
N GLN A 39 3.58 3.91 0.66
CA GLN A 39 3.09 4.10 2.02
C GLN A 39 1.58 4.31 2.03
N LEU A 40 1.10 5.11 1.08
CA LEU A 40 -0.32 5.40 0.99
C LEU A 40 -1.12 4.14 0.68
N TYR A 41 -0.50 3.22 -0.06
CA TYR A 41 -1.15 1.97 -0.42
C TYR A 41 -1.27 1.05 0.78
N GLN A 42 -0.24 1.06 1.64
CA GLN A 42 -0.23 0.21 2.83
C GLN A 42 -1.19 0.77 3.88
N HIS A 43 -1.08 2.06 4.17
CA HIS A 43 -1.93 2.70 5.15
C HIS A 43 -3.40 2.46 4.85
N ALA A 44 -3.80 2.71 3.60
CA ALA A 44 -5.18 2.52 3.19
C ALA A 44 -5.69 1.15 3.63
N VAL A 45 -4.86 0.12 3.47
CA VAL A 45 -5.24 -1.23 3.86
C VAL A 45 -5.30 -1.37 5.37
N GLN A 46 -4.21 -0.99 6.04
CA GLN A 46 -4.14 -1.08 7.49
C GLN A 46 -5.43 -0.58 8.13
N TYR A 47 -5.95 0.53 7.62
CA TYR A 47 -7.18 1.12 8.14
C TYR A 47 -8.40 0.31 7.69
N PHE A 48 -8.42 -0.07 6.43
CA PHE A 48 -9.53 -0.84 5.87
C PHE A 48 -9.81 -2.08 6.72
N LEU A 49 -8.74 -2.79 7.08
CA LEU A 49 -8.87 -4.00 7.89
C LEU A 49 -9.50 -3.68 9.23
N HIS A 50 -8.83 -2.84 10.02
CA HIS A 50 -9.34 -2.45 11.33
C HIS A 50 -10.84 -2.24 11.29
N VAL A 51 -11.34 -1.77 10.15
CA VAL A 51 -12.77 -1.52 9.99
C VAL A 51 -13.55 -2.82 9.89
N VAL A 52 -13.12 -3.69 8.97
CA VAL A 52 -13.79 -4.98 8.78
C VAL A 52 -13.56 -5.89 9.98
N LYS A 53 -12.59 -5.55 10.81
CA LYS A 53 -12.27 -6.34 11.99
C LYS A 53 -13.46 -6.38 12.94
N TYR A 54 -13.73 -5.26 13.60
CA TYR A 54 -14.84 -5.17 14.55
C TYR A 54 -15.91 -4.20 14.04
N GLU A 55 -15.47 -3.22 13.25
CA GLU A 55 -16.39 -2.22 12.71
C GLU A 55 -17.06 -2.74 11.43
N ALA A 56 -16.97 -4.05 11.22
CA ALA A 56 -17.56 -4.67 10.04
C ALA A 56 -18.87 -3.98 9.64
N GLN A 57 -19.20 -4.04 8.36
CA GLN A 57 -20.42 -3.41 7.85
C GLN A 57 -21.46 -4.46 7.50
N GLY A 58 -21.18 -5.23 6.46
CA GLY A 58 -22.10 -6.27 6.03
C GLY A 58 -21.44 -7.35 5.19
N ASP A 59 -21.87 -8.58 5.38
CA ASP A 59 -21.31 -9.70 4.64
C ASP A 59 -20.94 -9.29 3.22
N LYS A 60 -21.77 -8.43 2.63
CA LYS A 60 -21.53 -7.95 1.27
C LYS A 60 -20.43 -6.89 1.25
N ALA A 61 -20.60 -5.86 2.06
CA ALA A 61 -19.62 -4.78 2.14
C ALA A 61 -18.23 -5.32 2.45
N LYS A 62 -18.13 -6.13 3.49
CA LYS A 62 -16.85 -6.71 3.88
C LYS A 62 -15.99 -7.02 2.67
N GLN A 63 -16.41 -8.01 1.88
CA GLN A 63 -15.68 -8.40 0.69
C GLN A 63 -15.25 -7.18 -0.11
N SER A 64 -16.20 -6.31 -0.43
CA SER A 64 -15.92 -5.10 -1.20
C SER A 64 -14.57 -4.52 -0.80
N ILE A 65 -14.41 -4.21 0.49
CA ILE A 65 -13.18 -3.64 1.00
C ILE A 65 -12.02 -4.64 0.87
N ARG A 66 -12.29 -5.88 1.22
CA ARG A 66 -11.27 -6.93 1.14
C ARG A 66 -10.62 -6.96 -0.24
N ALA A 67 -11.45 -6.88 -1.27
CA ALA A 67 -10.96 -6.90 -2.64
C ALA A 67 -9.93 -5.79 -2.87
N LYS A 68 -10.19 -4.63 -2.29
CA LYS A 68 -9.29 -3.48 -2.43
C LYS A 68 -7.99 -3.73 -1.69
N CYS A 69 -8.09 -4.29 -0.49
CA CYS A 69 -6.91 -4.58 0.32
C CYS A 69 -5.91 -5.43 -0.45
N THR A 70 -6.41 -6.50 -1.07
CA THR A 70 -5.56 -7.41 -1.84
C THR A 70 -4.96 -6.69 -3.05
N GLU A 71 -5.78 -5.86 -3.69
CA GLU A 71 -5.32 -5.12 -4.88
C GLU A 71 -4.21 -4.15 -4.51
N TYR A 72 -4.52 -3.20 -3.63
CA TYR A 72 -3.55 -2.20 -3.20
C TYR A 72 -2.29 -2.87 -2.65
N LEU A 73 -2.46 -4.06 -2.08
CA LEU A 73 -1.34 -4.80 -1.51
C LEU A 73 -0.40 -5.29 -2.61
N ASP A 74 -0.98 -5.72 -3.73
CA ASP A 74 -0.20 -6.20 -4.86
C ASP A 74 0.57 -5.07 -5.52
N ARG A 75 -0.14 -3.99 -5.86
CA ARG A 75 0.48 -2.84 -6.50
C ARG A 75 1.68 -2.36 -5.71
N ALA A 76 1.51 -2.23 -4.40
CA ALA A 76 2.60 -1.77 -3.53
C ALA A 76 3.77 -2.73 -3.59
N GLU A 77 3.49 -4.02 -3.44
CA GLU A 77 4.54 -5.04 -3.47
C GLU A 77 5.57 -4.73 -4.56
N LYS A 78 5.08 -4.38 -5.74
CA LYS A 78 5.95 -4.06 -6.87
C LYS A 78 6.75 -2.79 -6.60
N LEU A 79 6.05 -1.73 -6.22
CA LEU A 79 6.70 -0.45 -5.92
C LEU A 79 7.96 -0.67 -5.09
N LYS A 80 7.93 -1.67 -4.22
CA LYS A 80 9.07 -1.98 -3.37
C LYS A 80 10.19 -2.62 -4.17
N GLU A 81 9.88 -3.71 -4.87
CA GLU A 81 10.86 -4.41 -5.68
C GLU A 81 11.44 -3.49 -6.75
N TYR A 82 10.75 -2.39 -7.02
CA TYR A 82 11.19 -1.44 -8.02
C TYR A 82 12.11 -0.39 -7.40
N LEU A 83 11.71 0.13 -6.25
CA LEU A 83 12.50 1.14 -5.56
C LEU A 83 13.86 0.59 -5.16
N LYS A 84 13.87 -0.63 -4.63
CA LYS A 84 15.10 -1.29 -4.22
C LYS A 84 16.01 -1.55 -5.42
N ASN A 85 15.47 -1.39 -6.61
CA ASN A 85 16.22 -1.61 -7.84
C ASN A 85 16.86 -0.31 -8.32
N LYS A 86 16.10 0.77 -8.28
CA LYS A 86 16.59 2.08 -8.71
C LYS A 86 17.52 2.68 -7.67
N GLU A 87 17.17 2.48 -6.40
CA GLU A 87 17.98 3.01 -5.30
C GLU A 87 19.42 2.51 -5.38
N LYS A 88 20.36 3.42 -5.18
CA LYS A 88 21.78 3.08 -5.24
C LYS A 88 22.27 2.57 -3.89
N LYS A 89 22.46 1.26 -3.78
CA LYS A 89 22.93 0.66 -2.54
C LYS A 89 24.42 0.31 -2.64
N ALA A 90 25.19 0.72 -1.64
CA ALA A 90 26.61 0.44 -1.61
C ALA A 90 26.90 -0.90 -0.94
N GLN A 91 26.60 -1.00 0.35
CA GLN A 91 26.83 -2.23 1.09
C GLN A 91 26.35 -3.44 0.30
N LYS A 92 27.22 -4.43 0.17
CA LYS A 92 26.90 -5.65 -0.58
C LYS A 92 26.14 -6.63 0.32
N PRO A 93 25.16 -7.33 -0.28
CA PRO A 93 24.34 -8.31 0.44
C PRO A 93 25.13 -9.55 0.83
N VAL A 94 24.95 -10.00 2.07
CA VAL A 94 25.65 -11.19 2.55
C VAL A 94 24.71 -12.38 2.65
N LYS A 95 24.85 -13.32 1.74
CA LYS A 95 24.02 -14.52 1.72
C LYS A 95 22.53 -14.14 1.69
N GLU A 96 22.21 -13.13 0.89
CA GLU A 96 20.83 -12.68 0.76
C GLU A 96 20.19 -13.24 -0.51
N GLY A 97 20.85 -13.04 -1.64
CA GLY A 97 20.33 -13.53 -2.91
C GLY A 97 20.58 -15.01 -3.09
N GLN A 98 21.84 -15.40 -3.12
CA GLN A 98 22.21 -16.80 -3.30
C GLN A 98 21.19 -17.72 -2.62
N PRO A 99 20.87 -18.85 -3.28
CA PRO A 99 19.92 -19.82 -2.75
C PRO A 99 20.46 -20.57 -1.54
N SER A 100 19.68 -21.53 -1.04
CA SER A 100 20.08 -22.31 0.11
C SER A 100 19.49 -23.72 0.05
N PRO A 101 20.18 -24.68 0.69
CA PRO A 101 19.75 -26.07 0.72
C PRO A 101 18.50 -26.28 1.56
N ALA A 102 17.85 -27.42 1.38
CA ALA A 102 16.63 -27.74 2.12
C ALA A 102 16.27 -29.21 1.99
N ASP A 103 15.48 -29.71 2.94
CA ASP A 103 15.07 -31.11 2.93
C ASP A 103 13.57 -31.24 2.66
N GLU A 104 13.21 -32.07 1.70
CA GLU A 104 11.81 -32.28 1.35
C GLU A 104 11.43 -33.75 1.47
N LYS A 105 10.17 -34.06 1.18
CA LYS A 105 9.68 -35.43 1.26
C LYS A 105 8.82 -35.78 0.03
N GLY A 106 8.61 -37.07 -0.19
CA GLY A 106 7.81 -37.50 -1.32
C GLY A 106 6.50 -38.13 -0.89
N ASN A 107 5.84 -38.81 -1.82
CA ASN A 107 4.57 -39.46 -1.54
C ASN A 107 4.40 -40.72 -2.39
N ASP A 108 3.60 -41.66 -1.88
CA ASP A 108 3.35 -42.91 -2.60
C ASP A 108 1.86 -43.11 -2.83
N SER A 109 1.53 -43.74 -3.96
CA SER A 109 0.14 -43.98 -4.31
C SER A 109 -0.11 -45.47 -4.56
N ASP A 110 -1.36 -45.89 -4.43
CA ASP A 110 -1.72 -47.29 -4.64
C ASP A 110 -3.15 -47.41 -5.14
N GLY A 111 -3.57 -48.62 -5.48
CA GLY A 111 -4.92 -48.84 -5.98
C GLY A 111 -5.45 -50.22 -5.59
N SER A 112 -6.74 -50.43 -5.84
CA SER A 112 -7.38 -51.69 -5.51
C SER A 112 -8.43 -52.06 -6.55
N GLY A 113 -8.78 -53.34 -6.62
CA GLY A 113 -9.78 -53.79 -7.57
C GLY A 113 -9.94 -55.29 -7.57
N PRO A 114 -10.74 -55.81 -6.62
CA PRO A 114 -10.99 -57.25 -6.49
C PRO A 114 -11.84 -57.80 -7.63
N SER A 115 -12.22 -59.07 -7.53
CA SER A 115 -13.03 -59.70 -8.56
C SER A 115 -14.24 -58.84 -8.91
N SER A 116 -14.43 -58.61 -10.21
CA SER A 116 -15.55 -57.81 -10.68
C SER A 116 -16.57 -58.66 -11.41
N GLY A 117 -16.09 -59.58 -12.24
CA GLY A 117 -16.97 -60.46 -12.99
C GLY A 117 -16.53 -60.65 -14.42
N GLY A 1 -38.82 0.95 -8.68
CA GLY A 1 -37.52 0.30 -8.64
C GLY A 1 -37.04 0.07 -7.21
N SER A 2 -35.72 0.01 -7.04
CA SER A 2 -35.14 -0.21 -5.73
C SER A 2 -35.10 1.08 -4.93
N SER A 3 -34.84 0.96 -3.62
CA SER A 3 -34.78 2.12 -2.75
C SER A 3 -33.67 3.08 -3.18
N GLY A 4 -32.44 2.57 -3.18
CA GLY A 4 -31.30 3.39 -3.57
C GLY A 4 -29.98 2.70 -3.33
N SER A 5 -28.98 3.02 -4.14
CA SER A 5 -27.66 2.41 -4.02
C SER A 5 -26.72 3.33 -3.25
N SER A 6 -26.77 4.63 -3.56
CA SER A 6 -25.91 5.60 -2.91
C SER A 6 -26.75 6.68 -2.22
N GLY A 7 -26.67 6.73 -0.90
CA GLY A 7 -27.42 7.72 -0.14
C GLY A 7 -26.60 8.37 0.95
N MET A 8 -27.11 9.46 1.50
CA MET A 8 -26.42 10.19 2.56
C MET A 8 -26.44 9.40 3.87
N SER A 9 -25.36 8.69 4.16
CA SER A 9 -25.27 7.89 5.37
C SER A 9 -23.95 8.14 6.09
N SER A 10 -23.92 7.83 7.39
CA SER A 10 -22.72 8.04 8.19
C SER A 10 -21.75 6.88 8.00
N THR A 11 -20.46 7.21 7.89
CA THR A 11 -19.42 6.20 7.69
C THR A 11 -18.28 6.40 8.68
N SER A 12 -17.98 5.37 9.46
CA SER A 12 -16.91 5.44 10.45
C SER A 12 -15.75 6.27 9.92
N PRO A 13 -15.06 6.97 10.84
CA PRO A 13 -13.92 7.82 10.51
C PRO A 13 -12.70 7.01 10.08
N ASN A 14 -12.59 5.80 10.61
CA ASN A 14 -11.47 4.92 10.28
C ASN A 14 -11.56 4.45 8.83
N LEU A 15 -12.78 4.19 8.37
CA LEU A 15 -13.00 3.73 7.01
C LEU A 15 -12.77 4.86 6.01
N GLN A 16 -13.56 5.93 6.16
CA GLN A 16 -13.45 7.08 5.26
C GLN A 16 -11.99 7.41 4.98
N LYS A 17 -11.16 7.35 6.02
CA LYS A 17 -9.74 7.64 5.89
C LYS A 17 -9.06 6.64 4.95
N ALA A 18 -9.45 5.38 5.07
CA ALA A 18 -8.89 4.32 4.23
C ALA A 18 -9.11 4.62 2.75
N ILE A 19 -10.30 5.10 2.42
CA ILE A 19 -10.65 5.42 1.04
C ILE A 19 -9.78 6.58 0.52
N ASP A 20 -9.90 7.73 1.17
CA ASP A 20 -9.13 8.91 0.78
C ASP A 20 -7.65 8.56 0.61
N LEU A 21 -7.09 7.87 1.60
CA LEU A 21 -5.69 7.48 1.55
C LEU A 21 -5.38 6.69 0.28
N ALA A 22 -6.00 5.52 0.15
CA ALA A 22 -5.80 4.68 -1.01
C ALA A 22 -5.88 5.48 -2.31
N SER A 23 -6.81 6.44 -2.34
CA SER A 23 -6.98 7.29 -3.52
C SER A 23 -5.72 8.12 -3.79
N LYS A 24 -5.22 8.76 -2.74
CA LYS A 24 -4.02 9.58 -2.86
C LYS A 24 -2.88 8.80 -3.49
N ALA A 25 -2.67 7.58 -3.00
CA ALA A 25 -1.60 6.72 -3.51
C ALA A 25 -1.53 6.80 -5.03
N ALA A 26 -2.62 6.45 -5.70
CA ALA A 26 -2.67 6.47 -7.15
C ALA A 26 -2.17 7.80 -7.69
N GLN A 27 -2.78 8.89 -7.25
CA GLN A 27 -2.39 10.22 -7.70
C GLN A 27 -0.87 10.35 -7.77
N GLU A 28 -0.20 10.01 -6.66
CA GLU A 28 1.26 10.09 -6.60
C GLU A 28 1.89 9.24 -7.70
N ASP A 29 1.44 7.99 -7.82
CA ASP A 29 1.96 7.07 -8.83
C ASP A 29 2.01 7.75 -10.20
N LYS A 30 0.85 8.14 -10.69
CA LYS A 30 0.75 8.80 -11.99
C LYS A 30 1.72 9.97 -12.08
N ALA A 31 1.76 10.79 -11.03
CA ALA A 31 2.64 11.94 -10.99
C ALA A 31 4.10 11.52 -11.08
N GLY A 32 4.40 10.33 -10.55
CA GLY A 32 5.76 9.83 -10.57
C GLY A 32 6.28 9.50 -9.19
N ASN A 33 5.47 9.77 -8.18
CA ASN A 33 5.86 9.49 -6.79
C ASN A 33 5.52 8.05 -6.42
N TYR A 34 6.55 7.21 -6.33
CA TYR A 34 6.35 5.81 -5.97
C TYR A 34 6.58 5.59 -4.48
N GLU A 35 7.61 6.24 -3.94
CA GLU A 35 7.94 6.12 -2.53
C GLU A 35 6.75 6.54 -1.66
N GLU A 36 6.13 7.65 -2.04
CA GLU A 36 4.98 8.17 -1.30
C GLU A 36 3.74 7.31 -1.53
N ALA A 37 3.51 6.95 -2.79
CA ALA A 37 2.36 6.12 -3.14
C ALA A 37 2.37 4.80 -2.37
N LEU A 38 3.56 4.23 -2.19
CA LEU A 38 3.71 2.97 -1.47
C LEU A 38 3.17 3.10 -0.05
N GLN A 39 3.74 4.02 0.72
CA GLN A 39 3.32 4.24 2.09
C GLN A 39 1.80 4.34 2.18
N LEU A 40 1.22 5.21 1.35
CA LEU A 40 -0.23 5.41 1.35
C LEU A 40 -0.95 4.11 1.02
N TYR A 41 -0.41 3.35 0.06
CA TYR A 41 -1.01 2.09 -0.34
C TYR A 41 -1.09 1.12 0.84
N GLN A 42 -0.07 1.15 1.69
CA GLN A 42 -0.03 0.28 2.86
C GLN A 42 -1.04 0.73 3.91
N HIS A 43 -1.10 2.04 4.15
CA HIS A 43 -2.03 2.59 5.13
C HIS A 43 -3.47 2.28 4.76
N ALA A 44 -3.88 2.72 3.57
CA ALA A 44 -5.23 2.48 3.09
C ALA A 44 -5.75 1.12 3.55
N VAL A 45 -4.93 0.08 3.35
CA VAL A 45 -5.31 -1.27 3.74
C VAL A 45 -5.40 -1.40 5.26
N GLN A 46 -4.38 -0.92 5.95
CA GLN A 46 -4.34 -0.98 7.40
C GLN A 46 -5.67 -0.52 8.00
N TYR A 47 -6.20 0.57 7.48
CA TYR A 47 -7.47 1.11 7.97
C TYR A 47 -8.63 0.24 7.52
N PHE A 48 -8.65 -0.11 6.23
CA PHE A 48 -9.71 -0.94 5.68
C PHE A 48 -9.92 -2.19 6.54
N LEU A 49 -8.83 -2.85 6.90
CA LEU A 49 -8.89 -4.05 7.71
C LEU A 49 -9.41 -3.73 9.12
N HIS A 50 -8.64 -2.94 9.86
CA HIS A 50 -9.02 -2.56 11.21
C HIS A 50 -10.52 -2.33 11.32
N VAL A 51 -11.11 -1.81 10.25
CA VAL A 51 -12.54 -1.55 10.21
C VAL A 51 -13.34 -2.83 10.09
N VAL A 52 -12.89 -3.72 9.21
CA VAL A 52 -13.56 -5.01 9.01
C VAL A 52 -13.29 -5.96 10.17
N LYS A 53 -12.40 -5.55 11.07
CA LYS A 53 -12.05 -6.36 12.22
C LYS A 53 -12.93 -6.01 13.42
N TYR A 54 -13.11 -4.73 13.66
CA TYR A 54 -13.93 -4.25 14.77
C TYR A 54 -15.14 -3.48 14.27
N GLU A 55 -14.88 -2.43 13.50
CA GLU A 55 -15.96 -1.59 12.97
C GLU A 55 -16.58 -2.25 11.73
N ALA A 56 -16.79 -3.56 11.80
CA ALA A 56 -17.38 -4.29 10.69
C ALA A 56 -18.70 -3.68 10.26
N GLN A 57 -19.24 -4.17 9.14
CA GLN A 57 -20.51 -3.66 8.62
C GLN A 57 -21.42 -4.81 8.20
N GLY A 58 -20.93 -5.65 7.28
CA GLY A 58 -21.71 -6.78 6.81
C GLY A 58 -20.91 -7.70 5.93
N ASP A 59 -21.51 -8.82 5.54
CA ASP A 59 -20.84 -9.80 4.70
C ASP A 59 -20.57 -9.22 3.31
N LYS A 60 -21.63 -8.85 2.60
CA LYS A 60 -21.51 -8.28 1.26
C LYS A 60 -20.49 -7.14 1.25
N ALA A 61 -20.41 -6.42 2.37
CA ALA A 61 -19.48 -5.31 2.49
C ALA A 61 -18.05 -5.80 2.72
N LYS A 62 -17.85 -6.51 3.83
CA LYS A 62 -16.54 -7.05 4.17
C LYS A 62 -15.79 -7.49 2.92
N GLN A 63 -16.46 -8.28 2.08
CA GLN A 63 -15.87 -8.78 0.84
C GLN A 63 -15.43 -7.62 -0.04
N SER A 64 -16.31 -6.64 -0.22
CA SER A 64 -16.01 -5.49 -1.06
C SER A 64 -14.69 -4.85 -0.65
N ILE A 65 -14.63 -4.36 0.59
CA ILE A 65 -13.43 -3.73 1.11
C ILE A 65 -12.21 -4.64 0.95
N ARG A 66 -12.39 -5.92 1.27
CA ARG A 66 -11.31 -6.89 1.17
C ARG A 66 -10.72 -6.89 -0.24
N ALA A 67 -11.60 -6.89 -1.24
CA ALA A 67 -11.17 -6.89 -2.64
C ALA A 67 -10.20 -5.74 -2.91
N LYS A 68 -10.45 -4.60 -2.27
CA LYS A 68 -9.60 -3.43 -2.46
C LYS A 68 -8.27 -3.59 -1.71
N CYS A 69 -8.33 -4.24 -0.55
CA CYS A 69 -7.13 -4.47 0.24
C CYS A 69 -6.13 -5.34 -0.51
N THR A 70 -6.62 -6.42 -1.11
CA THR A 70 -5.77 -7.33 -1.85
C THR A 70 -5.17 -6.65 -3.08
N GLU A 71 -5.97 -5.82 -3.74
CA GLU A 71 -5.52 -5.10 -4.93
C GLU A 71 -4.37 -4.15 -4.58
N TYR A 72 -4.65 -3.19 -3.72
CA TYR A 72 -3.64 -2.21 -3.31
C TYR A 72 -2.38 -2.92 -2.80
N LEU A 73 -2.58 -4.01 -2.08
CA LEU A 73 -1.47 -4.78 -1.52
C LEU A 73 -0.57 -5.31 -2.64
N ASP A 74 -1.20 -5.90 -3.66
CA ASP A 74 -0.47 -6.46 -4.78
C ASP A 74 0.35 -5.38 -5.49
N ARG A 75 -0.28 -4.25 -5.77
CA ARG A 75 0.38 -3.14 -6.44
C ARG A 75 1.63 -2.71 -5.67
N ALA A 76 1.42 -2.27 -4.43
CA ALA A 76 2.53 -1.83 -3.59
C ALA A 76 3.71 -2.79 -3.68
N GLU A 77 3.44 -4.07 -3.52
CA GLU A 77 4.48 -5.09 -3.59
C GLU A 77 5.42 -4.83 -4.76
N LYS A 78 4.85 -4.36 -5.87
CA LYS A 78 5.64 -4.07 -7.06
C LYS A 78 6.51 -2.83 -6.85
N LEU A 79 5.90 -1.76 -6.38
CA LEU A 79 6.61 -0.51 -6.13
C LEU A 79 7.88 -0.76 -5.32
N LYS A 80 7.81 -1.72 -4.41
CA LYS A 80 8.95 -2.07 -3.57
C LYS A 80 10.10 -2.62 -4.41
N GLU A 81 9.81 -3.65 -5.19
CA GLU A 81 10.81 -4.26 -6.06
C GLU A 81 11.40 -3.24 -7.02
N TYR A 82 10.65 -2.17 -7.28
CA TYR A 82 11.10 -1.12 -8.18
C TYR A 82 11.98 -0.11 -7.46
N LEU A 83 11.63 0.16 -6.21
CA LEU A 83 12.39 1.13 -5.40
C LEU A 83 13.75 0.56 -5.02
N LYS A 84 13.76 -0.69 -4.58
CA LYS A 84 15.01 -1.36 -4.19
C LYS A 84 15.94 -1.51 -5.40
N ASN A 85 15.38 -1.94 -6.52
CA ASN A 85 16.15 -2.13 -7.74
C ASN A 85 16.85 -0.83 -8.16
N LYS A 86 16.13 0.28 -8.03
CA LYS A 86 16.66 1.59 -8.38
C LYS A 86 17.86 1.95 -7.50
N GLU A 87 17.59 2.23 -6.23
CA GLU A 87 18.64 2.59 -5.29
C GLU A 87 19.72 1.52 -5.26
N LYS A 88 20.88 1.85 -5.84
CA LYS A 88 22.01 0.92 -5.87
C LYS A 88 22.05 0.06 -4.61
N LYS A 89 22.35 -1.22 -4.78
CA LYS A 89 22.43 -2.14 -3.66
C LYS A 89 23.35 -1.60 -2.57
N ALA A 90 23.03 -1.93 -1.32
CA ALA A 90 23.83 -1.47 -0.19
C ALA A 90 24.25 -2.64 0.69
N GLN A 91 25.12 -2.37 1.66
CA GLN A 91 25.59 -3.40 2.57
C GLN A 91 24.48 -3.85 3.52
N LYS A 92 24.41 -5.16 3.76
CA LYS A 92 23.39 -5.72 4.64
C LYS A 92 23.57 -5.21 6.07
N PRO A 93 22.46 -5.13 6.81
CA PRO A 93 22.48 -4.66 8.21
C PRO A 93 23.15 -5.66 9.14
N VAL A 94 23.01 -5.44 10.45
CA VAL A 94 23.60 -6.31 11.45
C VAL A 94 22.73 -7.54 11.68
N LYS A 95 23.30 -8.54 12.35
CA LYS A 95 22.58 -9.77 12.64
C LYS A 95 21.64 -10.14 11.49
N GLU A 96 22.14 -10.05 10.27
CA GLU A 96 21.35 -10.37 9.09
C GLU A 96 22.26 -10.82 7.94
N GLY A 97 21.71 -11.64 7.04
CA GLY A 97 22.47 -12.12 5.92
C GLY A 97 21.75 -13.22 5.15
N GLN A 98 21.89 -14.45 5.63
CA GLN A 98 21.25 -15.60 4.99
C GLN A 98 20.15 -16.17 5.87
N PRO A 99 18.98 -15.49 5.87
CA PRO A 99 17.82 -15.91 6.66
C PRO A 99 17.19 -17.19 6.13
N SER A 100 17.57 -17.57 4.92
CA SER A 100 17.03 -18.78 4.30
C SER A 100 17.90 -19.21 3.11
N PRO A 101 17.88 -20.51 2.81
CA PRO A 101 18.66 -21.09 1.71
C PRO A 101 18.12 -20.67 0.35
N ALA A 102 19.02 -20.27 -0.55
CA ALA A 102 18.64 -19.85 -1.88
C ALA A 102 18.99 -20.92 -2.92
N ASP A 103 18.15 -21.04 -3.95
CA ASP A 103 18.37 -22.02 -5.00
C ASP A 103 19.00 -21.37 -6.23
N GLU A 104 19.98 -22.05 -6.82
CA GLU A 104 20.66 -21.53 -8.00
C GLU A 104 19.99 -22.03 -9.27
N LYS A 105 19.84 -21.12 -10.24
CA LYS A 105 19.22 -21.46 -11.51
C LYS A 105 19.93 -20.78 -12.67
N GLY A 106 20.43 -21.58 -13.61
CA GLY A 106 21.13 -21.04 -14.76
C GLY A 106 20.22 -20.22 -15.66
N ASN A 107 20.42 -18.91 -15.65
CA ASN A 107 19.61 -18.02 -16.48
C ASN A 107 20.18 -17.91 -17.89
N ASP A 108 19.31 -17.67 -18.87
CA ASP A 108 19.73 -17.54 -20.25
C ASP A 108 19.85 -16.07 -20.65
N SER A 109 18.80 -15.30 -20.39
CA SER A 109 18.79 -13.89 -20.72
C SER A 109 19.10 -13.68 -22.21
N ASP A 110 18.47 -14.47 -23.05
CA ASP A 110 18.67 -14.37 -24.49
C ASP A 110 17.50 -13.64 -25.16
N GLY A 111 17.69 -12.34 -25.38
CA GLY A 111 16.65 -11.55 -26.01
C GLY A 111 17.05 -10.10 -26.19
N SER A 112 16.07 -9.24 -26.49
CA SER A 112 16.34 -7.82 -26.70
C SER A 112 17.27 -7.28 -25.61
N GLY A 113 18.33 -6.60 -26.03
CA GLY A 113 19.27 -6.04 -25.08
C GLY A 113 18.64 -4.98 -24.19
N PRO A 114 19.11 -4.91 -22.93
CA PRO A 114 18.59 -3.94 -21.96
C PRO A 114 18.98 -2.51 -22.29
N SER A 115 18.00 -1.61 -22.29
CA SER A 115 18.25 -0.21 -22.59
C SER A 115 17.89 0.69 -21.40
N SER A 116 18.39 1.91 -21.43
CA SER A 116 18.12 2.86 -20.34
C SER A 116 17.99 4.28 -20.89
N GLY A 117 17.26 5.12 -20.16
CA GLY A 117 17.05 6.48 -20.59
C GLY A 117 16.72 7.41 -19.44
N GLY A 1 -25.87 22.43 24.23
CA GLY A 1 -24.56 22.02 24.66
C GLY A 1 -24.56 20.65 25.30
N SER A 2 -24.65 19.61 24.48
CA SER A 2 -24.68 18.23 24.99
C SER A 2 -23.75 17.34 24.17
N SER A 3 -22.77 16.74 24.83
CA SER A 3 -21.82 15.86 24.16
C SER A 3 -22.52 14.63 23.60
N GLY A 4 -22.70 14.62 22.28
CA GLY A 4 -23.36 13.51 21.63
C GLY A 4 -23.38 13.64 20.12
N SER A 5 -24.53 14.03 19.57
CA SER A 5 -24.67 14.18 18.13
C SER A 5 -24.66 12.83 17.44
N SER A 6 -25.36 11.86 18.03
CA SER A 6 -25.43 10.52 17.47
C SER A 6 -26.73 10.32 16.70
N GLY A 7 -26.61 9.99 15.41
CA GLY A 7 -27.79 9.78 14.59
C GLY A 7 -27.48 9.83 13.10
N MET A 8 -26.94 10.95 12.66
CA MET A 8 -26.59 11.13 11.24
C MET A 8 -26.01 9.84 10.67
N SER A 9 -26.77 9.19 9.81
CA SER A 9 -26.33 7.95 9.19
C SER A 9 -25.27 8.20 8.12
N SER A 10 -24.02 7.89 8.44
CA SER A 10 -22.91 8.10 7.52
C SER A 10 -21.84 7.03 7.70
N THR A 11 -20.81 7.09 6.87
CA THR A 11 -19.72 6.13 6.94
C THR A 11 -18.87 6.34 8.18
N SER A 12 -18.03 5.37 8.49
CA SER A 12 -17.16 5.45 9.67
C SER A 12 -15.92 6.29 9.37
N PRO A 13 -15.27 6.79 10.43
CA PRO A 13 -14.07 7.62 10.30
C PRO A 13 -12.86 6.81 9.83
N ASN A 14 -12.73 5.60 10.34
CA ASN A 14 -11.62 4.73 9.97
C ASN A 14 -11.70 4.34 8.49
N LEU A 15 -12.89 3.93 8.06
CA LEU A 15 -13.10 3.54 6.67
C LEU A 15 -12.82 4.71 5.72
N GLN A 16 -13.47 5.83 5.97
CA GLN A 16 -13.29 7.02 5.15
C GLN A 16 -11.81 7.29 4.89
N LYS A 17 -11.02 7.22 5.95
CA LYS A 17 -9.58 7.46 5.84
C LYS A 17 -8.94 6.47 4.87
N ALA A 18 -9.30 5.20 5.00
CA ALA A 18 -8.77 4.16 4.12
C ALA A 18 -8.97 4.52 2.66
N ILE A 19 -10.19 4.97 2.33
CA ILE A 19 -10.52 5.33 0.97
C ILE A 19 -9.58 6.42 0.44
N ASP A 20 -9.60 7.58 1.11
CA ASP A 20 -8.75 8.69 0.70
C ASP A 20 -7.30 8.25 0.55
N LEU A 21 -6.82 7.47 1.53
CA LEU A 21 -5.44 6.97 1.50
C LEU A 21 -5.18 6.19 0.22
N ALA A 22 -5.93 5.12 0.02
CA ALA A 22 -5.78 4.29 -1.17
C ALA A 22 -5.86 5.13 -2.45
N SER A 23 -6.83 6.04 -2.49
CA SER A 23 -7.02 6.90 -3.65
C SER A 23 -5.77 7.76 -3.90
N LYS A 24 -5.26 8.35 -2.83
CA LYS A 24 -4.07 9.19 -2.92
C LYS A 24 -2.89 8.42 -3.50
N ALA A 25 -2.74 7.17 -3.06
CA ALA A 25 -1.66 6.31 -3.53
C ALA A 25 -1.51 6.40 -5.05
N ALA A 26 -2.58 6.03 -5.75
CA ALA A 26 -2.58 6.05 -7.22
C ALA A 26 -2.17 7.42 -7.73
N GLN A 27 -2.91 8.45 -7.34
CA GLN A 27 -2.62 9.82 -7.77
C GLN A 27 -1.11 10.08 -7.78
N GLU A 28 -0.45 9.70 -6.68
CA GLU A 28 0.99 9.90 -6.57
C GLU A 28 1.73 9.15 -7.68
N ASP A 29 1.44 7.86 -7.82
CA ASP A 29 2.09 7.05 -8.84
C ASP A 29 2.03 7.75 -10.20
N LYS A 30 0.83 8.06 -10.65
CA LYS A 30 0.63 8.73 -11.93
C LYS A 30 1.62 9.88 -12.10
N ALA A 31 1.63 10.77 -11.11
CA ALA A 31 2.53 11.92 -11.15
C ALA A 31 3.98 11.49 -11.23
N GLY A 32 4.31 10.39 -10.56
CA GLY A 32 5.66 9.88 -10.55
C GLY A 32 6.20 9.65 -9.16
N ASN A 33 5.30 9.57 -8.18
CA ASN A 33 5.69 9.37 -6.79
C ASN A 33 5.42 7.93 -6.37
N TYR A 34 6.48 7.14 -6.25
CA TYR A 34 6.36 5.74 -5.86
C TYR A 34 6.53 5.58 -4.35
N GLU A 35 7.61 6.18 -3.83
CA GLU A 35 7.89 6.10 -2.40
C GLU A 35 6.66 6.51 -1.57
N GLU A 36 6.01 7.58 -2.00
CA GLU A 36 4.82 8.07 -1.29
C GLU A 36 3.62 7.17 -1.56
N ALA A 37 3.47 6.76 -2.82
CA ALA A 37 2.36 5.89 -3.21
C ALA A 37 2.40 4.57 -2.44
N LEU A 38 3.61 4.10 -2.14
CA LEU A 38 3.80 2.86 -1.41
C LEU A 38 3.21 2.96 0.00
N GLN A 39 3.79 3.83 0.81
CA GLN A 39 3.33 4.03 2.18
C GLN A 39 1.81 4.17 2.23
N LEU A 40 1.27 5.00 1.35
CA LEU A 40 -0.17 5.23 1.28
C LEU A 40 -0.92 3.92 1.01
N TYR A 41 -0.41 3.15 0.05
CA TYR A 41 -1.03 1.88 -0.31
C TYR A 41 -1.14 0.96 0.90
N GLN A 42 -0.09 0.94 1.71
CA GLN A 42 -0.07 0.11 2.91
C GLN A 42 -1.10 0.59 3.93
N HIS A 43 -1.02 1.87 4.27
CA HIS A 43 -1.94 2.46 5.24
C HIS A 43 -3.39 2.15 4.87
N ALA A 44 -3.77 2.50 3.65
CA ALA A 44 -5.12 2.26 3.16
C ALA A 44 -5.64 0.91 3.65
N VAL A 45 -4.87 -0.14 3.41
CA VAL A 45 -5.25 -1.48 3.81
C VAL A 45 -5.35 -1.58 5.33
N GLN A 46 -4.33 -1.08 6.03
CA GLN A 46 -4.31 -1.11 7.48
C GLN A 46 -5.64 -0.63 8.06
N TYR A 47 -6.09 0.53 7.59
CA TYR A 47 -7.35 1.11 8.05
C TYR A 47 -8.54 0.25 7.64
N PHE A 48 -8.52 -0.20 6.38
CA PHE A 48 -9.60 -1.02 5.86
C PHE A 48 -9.86 -2.21 6.77
N LEU A 49 -8.79 -2.90 7.16
CA LEU A 49 -8.91 -4.07 8.03
C LEU A 49 -9.51 -3.68 9.37
N HIS A 50 -8.82 -2.81 10.10
CA HIS A 50 -9.28 -2.36 11.41
C HIS A 50 -10.79 -2.19 11.42
N VAL A 51 -11.36 -1.88 10.25
CA VAL A 51 -12.80 -1.70 10.13
C VAL A 51 -13.52 -3.04 10.11
N VAL A 52 -13.04 -3.96 9.28
CA VAL A 52 -13.64 -5.28 9.17
C VAL A 52 -13.26 -6.16 10.36
N LYS A 53 -12.37 -5.65 11.20
CA LYS A 53 -11.93 -6.38 12.38
C LYS A 53 -13.05 -6.47 13.42
N TYR A 54 -13.36 -5.33 14.04
CA TYR A 54 -14.40 -5.28 15.05
C TYR A 54 -15.43 -4.21 14.71
N GLU A 55 -15.10 -3.37 13.74
CA GLU A 55 -16.00 -2.29 13.33
C GLU A 55 -16.82 -2.72 12.11
N ALA A 56 -16.92 -4.03 11.89
CA ALA A 56 -17.68 -4.57 10.77
C ALA A 56 -18.93 -3.74 10.52
N GLN A 57 -19.45 -3.82 9.29
CA GLN A 57 -20.65 -3.08 8.92
C GLN A 57 -21.66 -4.00 8.24
N GLY A 58 -21.17 -4.87 7.38
CA GLY A 58 -22.05 -5.80 6.66
C GLY A 58 -21.27 -6.81 5.84
N ASP A 59 -21.90 -7.95 5.57
CA ASP A 59 -21.27 -9.00 4.79
C ASP A 59 -20.85 -8.48 3.43
N LYS A 60 -21.77 -7.85 2.72
CA LYS A 60 -21.50 -7.30 1.40
C LYS A 60 -20.41 -6.23 1.47
N ALA A 61 -20.44 -5.43 2.53
CA ALA A 61 -19.45 -4.38 2.73
C ALA A 61 -18.03 -4.94 2.77
N LYS A 62 -17.75 -5.73 3.81
CA LYS A 62 -16.44 -6.33 3.97
C LYS A 62 -15.89 -6.80 2.64
N GLN A 63 -16.55 -7.79 2.04
CA GLN A 63 -16.13 -8.32 0.75
C GLN A 63 -15.55 -7.22 -0.14
N SER A 64 -16.31 -6.15 -0.30
CA SER A 64 -15.88 -5.02 -1.13
C SER A 64 -14.53 -4.49 -0.66
N ILE A 65 -14.42 -4.23 0.63
CA ILE A 65 -13.18 -3.72 1.21
C ILE A 65 -12.04 -4.71 1.00
N ARG A 66 -12.25 -5.95 1.43
CA ARG A 66 -11.23 -6.99 1.30
C ARG A 66 -10.65 -7.01 -0.10
N ALA A 67 -11.51 -7.15 -1.09
CA ALA A 67 -11.08 -7.18 -2.49
C ALA A 67 -10.07 -6.08 -2.77
N LYS A 68 -10.34 -4.89 -2.24
CA LYS A 68 -9.45 -3.75 -2.44
C LYS A 68 -8.11 -3.97 -1.73
N CYS A 69 -8.17 -4.42 -0.48
CA CYS A 69 -6.98 -4.67 0.30
C CYS A 69 -5.97 -5.50 -0.50
N THR A 70 -6.46 -6.54 -1.17
CA THR A 70 -5.60 -7.41 -1.96
C THR A 70 -5.07 -6.68 -3.18
N GLU A 71 -5.95 -5.93 -3.85
CA GLU A 71 -5.56 -5.18 -5.05
C GLU A 71 -4.45 -4.18 -4.72
N TYR A 72 -4.72 -3.29 -3.78
CA TYR A 72 -3.76 -2.28 -3.38
C TYR A 72 -2.48 -2.92 -2.86
N LEU A 73 -2.64 -4.03 -2.14
CA LEU A 73 -1.50 -4.74 -1.57
C LEU A 73 -0.55 -5.20 -2.67
N ASP A 74 -1.11 -5.87 -3.68
CA ASP A 74 -0.31 -6.37 -4.79
C ASP A 74 0.39 -5.22 -5.51
N ARG A 75 -0.30 -4.09 -5.61
CA ARG A 75 0.25 -2.91 -6.28
C ARG A 75 1.51 -2.43 -5.58
N ALA A 76 1.42 -2.26 -4.26
CA ALA A 76 2.54 -1.79 -3.47
C ALA A 76 3.75 -2.71 -3.64
N GLU A 77 3.51 -4.01 -3.56
CA GLU A 77 4.58 -4.99 -3.70
C GLU A 77 5.52 -4.62 -4.85
N LYS A 78 4.93 -4.14 -5.95
CA LYS A 78 5.71 -3.74 -7.11
C LYS A 78 6.55 -2.50 -6.81
N LEU A 79 5.88 -1.44 -6.37
CA LEU A 79 6.57 -0.19 -6.04
C LEU A 79 7.84 -0.45 -5.24
N LYS A 80 7.78 -1.48 -4.39
CA LYS A 80 8.93 -1.85 -3.56
C LYS A 80 10.12 -2.27 -4.43
N GLU A 81 9.94 -3.35 -5.18
CA GLU A 81 10.99 -3.86 -6.05
C GLU A 81 11.57 -2.74 -6.90
N TYR A 82 10.71 -1.84 -7.36
CA TYR A 82 11.13 -0.73 -8.20
C TYR A 82 11.99 0.25 -7.41
N LEU A 83 11.58 0.53 -6.18
CA LEU A 83 12.31 1.44 -5.31
C LEU A 83 13.70 0.90 -5.00
N LYS A 84 13.76 -0.35 -4.56
CA LYS A 84 15.04 -0.99 -4.24
C LYS A 84 15.90 -1.14 -5.48
N ASN A 85 15.30 -1.60 -6.57
CA ASN A 85 16.02 -1.79 -7.82
C ASN A 85 16.55 -0.46 -8.35
N LYS A 86 15.84 0.61 -8.06
CA LYS A 86 16.24 1.94 -8.49
C LYS A 86 17.24 2.57 -7.51
N GLU A 87 16.73 2.92 -6.33
CA GLU A 87 17.58 3.53 -5.30
C GLU A 87 18.96 2.89 -5.29
N LYS A 88 19.95 3.62 -5.78
CA LYS A 88 21.33 3.13 -5.83
C LYS A 88 22.11 3.60 -4.61
N LYS A 89 22.00 2.85 -3.51
CA LYS A 89 22.69 3.18 -2.28
C LYS A 89 22.49 2.11 -1.23
N ALA A 90 23.41 2.03 -0.27
CA ALA A 90 23.34 1.05 0.80
C ALA A 90 23.04 -0.35 0.24
N GLN A 91 23.79 -0.73 -0.79
CA GLN A 91 23.61 -2.03 -1.41
C GLN A 91 24.65 -3.04 -0.89
N LYS A 92 24.38 -3.58 0.30
CA LYS A 92 25.28 -4.55 0.91
C LYS A 92 24.86 -5.97 0.58
N PRO A 93 25.84 -6.85 0.30
CA PRO A 93 25.59 -8.24 -0.03
C PRO A 93 25.09 -9.05 1.16
N VAL A 94 24.52 -10.22 0.88
CA VAL A 94 24.00 -11.08 1.94
C VAL A 94 24.92 -11.07 3.16
N LYS A 95 24.36 -10.70 4.31
CA LYS A 95 25.13 -10.65 5.55
C LYS A 95 25.31 -12.06 6.14
N GLU A 96 26.03 -12.13 7.25
CA GLU A 96 26.27 -13.41 7.90
C GLU A 96 24.98 -14.17 8.11
N GLY A 97 25.08 -15.38 8.68
CA GLY A 97 23.90 -16.19 8.91
C GLY A 97 22.98 -15.58 9.94
N GLN A 98 21.77 -15.22 9.51
CA GLN A 98 20.78 -14.62 10.41
C GLN A 98 20.34 -15.61 11.47
N PRO A 99 20.09 -15.09 12.69
CA PRO A 99 19.65 -15.92 13.82
C PRO A 99 18.23 -16.44 13.65
N SER A 100 17.77 -17.21 14.62
CA SER A 100 16.43 -17.79 14.58
C SER A 100 15.87 -17.98 15.98
N PRO A 101 14.54 -17.89 16.10
CA PRO A 101 13.85 -18.05 17.39
C PRO A 101 13.90 -19.48 17.89
N ALA A 102 13.20 -19.74 19.00
CA ALA A 102 13.17 -21.07 19.59
C ALA A 102 11.75 -21.62 19.64
N ASP A 103 11.62 -22.94 19.76
CA ASP A 103 10.31 -23.57 19.82
C ASP A 103 9.54 -23.13 21.06
N GLU A 104 8.22 -23.30 21.03
CA GLU A 104 7.38 -22.92 22.14
C GLU A 104 6.62 -24.12 22.71
N LYS A 105 6.99 -24.54 23.91
CA LYS A 105 6.35 -25.68 24.56
C LYS A 105 5.21 -25.22 25.46
N GLY A 106 4.08 -25.92 25.39
CA GLY A 106 2.94 -25.57 26.21
C GLY A 106 2.04 -26.75 26.50
N ASN A 107 2.02 -27.19 27.75
CA ASN A 107 1.20 -28.32 28.15
C ASN A 107 -0.19 -27.87 28.59
N ASP A 108 -1.21 -28.45 27.97
CA ASP A 108 -2.60 -28.11 28.29
C ASP A 108 -2.80 -28.04 29.81
N SER A 109 -2.46 -29.12 30.50
CA SER A 109 -2.61 -29.19 31.94
C SER A 109 -3.93 -28.56 32.38
N ASP A 110 -4.99 -28.86 31.65
CA ASP A 110 -6.31 -28.33 31.96
C ASP A 110 -7.39 -29.39 31.79
N GLY A 111 -8.36 -29.41 32.71
CA GLY A 111 -9.43 -30.39 32.65
C GLY A 111 -10.64 -29.96 33.43
N SER A 112 -11.68 -30.80 33.43
CA SER A 112 -12.91 -30.49 34.15
C SER A 112 -13.45 -31.74 34.84
N GLY A 113 -14.53 -31.57 35.60
CA GLY A 113 -15.13 -32.69 36.31
C GLY A 113 -16.62 -32.51 36.52
N PRO A 114 -17.40 -32.80 35.47
CA PRO A 114 -18.86 -32.67 35.52
C PRO A 114 -19.50 -33.74 36.40
N SER A 115 -20.52 -33.33 37.15
CA SER A 115 -21.22 -34.25 38.05
C SER A 115 -22.73 -34.07 37.94
N SER A 116 -23.48 -34.89 38.68
CA SER A 116 -24.93 -34.81 38.66
C SER A 116 -25.47 -34.44 40.04
N GLY A 117 -26.66 -33.85 40.07
CA GLY A 117 -27.26 -33.44 41.33
C GLY A 117 -28.59 -34.13 41.57
N GLY A 1 -27.39 -0.05 -4.90
CA GLY A 1 -27.15 -0.42 -6.28
C GLY A 1 -25.89 0.22 -6.83
N SER A 2 -25.03 -0.60 -7.44
CA SER A 2 -23.78 -0.09 -8.00
C SER A 2 -24.04 0.99 -9.03
N SER A 3 -24.91 0.68 -10.00
CA SER A 3 -25.25 1.63 -11.05
C SER A 3 -25.53 3.01 -10.46
N GLY A 4 -24.92 4.03 -11.06
CA GLY A 4 -25.11 5.38 -10.58
C GLY A 4 -24.55 5.60 -9.19
N SER A 5 -25.28 6.37 -8.39
CA SER A 5 -24.85 6.66 -7.02
C SER A 5 -25.81 6.04 -6.01
N SER A 6 -25.28 5.20 -5.13
CA SER A 6 -26.09 4.55 -4.11
C SER A 6 -26.36 5.49 -2.94
N GLY A 7 -25.67 6.62 -2.92
CA GLY A 7 -25.84 7.58 -1.85
C GLY A 7 -24.91 7.34 -0.69
N MET A 8 -24.76 8.34 0.17
CA MET A 8 -23.89 8.23 1.33
C MET A 8 -24.36 9.15 2.46
N SER A 9 -24.83 8.54 3.55
CA SER A 9 -25.31 9.31 4.70
C SER A 9 -24.17 9.65 5.63
N SER A 10 -23.50 8.64 6.16
CA SER A 10 -22.39 8.84 7.07
C SER A 10 -21.52 7.58 7.16
N THR A 11 -20.20 7.79 7.25
CA THR A 11 -19.27 6.67 7.33
C THR A 11 -18.21 6.92 8.41
N SER A 12 -17.84 5.86 9.13
CA SER A 12 -16.85 5.97 10.19
C SER A 12 -15.61 6.71 9.71
N PRO A 13 -14.90 7.35 10.65
CA PRO A 13 -13.69 8.10 10.34
C PRO A 13 -12.53 7.19 9.95
N ASN A 14 -12.59 5.94 10.38
CA ASN A 14 -11.54 4.97 10.07
C ASN A 14 -11.65 4.51 8.62
N LEU A 15 -12.86 4.19 8.19
CA LEU A 15 -13.10 3.73 6.83
C LEU A 15 -12.86 4.85 5.82
N GLN A 16 -13.41 6.02 6.11
CA GLN A 16 -13.26 7.18 5.24
C GLN A 16 -11.79 7.44 4.93
N LYS A 17 -10.95 7.33 5.95
CA LYS A 17 -9.52 7.55 5.79
C LYS A 17 -8.92 6.55 4.81
N ALA A 18 -9.24 5.26 5.02
CA ALA A 18 -8.74 4.21 4.14
C ALA A 18 -9.00 4.54 2.68
N ILE A 19 -10.19 5.05 2.39
CA ILE A 19 -10.57 5.39 1.03
C ILE A 19 -9.67 6.50 0.49
N ASP A 20 -9.68 7.65 1.14
CA ASP A 20 -8.87 8.79 0.73
C ASP A 20 -7.41 8.37 0.53
N LEU A 21 -6.86 7.67 1.51
CA LEU A 21 -5.48 7.20 1.43
C LEU A 21 -5.25 6.39 0.17
N ALA A 22 -5.98 5.30 0.03
CA ALA A 22 -5.85 4.43 -1.14
C ALA A 22 -5.90 5.25 -2.43
N SER A 23 -6.79 6.23 -2.47
CA SER A 23 -6.95 7.08 -3.65
C SER A 23 -5.68 7.90 -3.89
N LYS A 24 -5.18 8.53 -2.84
CA LYS A 24 -3.99 9.35 -2.94
C LYS A 24 -2.82 8.55 -3.53
N ALA A 25 -2.66 7.33 -3.03
CA ALA A 25 -1.59 6.45 -3.51
C ALA A 25 -1.46 6.52 -5.02
N ALA A 26 -2.52 6.11 -5.71
CA ALA A 26 -2.54 6.12 -7.18
C ALA A 26 -2.09 7.47 -7.72
N GLN A 27 -2.79 8.52 -7.32
CA GLN A 27 -2.46 9.88 -7.77
C GLN A 27 -0.95 10.08 -7.78
N GLU A 28 -0.28 9.64 -6.73
CA GLU A 28 1.17 9.78 -6.62
C GLU A 28 1.88 9.00 -7.72
N ASP A 29 1.58 7.70 -7.79
CA ASP A 29 2.19 6.84 -8.80
C ASP A 29 2.21 7.52 -10.17
N LYS A 30 1.04 7.90 -10.65
CA LYS A 30 0.93 8.57 -11.94
C LYS A 30 1.82 9.81 -12.00
N ALA A 31 1.74 10.63 -10.96
CA ALA A 31 2.54 11.85 -10.89
C ALA A 31 4.03 11.52 -10.95
N GLY A 32 4.40 10.37 -10.41
CA GLY A 32 5.80 9.96 -10.42
C GLY A 32 6.33 9.73 -9.02
N ASN A 33 5.44 9.57 -8.06
CA ASN A 33 5.83 9.35 -6.68
C ASN A 33 5.52 7.91 -6.26
N TYR A 34 6.57 7.10 -6.13
CA TYR A 34 6.43 5.70 -5.74
C TYR A 34 6.62 5.54 -4.23
N GLU A 35 7.65 6.21 -3.70
CA GLU A 35 7.95 6.13 -2.28
C GLU A 35 6.73 6.55 -1.45
N GLU A 36 6.02 7.57 -1.93
CA GLU A 36 4.85 8.07 -1.22
C GLU A 36 3.64 7.18 -1.49
N ALA A 37 3.49 6.74 -2.74
CA ALA A 37 2.37 5.88 -3.11
C ALA A 37 2.39 4.58 -2.32
N LEU A 38 3.57 3.96 -2.23
CA LEU A 38 3.72 2.71 -1.51
C LEU A 38 3.16 2.83 -0.09
N GLN A 39 3.72 3.74 0.69
CA GLN A 39 3.27 3.95 2.06
C GLN A 39 1.75 4.12 2.12
N LEU A 40 1.24 5.04 1.32
CA LEU A 40 -0.20 5.30 1.27
C LEU A 40 -0.98 4.02 0.98
N TYR A 41 -0.47 3.23 0.04
CA TYR A 41 -1.12 1.98 -0.33
C TYR A 41 -1.23 1.05 0.87
N GLN A 42 -0.13 0.92 1.61
CA GLN A 42 -0.10 0.06 2.79
C GLN A 42 -1.12 0.51 3.82
N HIS A 43 -1.04 1.79 4.19
CA HIS A 43 -1.96 2.36 5.17
C HIS A 43 -3.41 2.05 4.81
N ALA A 44 -3.80 2.43 3.60
CA ALA A 44 -5.16 2.21 3.14
C ALA A 44 -5.68 0.85 3.60
N VAL A 45 -4.87 -0.18 3.41
CA VAL A 45 -5.24 -1.54 3.82
C VAL A 45 -5.36 -1.64 5.33
N GLN A 46 -4.33 -1.18 6.04
CA GLN A 46 -4.32 -1.23 7.49
C GLN A 46 -5.63 -0.69 8.06
N TYR A 47 -6.04 0.49 7.62
CA TYR A 47 -7.26 1.11 8.09
C TYR A 47 -8.48 0.28 7.67
N PHE A 48 -8.52 -0.09 6.40
CA PHE A 48 -9.62 -0.88 5.87
C PHE A 48 -9.88 -2.10 6.74
N LEU A 49 -8.83 -2.88 6.99
CA LEU A 49 -8.95 -4.09 7.82
C LEU A 49 -9.54 -3.75 9.19
N HIS A 50 -8.85 -2.88 9.92
CA HIS A 50 -9.30 -2.48 11.24
C HIS A 50 -10.82 -2.32 11.28
N VAL A 51 -11.37 -1.79 10.19
CA VAL A 51 -12.81 -1.58 10.10
C VAL A 51 -13.55 -2.91 10.03
N VAL A 52 -13.18 -3.75 9.07
CA VAL A 52 -13.81 -5.05 8.90
C VAL A 52 -13.58 -5.93 10.12
N LYS A 53 -12.73 -5.47 11.03
CA LYS A 53 -12.42 -6.22 12.24
C LYS A 53 -13.33 -5.80 13.38
N TYR A 54 -13.28 -4.52 13.74
CA TYR A 54 -14.11 -4.00 14.83
C TYR A 54 -15.33 -3.27 14.27
N GLU A 55 -15.08 -2.28 13.42
CA GLU A 55 -16.17 -1.51 12.83
C GLU A 55 -16.75 -2.23 11.62
N ALA A 56 -16.87 -3.54 11.73
CA ALA A 56 -17.42 -4.34 10.64
C ALA A 56 -18.89 -4.03 10.41
N GLN A 57 -19.41 -4.44 9.25
CA GLN A 57 -20.80 -4.19 8.90
C GLN A 57 -21.49 -5.48 8.48
N GLY A 58 -21.08 -6.02 7.34
CA GLY A 58 -21.67 -7.25 6.83
C GLY A 58 -20.87 -7.88 5.72
N ASP A 59 -21.27 -9.06 5.29
CA ASP A 59 -20.57 -9.77 4.22
C ASP A 59 -20.27 -8.83 3.06
N LYS A 60 -21.32 -8.26 2.48
CA LYS A 60 -21.17 -7.34 1.35
C LYS A 60 -20.01 -6.38 1.59
N ALA A 61 -20.11 -5.60 2.67
CA ALA A 61 -19.07 -4.64 3.00
C ALA A 61 -17.72 -5.32 3.16
N LYS A 62 -17.73 -6.52 3.73
CA LYS A 62 -16.51 -7.29 3.94
C LYS A 62 -15.85 -7.64 2.61
N GLN A 63 -16.54 -8.45 1.81
CA GLN A 63 -16.02 -8.87 0.52
C GLN A 63 -15.63 -7.65 -0.33
N SER A 64 -16.27 -6.52 -0.05
CA SER A 64 -15.99 -5.29 -0.78
C SER A 64 -14.65 -4.69 -0.35
N ILE A 65 -14.57 -4.35 0.94
CA ILE A 65 -13.35 -3.76 1.49
C ILE A 65 -12.15 -4.68 1.26
N ARG A 66 -12.34 -5.97 1.51
CA ARG A 66 -11.27 -6.95 1.35
C ARG A 66 -10.71 -6.91 -0.07
N ALA A 67 -11.60 -7.02 -1.06
CA ALA A 67 -11.20 -6.99 -2.46
C ALA A 67 -10.21 -5.86 -2.72
N LYS A 68 -10.49 -4.68 -2.18
CA LYS A 68 -9.63 -3.53 -2.35
C LYS A 68 -8.28 -3.75 -1.68
N CYS A 69 -8.31 -4.30 -0.47
CA CYS A 69 -7.09 -4.57 0.29
C CYS A 69 -6.10 -5.37 -0.56
N THR A 70 -6.61 -6.42 -1.21
CA THR A 70 -5.76 -7.27 -2.05
C THR A 70 -5.24 -6.51 -3.25
N GLU A 71 -6.12 -5.76 -3.91
CA GLU A 71 -5.73 -4.98 -5.08
C GLU A 71 -4.62 -3.99 -4.74
N TYR A 72 -4.88 -3.14 -3.75
CA TYR A 72 -3.91 -2.14 -3.32
C TYR A 72 -2.63 -2.80 -2.84
N LEU A 73 -2.77 -3.94 -2.16
CA LEU A 73 -1.63 -4.68 -1.65
C LEU A 73 -0.71 -5.13 -2.78
N ASP A 74 -1.26 -5.90 -3.71
CA ASP A 74 -0.49 -6.39 -4.85
C ASP A 74 0.26 -5.26 -5.54
N ARG A 75 -0.41 -4.11 -5.65
CA ARG A 75 0.19 -2.95 -6.30
C ARG A 75 1.40 -2.46 -5.51
N ALA A 76 1.20 -2.18 -4.22
CA ALA A 76 2.28 -1.71 -3.37
C ALA A 76 3.49 -2.63 -3.45
N GLU A 77 3.25 -3.94 -3.42
CA GLU A 77 4.32 -4.92 -3.49
C GLU A 77 5.34 -4.55 -4.57
N LYS A 78 4.83 -4.29 -5.77
CA LYS A 78 5.69 -3.93 -6.89
C LYS A 78 6.48 -2.66 -6.57
N LEU A 79 5.77 -1.60 -6.24
CA LEU A 79 6.40 -0.32 -5.91
C LEU A 79 7.73 -0.55 -5.19
N LYS A 80 7.77 -1.55 -4.32
CA LYS A 80 8.98 -1.87 -3.57
C LYS A 80 10.09 -2.34 -4.51
N GLU A 81 9.85 -3.46 -5.17
CA GLU A 81 10.83 -4.02 -6.09
C GLU A 81 11.34 -2.95 -7.06
N TYR A 82 10.57 -1.88 -7.20
CA TYR A 82 10.94 -0.79 -8.09
C TYR A 82 11.76 0.26 -7.36
N LEU A 83 11.50 0.41 -6.06
CA LEU A 83 12.22 1.38 -5.24
C LEU A 83 13.62 0.89 -4.93
N LYS A 84 13.79 -0.43 -4.91
CA LYS A 84 15.09 -1.02 -4.63
C LYS A 84 16.00 -0.99 -5.85
N ASN A 85 15.53 -1.60 -6.94
CA ASN A 85 16.29 -1.64 -8.19
C ASN A 85 16.89 -0.27 -8.50
N LYS A 86 16.17 0.78 -8.13
CA LYS A 86 16.62 2.15 -8.36
C LYS A 86 17.87 2.46 -7.55
N GLU A 87 17.70 2.58 -6.24
CA GLU A 87 18.82 2.87 -5.35
C GLU A 87 19.60 1.59 -5.02
N LYS A 88 19.76 0.74 -6.01
CA LYS A 88 20.48 -0.52 -5.82
C LYS A 88 21.94 -0.37 -6.24
N LYS A 89 22.85 -0.82 -5.37
CA LYS A 89 24.28 -0.74 -5.66
C LYS A 89 24.78 -2.01 -6.35
N ALA A 90 24.82 -1.97 -7.67
CA ALA A 90 25.27 -3.12 -8.45
C ALA A 90 26.42 -2.73 -9.37
N GLN A 91 26.14 -1.84 -10.32
CA GLN A 91 27.16 -1.38 -11.27
C GLN A 91 27.29 0.13 -11.23
N LYS A 92 28.32 0.64 -11.90
CA LYS A 92 28.57 2.08 -11.96
C LYS A 92 27.37 2.81 -12.55
N PRO A 93 27.11 4.03 -12.04
CA PRO A 93 26.00 4.86 -12.51
C PRO A 93 26.23 5.39 -13.92
N VAL A 94 25.14 5.55 -14.68
CA VAL A 94 25.22 6.05 -16.04
C VAL A 94 24.41 7.33 -16.20
N LYS A 95 25.03 8.46 -15.87
CA LYS A 95 24.36 9.76 -15.98
C LYS A 95 25.38 10.89 -15.91
N GLU A 96 24.93 12.10 -16.23
CA GLU A 96 25.81 13.27 -16.21
C GLU A 96 25.39 14.23 -15.09
N GLY A 97 26.32 14.49 -14.17
CA GLY A 97 26.03 15.39 -13.06
C GLY A 97 27.02 15.23 -11.93
N GLN A 98 26.55 15.46 -10.70
CA GLN A 98 27.40 15.35 -9.52
C GLN A 98 26.57 15.04 -8.28
N PRO A 99 27.13 14.22 -7.39
CA PRO A 99 26.46 13.84 -6.14
C PRO A 99 26.34 15.00 -5.16
N SER A 100 25.82 14.71 -3.96
CA SER A 100 25.65 15.73 -2.94
C SER A 100 25.30 15.09 -1.59
N PRO A 101 25.75 15.73 -0.51
CA PRO A 101 25.49 15.26 0.85
C PRO A 101 24.02 15.40 1.25
N ALA A 102 23.55 14.47 2.09
CA ALA A 102 22.17 14.50 2.54
C ALA A 102 22.07 15.08 3.95
N ASP A 103 21.10 15.97 4.15
CA ASP A 103 20.91 16.60 5.44
C ASP A 103 21.18 15.61 6.58
N GLU A 104 21.79 16.09 7.65
CA GLU A 104 22.11 15.25 8.80
C GLU A 104 21.93 16.01 10.10
N LYS A 105 21.12 15.46 11.00
CA LYS A 105 20.86 16.08 12.29
C LYS A 105 21.23 15.15 13.43
N GLY A 106 21.81 15.72 14.49
CA GLY A 106 22.21 14.93 15.64
C GLY A 106 22.94 15.75 16.69
N ASN A 107 23.31 15.10 17.78
CA ASN A 107 24.02 15.77 18.87
C ASN A 107 24.71 14.76 19.78
N ASP A 108 25.65 15.25 20.58
CA ASP A 108 26.40 14.39 21.49
C ASP A 108 25.97 14.64 22.93
N SER A 109 26.03 15.90 23.35
CA SER A 109 25.66 16.27 24.72
C SER A 109 26.36 15.38 25.73
N ASP A 110 27.65 15.14 25.50
CA ASP A 110 28.45 14.30 26.39
C ASP A 110 29.94 14.52 26.17
N GLY A 111 30.73 14.31 27.21
CA GLY A 111 32.17 14.50 27.10
C GLY A 111 32.93 13.87 28.26
N SER A 112 33.51 12.69 28.01
CA SER A 112 34.25 11.98 29.03
C SER A 112 35.01 12.96 29.93
N GLY A 113 35.20 12.58 31.19
CA GLY A 113 35.92 13.43 32.12
C GLY A 113 36.69 12.64 33.16
N PRO A 114 37.01 13.29 34.29
CA PRO A 114 37.76 12.66 35.38
C PRO A 114 36.94 11.60 36.11
N SER A 115 37.59 10.52 36.51
CA SER A 115 36.92 9.43 37.22
C SER A 115 36.28 9.94 38.51
N SER A 116 35.53 9.07 39.17
CA SER A 116 34.85 9.43 40.41
C SER A 116 35.67 8.99 41.62
N GLY A 117 36.30 9.96 42.28
CA GLY A 117 37.11 9.65 43.45
C GLY A 117 36.84 10.60 44.61
#